data_4KQA
#
_entry.id   4KQA
#
_cell.length_a   78.786
_cell.length_b   157.306
_cell.length_c   168.761
_cell.angle_alpha   90.00
_cell.angle_beta   90.00
_cell.angle_gamma   90.00
#
_symmetry.space_group_name_H-M   'P 21 21 21'
#
loop_
_entity.id
_entity.type
_entity.pdbx_description
1 polymer 'Protein H03A11.1'
2 branched beta-D-mannopyranose-(1-4)-2-acetamido-2-deoxy-beta-D-glucopyranose-(1-4)-2-acetamido-2-deoxy-beta-D-glucopyranose
3 branched 2-acetamido-2-deoxy-beta-D-glucopyranose-(1-4)-2-acetamido-2-deoxy-beta-D-glucopyranose
4 non-polymer 'NICKEL (II) ION'
5 water water
#
_entity_poly.entity_id   1
_entity_poly.type   'polypeptide(L)'
_entity_poly.pdbx_seq_one_letter_code
;SLPHQPIPPSLGEKDLSDPFNFLFSSNKITLRKLYDLTKNVDFDQLRQNECKKNITLSKFWEKSEQRNVPEDDNWERFYS
NIGSCSVYSDDQ(MSE)IDNLLHDLNTSPIKHVHI(MSE)DGGTQVKFVFTFKNDKQAVFKP(MSE)RFGRDYESDPNHF
YFSDFERHHAEIATFHLDRVLGFRRAIPTVGRVLN(MSE)TTELFEKAEKKLKKTFFFSPAKNFCFVSRCDYYCDTTHAI
CGLPD(MSE)KEGSVQVFLPDESAVPRKHNRSPYRRTYSKKNQVAEWQSS(MSE)NYCTDKVKTKRQYAHGRRLLDLVDI
HILDYLIGNQDRHHFESFNVFNDLPSYAIHLDHGRAFGRSDFDDDDIILPLRQCCILRPSTFQTL(MSE)NFYSTPKSLT
KALHESLSKDPAHPILAYKHYPA(MSE)ERRLAKI(MSE)SHILECFESRGVAEVLVAEYNNPDVSDAEQNDEEQSEEHQ
DKKDDKKTV
;
_entity_poly.pdbx_strand_id   A,B,C,D
#
loop_
_chem_comp.id
_chem_comp.type
_chem_comp.name
_chem_comp.formula
BMA D-saccharide, beta linking beta-D-mannopyranose 'C6 H12 O6'
NAG D-saccharide, beta linking 2-acetamido-2-deoxy-beta-D-glucopyranose 'C8 H15 N O6'
NI non-polymer 'NICKEL (II) ION' 'Ni 2'
#
# COMPACT_ATOMS: atom_id res chain seq x y z
N PRO A 3 3.68 -20.80 -26.70
CA PRO A 3 3.69 -19.39 -26.29
C PRO A 3 4.75 -18.58 -27.01
N HIS A 4 4.41 -17.36 -27.41
CA HIS A 4 5.35 -16.48 -28.08
C HIS A 4 6.38 -15.98 -27.08
N GLN A 5 5.91 -15.71 -25.86
CA GLN A 5 6.78 -15.43 -24.73
C GLN A 5 6.85 -16.65 -23.82
N PRO A 6 7.87 -17.49 -23.99
CA PRO A 6 7.98 -18.77 -23.28
C PRO A 6 8.49 -18.62 -21.84
N ILE A 7 8.45 -19.73 -21.10
CA ILE A 7 9.02 -19.79 -19.76
C ILE A 7 10.54 -19.63 -19.82
N PRO A 8 11.15 -19.26 -18.69
CA PRO A 8 12.62 -19.33 -18.64
C PRO A 8 13.11 -20.75 -18.93
N PRO A 9 14.04 -20.91 -19.89
CA PRO A 9 14.54 -22.22 -20.31
C PRO A 9 15.07 -23.06 -19.14
N SER A 10 15.60 -22.39 -18.12
CA SER A 10 16.08 -23.06 -16.93
C SER A 10 14.94 -23.78 -16.19
N LEU A 11 13.73 -23.28 -16.35
CA LEU A 11 12.56 -23.87 -15.71
C LEU A 11 11.90 -24.91 -16.61
N GLY A 12 12.52 -25.18 -17.76
CA GLY A 12 11.98 -26.16 -18.69
C GLY A 12 12.80 -27.43 -18.68
N GLU A 13 12.49 -28.33 -19.61
CA GLU A 13 13.23 -29.58 -19.75
C GLU A 13 14.68 -29.34 -20.13
N LYS A 14 15.60 -29.91 -19.35
CA LYS A 14 17.03 -29.74 -19.61
C LYS A 14 17.47 -30.40 -20.90
N ASP A 15 18.13 -29.59 -21.74
CA ASP A 15 18.64 -30.04 -23.02
C ASP A 15 19.85 -30.94 -22.79
N LEU A 16 19.75 -32.18 -23.24
CA LEU A 16 20.80 -33.17 -23.01
C LEU A 16 21.74 -33.25 -24.21
N SER A 17 21.45 -32.46 -25.23
CA SER A 17 22.23 -32.47 -26.46
C SER A 17 23.63 -31.92 -26.25
N ASP A 18 24.56 -32.37 -27.08
CA ASP A 18 25.94 -31.89 -27.06
C ASP A 18 26.00 -30.56 -27.81
N PRO A 19 26.35 -29.47 -27.10
CA PRO A 19 26.42 -28.14 -27.71
C PRO A 19 27.52 -28.00 -28.76
N PHE A 20 28.37 -29.01 -28.88
CA PHE A 20 29.50 -28.95 -29.79
C PHE A 20 29.57 -30.15 -30.72
N ASN A 21 28.40 -30.70 -31.05
CA ASN A 21 28.31 -31.81 -32.00
C ASN A 21 28.26 -31.31 -33.45
N PHE A 22 29.05 -30.27 -33.74
CA PHE A 22 29.14 -29.75 -35.10
C PHE A 22 30.56 -29.87 -35.66
N LEU A 23 30.65 -29.98 -36.98
CA LEU A 23 31.94 -30.08 -37.67
C LEU A 23 32.46 -28.69 -38.06
N PHE A 24 33.72 -28.43 -37.80
CA PHE A 24 34.33 -27.16 -38.17
C PHE A 24 35.68 -27.34 -38.87
N SER A 25 36.74 -27.54 -38.08
CA SER A 25 38.10 -27.75 -38.58
C SER A 25 38.71 -26.42 -38.99
N SER A 26 40.04 -26.31 -38.93
CA SER A 26 40.70 -25.05 -39.22
C SER A 26 41.57 -25.08 -40.47
N ASN A 27 41.51 -23.99 -41.23
CA ASN A 27 42.33 -23.84 -42.43
C ASN A 27 43.80 -23.77 -42.04
N LYS A 28 44.60 -24.72 -42.51
CA LYS A 28 45.98 -24.81 -42.07
C LYS A 28 46.88 -23.96 -42.96
N ILE A 29 46.37 -23.56 -44.12
CA ILE A 29 47.13 -22.69 -45.02
C ILE A 29 47.18 -21.30 -44.41
N THR A 30 46.01 -20.79 -44.06
CA THR A 30 45.89 -19.49 -43.39
C THR A 30 46.65 -19.49 -42.07
N LEU A 31 46.47 -20.56 -41.29
CA LEU A 31 47.11 -20.70 -39.99
C LEU A 31 48.63 -20.60 -40.12
N ARG A 32 49.17 -21.30 -41.11
CA ARG A 32 50.61 -21.33 -41.36
C ARG A 32 51.15 -19.99 -41.84
N LYS A 33 50.37 -19.28 -42.68
CA LYS A 33 50.77 -17.95 -43.13
C LYS A 33 50.85 -16.95 -41.98
N LEU A 34 49.93 -17.06 -41.02
CA LEU A 34 49.96 -16.21 -39.83
C LEU A 34 51.15 -16.57 -38.94
N TYR A 35 51.44 -17.86 -38.81
CA TYR A 35 52.57 -18.30 -38.01
C TYR A 35 53.88 -17.75 -38.58
N ASP A 36 54.08 -17.92 -39.88
CA ASP A 36 55.29 -17.49 -40.55
C ASP A 36 55.53 -15.98 -40.46
N LEU A 37 54.47 -15.20 -40.60
CA LEU A 37 54.56 -13.74 -40.61
C LEU A 37 54.77 -13.14 -39.23
N THR A 38 54.72 -13.98 -38.19
CA THR A 38 54.76 -13.50 -36.81
C THR A 38 55.75 -14.26 -35.94
N LYS A 39 56.46 -15.21 -36.53
CA LYS A 39 57.38 -16.06 -35.77
C LYS A 39 58.52 -15.28 -35.11
N ASN A 40 58.75 -14.05 -35.56
CA ASN A 40 59.83 -13.23 -35.02
C ASN A 40 59.31 -12.09 -34.16
N VAL A 41 58.00 -12.06 -33.91
CA VAL A 41 57.43 -11.01 -33.08
C VAL A 41 57.51 -11.34 -31.59
N ASP A 42 58.12 -10.44 -30.83
CA ASP A 42 58.21 -10.59 -29.39
C ASP A 42 56.96 -9.98 -28.77
N PHE A 43 55.91 -10.78 -28.64
CA PHE A 43 54.63 -10.27 -28.15
C PHE A 43 54.71 -9.80 -26.71
N ASP A 44 55.53 -10.49 -25.91
CA ASP A 44 55.68 -10.14 -24.49
C ASP A 44 56.12 -8.70 -24.28
N GLN A 45 57.12 -8.26 -25.05
CA GLN A 45 57.60 -6.89 -24.95
C GLN A 45 56.61 -5.93 -25.61
N LEU A 46 55.90 -6.43 -26.61
CA LEU A 46 54.90 -5.64 -27.33
C LEU A 46 53.69 -5.32 -26.44
N ARG A 47 53.20 -6.33 -25.74
CA ARG A 47 52.06 -6.19 -24.83
C ARG A 47 52.20 -5.17 -23.71
N GLN A 48 53.43 -4.90 -23.28
CA GLN A 48 53.66 -4.07 -22.09
C GLN A 48 53.36 -2.59 -22.27
N ASN A 49 53.03 -2.18 -23.50
CA ASN A 49 52.73 -0.78 -23.77
C ASN A 49 51.24 -0.54 -24.05
N GLU A 50 50.46 -1.62 -24.07
CA GLU A 50 49.04 -1.50 -24.36
C GLU A 50 48.33 -0.72 -23.25
N CYS A 51 48.84 -0.86 -22.03
CA CYS A 51 48.31 -0.10 -20.91
C CYS A 51 49.42 0.78 -20.33
N LYS A 52 49.25 2.09 -20.43
CA LYS A 52 50.23 3.05 -19.94
C LYS A 52 50.44 2.92 -18.43
N LYS A 53 49.42 3.32 -17.68
CA LYS A 53 49.47 3.22 -16.23
C LYS A 53 48.27 2.43 -15.72
N ASN A 54 48.56 1.30 -15.07
CA ASN A 54 47.52 0.43 -14.53
C ASN A 54 47.15 0.86 -13.11
N ILE A 55 46.11 1.69 -12.99
CA ILE A 55 45.66 2.14 -11.69
C ILE A 55 44.15 2.01 -11.54
N THR A 56 43.71 1.62 -10.35
CA THR A 56 42.30 1.47 -10.06
C THR A 56 41.73 2.81 -9.61
N LEU A 57 40.42 2.85 -9.39
CA LEU A 57 39.75 4.08 -9.00
C LEU A 57 40.07 4.44 -7.56
N SER A 58 40.28 3.43 -6.72
CA SER A 58 40.58 3.66 -5.31
C SER A 58 41.96 4.26 -5.08
N LYS A 59 42.96 3.73 -5.78
CA LYS A 59 44.33 4.22 -5.64
C LYS A 59 44.44 5.63 -6.22
N PHE A 60 43.55 5.93 -7.17
CA PHE A 60 43.49 7.26 -7.77
C PHE A 60 42.86 8.28 -6.83
N TRP A 61 41.93 7.82 -6.00
CA TRP A 61 41.23 8.69 -5.06
C TRP A 61 42.13 9.11 -3.89
N GLU A 62 42.96 8.18 -3.44
CA GLU A 62 43.89 8.43 -2.33
C GLU A 62 44.65 9.75 -2.47
N PRO A 70 35.73 1.87 1.19
CA PRO A 70 34.27 1.84 1.30
C PRO A 70 33.73 0.42 1.31
N GLU A 71 34.42 -0.48 0.62
CA GLU A 71 34.06 -1.89 0.42
C GLU A 71 33.06 -2.55 1.40
N ASP A 72 31.88 -1.95 1.56
CA ASP A 72 30.87 -2.56 2.43
C ASP A 72 30.17 -3.69 1.70
N ASP A 73 30.00 -3.53 0.39
CA ASP A 73 29.37 -4.54 -0.45
C ASP A 73 30.13 -4.69 -1.75
N ASN A 74 29.77 -5.71 -2.54
CA ASN A 74 30.47 -6.00 -3.78
C ASN A 74 30.24 -4.98 -4.88
N TRP A 75 29.18 -4.16 -4.75
CA TRP A 75 28.98 -3.05 -5.67
C TRP A 75 30.13 -2.05 -5.49
N GLU A 76 30.34 -1.65 -4.25
CA GLU A 76 31.40 -0.71 -3.89
C GLU A 76 32.77 -1.32 -4.17
N ARG A 77 32.88 -2.63 -3.94
CA ARG A 77 34.10 -3.36 -4.23
C ARG A 77 34.36 -3.40 -5.74
N PHE A 78 33.28 -3.47 -6.51
CA PHE A 78 33.37 -3.41 -7.97
C PHE A 78 33.79 -2.02 -8.44
N TYR A 79 33.12 -1.00 -7.91
CA TYR A 79 33.40 0.38 -8.27
C TYR A 79 34.84 0.78 -7.97
N SER A 80 35.35 0.35 -6.82
CA SER A 80 36.70 0.69 -6.39
C SER A 80 37.79 0.11 -7.28
N ASN A 81 37.55 -1.10 -7.80
CA ASN A 81 38.56 -1.78 -8.61
C ASN A 81 38.43 -1.48 -10.10
N ILE A 82 37.60 -0.51 -10.46
CA ILE A 82 37.52 -0.04 -11.83
C ILE A 82 38.85 0.59 -12.24
N GLY A 83 39.53 -0.04 -13.18
CA GLY A 83 40.88 0.37 -13.55
C GLY A 83 40.93 1.32 -14.72
N SER A 84 42.13 1.77 -15.05
CA SER A 84 42.34 2.74 -16.12
C SER A 84 42.45 2.07 -17.48
N CYS A 85 42.64 0.76 -17.48
CA CYS A 85 42.77 0.00 -18.71
C CYS A 85 41.82 -1.20 -18.74
N SER A 86 40.94 -1.25 -17.75
CA SER A 86 39.97 -2.33 -17.63
C SER A 86 38.87 -1.97 -16.63
N VAL A 87 37.67 -2.50 -16.84
CA VAL A 87 36.55 -2.26 -15.94
C VAL A 87 36.73 -3.07 -14.66
N TYR A 88 37.24 -4.29 -14.79
CA TYR A 88 37.50 -5.16 -13.66
C TYR A 88 38.63 -6.14 -13.98
N SER A 89 39.35 -6.61 -12.95
CA SER A 89 40.40 -7.59 -13.13
C SER A 89 40.35 -8.76 -12.15
N ASP A 90 39.23 -8.90 -11.45
CA ASP A 90 39.09 -9.95 -10.44
C ASP A 90 37.78 -10.69 -10.64
N ASP A 91 37.87 -11.82 -11.33
CA ASP A 91 36.70 -12.59 -11.72
C ASP A 91 35.92 -13.13 -10.52
N GLN A 92 36.64 -13.51 -9.47
CA GLN A 92 36.01 -14.10 -8.31
C GLN A 92 35.14 -13.06 -7.60
N MSE A 93 35.70 -11.87 -7.42
CA MSE A 93 34.98 -10.75 -6.82
C MSE A 93 33.76 -10.38 -7.66
O MSE A 93 32.71 -10.06 -7.13
CB MSE A 93 35.90 -9.54 -6.64
CG MSE A 93 35.25 -8.30 -6.03
SE MSE A 93 34.39 -7.14 -7.34
CE MSE A 93 35.93 -6.76 -8.47
N ILE A 94 33.93 -10.44 -8.97
CA ILE A 94 32.86 -10.13 -9.90
C ILE A 94 31.77 -11.20 -9.87
N ASP A 95 32.21 -12.46 -9.87
CA ASP A 95 31.29 -13.59 -9.71
C ASP A 95 30.49 -13.49 -8.41
N ASN A 96 31.10 -12.89 -7.39
CA ASN A 96 30.39 -12.62 -6.14
C ASN A 96 29.32 -11.56 -6.35
N LEU A 97 29.67 -10.53 -7.12
CA LEU A 97 28.73 -9.47 -7.47
C LEU A 97 27.57 -10.04 -8.29
N LEU A 98 27.91 -10.95 -9.20
CA LEU A 98 26.92 -11.63 -10.03
C LEU A 98 25.92 -12.39 -9.15
N HIS A 99 26.44 -13.14 -8.19
CA HIS A 99 25.60 -13.87 -7.25
C HIS A 99 24.68 -12.93 -6.48
N ASP A 100 25.21 -11.77 -6.10
CA ASP A 100 24.44 -10.78 -5.37
C ASP A 100 23.35 -10.18 -6.24
N LEU A 101 23.65 -9.93 -7.51
CA LEU A 101 22.68 -9.39 -8.44
C LEU A 101 21.52 -10.35 -8.65
N ASN A 102 21.81 -11.64 -8.61
CA ASN A 102 20.81 -12.68 -8.78
C ASN A 102 19.95 -12.93 -7.54
N THR A 103 20.55 -12.80 -6.36
CA THR A 103 19.89 -13.26 -5.12
C THR A 103 19.42 -12.15 -4.18
N SER A 104 20.00 -10.95 -4.29
CA SER A 104 19.66 -9.86 -3.39
C SER A 104 18.19 -9.49 -3.48
N PRO A 105 17.55 -9.27 -2.32
CA PRO A 105 16.13 -8.88 -2.27
C PRO A 105 15.90 -7.52 -2.91
N ILE A 106 14.81 -7.39 -3.66
CA ILE A 106 14.50 -6.15 -4.36
C ILE A 106 13.58 -5.27 -3.53
N LYS A 107 13.98 -4.01 -3.35
CA LYS A 107 13.19 -3.06 -2.57
C LYS A 107 12.26 -2.23 -3.45
N HIS A 108 12.79 -1.68 -4.53
CA HIS A 108 12.00 -0.85 -5.43
C HIS A 108 12.22 -1.22 -6.89
N VAL A 109 11.17 -1.04 -7.69
CA VAL A 109 11.27 -1.18 -9.14
C VAL A 109 10.79 0.10 -9.82
N HIS A 110 11.67 0.72 -10.60
CA HIS A 110 11.34 1.97 -11.28
C HIS A 110 11.56 1.87 -12.79
N ILE A 111 10.80 2.67 -13.54
CA ILE A 111 11.00 2.77 -14.98
C ILE A 111 12.26 3.60 -15.26
N MSE A 112 13.14 3.07 -16.10
CA MSE A 112 14.42 3.73 -16.37
C MSE A 112 14.35 4.68 -17.56
O MSE A 112 13.55 4.49 -18.48
CB MSE A 112 15.52 2.69 -16.60
CG MSE A 112 16.91 3.28 -16.67
SE MSE A 112 18.34 1.96 -16.62
CE MSE A 112 19.85 3.19 -16.51
N ASP A 113 15.17 5.71 -17.51
CA ASP A 113 15.29 6.69 -18.60
C ASP A 113 15.69 6.00 -19.91
N GLY A 114 14.93 6.26 -20.97
CA GLY A 114 13.77 7.13 -20.89
C GLY A 114 12.47 6.37 -20.82
N THR A 116 14.04 4.59 -25.78
CA THR A 116 14.63 3.26 -25.70
C THR A 116 13.57 2.19 -25.43
N GLN A 117 14.03 0.94 -25.32
CA GLN A 117 13.14 -0.18 -25.06
C GLN A 117 12.93 -0.40 -23.58
N VAL A 118 11.92 -1.19 -23.22
CA VAL A 118 11.54 -1.40 -21.83
C VAL A 118 12.68 -1.92 -20.95
N LYS A 119 12.98 -1.18 -19.90
CA LYS A 119 13.98 -1.58 -18.92
C LYS A 119 13.70 -0.95 -17.55
N PHE A 120 13.96 -1.72 -16.51
CA PHE A 120 13.71 -1.27 -15.14
C PHE A 120 14.99 -0.96 -14.37
N VAL A 121 14.89 -0.09 -13.37
CA VAL A 121 15.95 0.07 -12.39
C VAL A 121 15.59 -0.66 -11.10
N PHE A 122 16.42 -1.62 -10.73
CA PHE A 122 16.23 -2.35 -9.47
C PHE A 122 16.96 -1.67 -8.32
N THR A 123 16.23 -1.37 -7.26
CA THR A 123 16.87 -0.92 -6.03
C THR A 123 16.83 -2.04 -5.00
N PHE A 124 18.00 -2.56 -4.66
CA PHE A 124 18.10 -3.69 -3.73
C PHE A 124 18.05 -3.19 -2.29
N LYS A 125 17.96 -4.13 -1.35
CA LYS A 125 17.89 -3.79 0.07
C LYS A 125 19.07 -2.94 0.54
N ASN A 126 20.26 -3.25 0.02
CA ASN A 126 21.45 -2.46 0.34
C ASN A 126 21.48 -1.10 -0.34
N ASP A 127 20.37 -0.73 -0.96
CA ASP A 127 20.20 0.55 -1.66
C ASP A 127 21.11 0.69 -2.90
N LYS A 128 21.81 -0.38 -3.25
CA LYS A 128 22.52 -0.42 -4.53
C LYS A 128 21.53 -0.66 -5.65
N GLN A 129 21.97 -0.47 -6.90
CA GLN A 129 21.04 -0.51 -8.01
C GLN A 129 21.53 -1.32 -9.20
N ALA A 130 20.60 -1.70 -10.08
CA ALA A 130 20.91 -2.48 -11.26
C ALA A 130 19.92 -2.18 -12.39
N VAL A 131 20.32 -2.51 -13.62
CA VAL A 131 19.45 -2.35 -14.77
C VAL A 131 18.78 -3.68 -15.12
N PHE A 132 17.46 -3.67 -15.22
CA PHE A 132 16.72 -4.88 -15.56
C PHE A 132 16.11 -4.83 -16.94
N LYS A 133 16.39 -5.84 -17.75
CA LYS A 133 15.77 -5.99 -19.06
C LYS A 133 15.05 -7.33 -19.14
N PRO A 134 13.73 -7.29 -19.35
CA PRO A 134 12.89 -8.50 -19.33
C PRO A 134 13.07 -9.38 -20.55
N MSE A 135 12.83 -10.67 -20.38
CA MSE A 135 12.88 -11.63 -21.48
C MSE A 135 11.60 -11.55 -22.31
O MSE A 135 10.50 -11.45 -21.76
CB MSE A 135 13.06 -13.05 -20.95
CG MSE A 135 12.80 -14.15 -21.97
SE MSE A 135 13.01 -15.93 -21.20
CE MSE A 135 12.32 -16.98 -22.70
N ARG A 136 11.75 -11.59 -23.63
CA ARG A 136 10.59 -11.61 -24.51
C ARG A 136 10.41 -12.97 -25.18
N PHE A 137 11.19 -13.23 -26.23
CA PHE A 137 11.07 -14.49 -26.95
C PHE A 137 12.02 -15.55 -26.42
N GLY A 138 11.85 -16.78 -26.93
CA GLY A 138 12.71 -17.90 -26.55
C GLY A 138 14.11 -17.79 -27.13
N ARG A 139 14.98 -18.70 -26.71
CA ARG A 139 16.37 -18.72 -27.15
C ARG A 139 16.52 -19.03 -28.64
N ASP A 140 15.54 -19.70 -29.21
CA ASP A 140 15.61 -20.14 -30.60
C ASP A 140 15.19 -19.05 -31.58
N TYR A 141 14.51 -18.03 -31.07
CA TYR A 141 14.01 -16.94 -31.90
C TYR A 141 15.13 -16.21 -32.62
N GLU A 142 14.95 -16.00 -33.93
CA GLU A 142 15.93 -15.26 -34.73
C GLU A 142 15.28 -14.00 -35.30
N SER A 143 16.09 -12.96 -35.48
CA SER A 143 15.60 -11.68 -35.99
C SER A 143 15.00 -11.78 -37.39
N ASP A 144 13.95 -11.01 -37.63
CA ASP A 144 13.33 -10.91 -38.93
C ASP A 144 14.35 -10.42 -39.95
N PRO A 145 14.53 -11.16 -41.05
CA PRO A 145 15.47 -10.77 -42.10
C PRO A 145 15.13 -9.40 -42.71
N ASN A 146 13.87 -9.00 -42.61
CA ASN A 146 13.44 -7.71 -43.14
C ASN A 146 13.63 -6.57 -42.13
N HIS A 147 13.95 -6.91 -40.89
CA HIS A 147 14.14 -5.91 -39.85
C HIS A 147 15.51 -5.26 -39.89
N PHE A 148 15.54 -3.94 -39.87
CA PHE A 148 16.78 -3.19 -39.73
C PHE A 148 17.27 -3.30 -38.28
N TYR A 149 18.53 -2.91 -38.07
CA TYR A 149 19.12 -2.90 -36.73
C TYR A 149 18.33 -2.03 -35.75
N PHE A 150 17.67 -1.00 -36.25
CA PHE A 150 16.90 -0.10 -35.40
C PHE A 150 15.46 -0.56 -35.23
N SER A 151 15.15 -1.73 -35.79
CA SER A 151 13.82 -2.31 -35.65
C SER A 151 13.87 -3.55 -34.76
N ASP A 152 15.09 -3.97 -34.45
CA ASP A 152 15.31 -5.19 -33.67
C ASP A 152 14.92 -5.05 -32.19
N PHE A 153 14.14 -5.99 -31.70
CA PHE A 153 13.83 -6.08 -30.27
C PHE A 153 15.05 -6.53 -29.49
N GLU A 154 15.26 -5.96 -28.31
CA GLU A 154 16.38 -6.35 -27.46
C GLU A 154 16.23 -7.78 -26.97
N ARG A 155 17.37 -8.45 -26.79
CA ARG A 155 17.40 -9.77 -26.18
C ARG A 155 18.20 -9.73 -24.90
N HIS A 156 17.54 -9.99 -23.78
CA HIS A 156 18.17 -9.93 -22.47
C HIS A 156 19.35 -10.90 -22.36
N HIS A 157 19.23 -12.05 -23.03
CA HIS A 157 20.25 -13.08 -22.94
C HIS A 157 21.48 -12.71 -23.78
N ALA A 158 21.32 -11.71 -24.64
CA ALA A 158 22.45 -11.19 -25.42
C ALA A 158 23.33 -10.31 -24.55
N GLU A 159 22.69 -9.58 -23.64
CA GLU A 159 23.41 -8.77 -22.66
C GLU A 159 24.30 -9.65 -21.79
N ILE A 160 23.74 -10.77 -21.33
CA ILE A 160 24.48 -11.72 -20.51
C ILE A 160 25.61 -12.38 -21.29
N ALA A 161 25.26 -12.95 -22.45
CA ALA A 161 26.22 -13.68 -23.28
C ALA A 161 27.45 -12.86 -23.67
N THR A 162 27.23 -11.58 -23.98
CA THR A 162 28.31 -10.73 -24.47
C THR A 162 29.27 -10.35 -23.34
N PHE A 163 28.73 -10.12 -22.16
CA PHE A 163 29.56 -9.86 -20.98
C PHE A 163 30.55 -11.00 -20.74
N HIS A 164 30.04 -12.23 -20.82
CA HIS A 164 30.88 -13.41 -20.66
C HIS A 164 31.91 -13.53 -21.78
N LEU A 165 31.47 -13.29 -23.01
CA LEU A 165 32.38 -13.34 -24.15
C LEU A 165 33.46 -12.28 -24.03
N ASP A 166 33.09 -11.12 -23.48
CA ASP A 166 34.05 -10.04 -23.25
C ASP A 166 35.13 -10.43 -22.26
N ARG A 167 34.76 -11.26 -21.28
CA ARG A 167 35.74 -11.77 -20.32
C ARG A 167 36.59 -12.87 -20.96
N VAL A 168 35.94 -13.79 -21.65
CA VAL A 168 36.63 -14.90 -22.32
C VAL A 168 37.69 -14.38 -23.29
N LEU A 169 37.41 -13.26 -23.94
CA LEU A 169 38.36 -12.66 -24.87
C LEU A 169 39.42 -11.86 -24.13
N GLY A 170 39.25 -11.72 -22.82
CA GLY A 170 40.24 -11.09 -21.98
C GLY A 170 40.18 -9.57 -21.97
N PHE A 171 39.07 -9.03 -22.46
CA PHE A 171 38.88 -7.58 -22.45
C PHE A 171 38.54 -7.08 -21.07
N ARG A 172 37.54 -7.68 -20.44
CA ARG A 172 37.03 -7.23 -19.14
C ARG A 172 36.71 -5.75 -19.12
N ARG A 173 36.09 -5.27 -20.20
CA ARG A 173 35.65 -3.89 -20.31
C ARG A 173 34.14 -3.83 -20.44
N ALA A 174 33.49 -4.96 -20.16
CA ALA A 174 32.03 -5.02 -20.15
C ALA A 174 31.49 -4.87 -18.73
N ILE A 175 30.20 -4.65 -18.62
CA ILE A 175 29.56 -4.44 -17.31
C ILE A 175 28.90 -5.73 -16.82
N PRO A 176 29.21 -6.14 -15.58
CA PRO A 176 28.68 -7.37 -14.97
C PRO A 176 27.17 -7.54 -15.13
N THR A 177 26.76 -8.64 -15.74
CA THR A 177 25.37 -8.91 -16.02
C THR A 177 25.04 -10.37 -15.72
N VAL A 178 23.92 -10.60 -15.04
CA VAL A 178 23.53 -11.95 -14.67
C VAL A 178 22.06 -12.20 -15.01
N GLY A 179 21.71 -13.45 -15.25
CA GLY A 179 20.32 -13.84 -15.45
C GLY A 179 19.60 -13.96 -14.12
N ARG A 180 18.30 -13.72 -14.13
CA ARG A 180 17.51 -13.83 -12.91
C ARG A 180 16.04 -14.07 -13.24
N VAL A 181 15.47 -15.11 -12.64
CA VAL A 181 14.05 -15.40 -12.80
C VAL A 181 13.27 -14.75 -11.67
N LEU A 182 12.40 -13.80 -12.02
CA LEU A 182 11.68 -13.02 -11.03
C LEU A 182 10.22 -13.43 -10.87
N ASN A 183 9.74 -13.31 -9.64
CA ASN A 183 8.32 -13.40 -9.35
C ASN A 183 7.67 -12.06 -9.66
N MSE A 184 6.91 -12.02 -10.74
CA MSE A 184 6.31 -10.77 -11.21
C MSE A 184 5.39 -10.12 -10.18
O MSE A 184 5.26 -8.89 -10.14
CB MSE A 184 5.52 -11.01 -12.50
CG MSE A 184 6.35 -11.57 -13.64
SE MSE A 184 5.31 -11.76 -15.28
CE MSE A 184 4.90 -9.88 -15.60
N THR A 185 4.78 -10.94 -9.34
CA THR A 185 3.84 -10.43 -8.34
C THR A 185 4.54 -9.77 -7.17
N THR A 186 5.49 -10.49 -6.56
CA THR A 186 6.14 -10.02 -5.34
C THR A 186 7.34 -9.12 -5.59
N GLU A 187 8.12 -9.44 -6.61
CA GLU A 187 9.38 -8.73 -6.86
C GLU A 187 9.25 -7.60 -7.87
N LEU A 188 8.22 -7.67 -8.70
CA LEU A 188 8.01 -6.63 -9.70
C LEU A 188 6.80 -5.76 -9.37
N PHE A 189 5.61 -6.36 -9.44
CA PHE A 189 4.35 -5.63 -9.21
C PHE A 189 4.29 -4.93 -7.86
N GLU A 190 4.48 -5.69 -6.78
CA GLU A 190 4.34 -5.15 -5.44
C GLU A 190 5.48 -4.20 -5.07
N LYS A 191 6.60 -4.27 -5.78
CA LYS A 191 7.74 -3.40 -5.53
C LYS A 191 7.82 -2.24 -6.52
N ALA A 192 6.84 -2.14 -7.42
CA ALA A 192 6.89 -1.17 -8.51
C ALA A 192 6.36 0.20 -8.09
N GLU A 193 6.94 1.24 -8.69
CA GLU A 193 6.43 2.59 -8.53
C GLU A 193 5.02 2.71 -9.07
N LYS A 194 4.31 3.74 -8.63
CA LYS A 194 2.90 3.95 -8.94
C LYS A 194 2.65 4.01 -10.45
N LYS A 195 3.50 4.74 -11.16
CA LYS A 195 3.34 4.91 -12.60
C LYS A 195 3.58 3.61 -13.38
N LEU A 196 4.43 2.75 -12.85
CA LEU A 196 4.68 1.44 -13.47
C LEU A 196 3.61 0.42 -13.08
N LYS A 197 3.15 0.49 -11.83
CA LYS A 197 2.20 -0.48 -11.29
C LYS A 197 0.89 -0.54 -12.07
N LYS A 198 0.45 0.62 -12.54
CA LYS A 198 -0.83 0.73 -13.20
C LYS A 198 -0.85 0.11 -14.58
N THR A 199 0.33 -0.17 -15.12
CA THR A 199 0.44 -0.73 -16.47
C THR A 199 0.41 -2.25 -16.47
N PHE A 200 0.11 -2.84 -15.31
CA PHE A 200 0.01 -4.28 -15.20
C PHE A 200 -1.40 -4.76 -15.50
N PHE A 201 -1.51 -5.98 -16.03
CA PHE A 201 -2.81 -6.56 -16.37
C PHE A 201 -2.69 -8.06 -16.63
N PHE A 202 -3.84 -8.71 -16.79
CA PHE A 202 -3.87 -10.14 -17.12
C PHE A 202 -4.31 -10.36 -18.56
N SER A 203 -3.55 -11.19 -19.27
CA SER A 203 -3.86 -11.56 -20.64
C SER A 203 -5.11 -12.44 -20.69
N PRO A 204 -5.70 -12.62 -21.88
CA PRO A 204 -6.85 -13.52 -22.00
C PRO A 204 -6.54 -14.94 -21.53
N ALA A 205 -5.26 -15.30 -21.52
CA ALA A 205 -4.83 -16.61 -21.05
C ALA A 205 -4.54 -16.57 -19.54
N LYS A 206 -4.87 -15.44 -18.90
CA LYS A 206 -4.64 -15.24 -17.46
C LYS A 206 -3.16 -15.19 -17.10
N ASN A 207 -2.32 -14.86 -18.07
CA ASN A 207 -0.90 -14.62 -17.78
C ASN A 207 -0.70 -13.20 -17.29
N PHE A 208 0.25 -13.01 -16.39
CA PHE A 208 0.53 -11.68 -15.83
C PHE A 208 1.40 -10.87 -16.78
N CYS A 209 1.00 -9.63 -17.02
CA CYS A 209 1.65 -8.80 -18.03
C CYS A 209 1.81 -7.36 -17.57
N PHE A 210 2.83 -6.68 -18.08
CA PHE A 210 2.98 -5.24 -17.85
C PHE A 210 3.34 -4.53 -19.14
N VAL A 211 2.84 -3.30 -19.28
CA VAL A 211 3.10 -2.49 -20.47
C VAL A 211 4.29 -1.56 -20.26
N SER A 212 4.39 -1.02 -19.04
CA SER A 212 5.39 -0.01 -18.70
C SER A 212 5.26 1.22 -19.58
N ARG A 213 6.30 2.07 -19.57
CA ARG A 213 6.34 3.23 -20.44
C ARG A 213 7.72 3.40 -21.06
N CYS A 214 7.76 3.50 -22.39
CA CYS A 214 8.99 3.71 -23.12
C CYS A 214 8.68 4.12 -24.56
N ASP A 215 9.72 4.44 -25.32
CA ASP A 215 9.54 4.93 -26.67
C ASP A 215 9.27 3.82 -27.67
N TYR A 216 9.87 2.66 -27.43
CA TYR A 216 9.85 1.59 -28.41
C TYR A 216 8.88 0.47 -28.04
N TYR A 217 7.62 0.64 -28.43
CA TYR A 217 6.62 -0.42 -28.36
C TYR A 217 6.32 -0.91 -26.94
N CYS A 218 6.36 -0.01 -25.97
CA CYS A 218 5.74 -0.27 -24.68
C CYS A 218 4.23 -0.09 -24.81
N ASP A 219 3.57 -1.06 -25.41
CA ASP A 219 2.13 -1.02 -25.59
C ASP A 219 1.50 -2.37 -25.27
N THR A 220 0.17 -2.43 -25.30
CA THR A 220 -0.57 -3.64 -24.96
C THR A 220 -0.17 -4.83 -25.84
N THR A 221 -0.07 -4.58 -27.15
CA THR A 221 0.26 -5.61 -28.12
C THR A 221 1.63 -6.24 -27.86
N HIS A 222 2.59 -5.42 -27.44
CA HIS A 222 3.96 -5.90 -27.22
C HIS A 222 4.30 -5.94 -25.74
N ALA A 223 3.29 -6.12 -24.90
CA ALA A 223 3.50 -6.24 -23.46
C ALA A 223 4.33 -7.47 -23.11
N ILE A 224 5.09 -7.38 -22.02
CA ILE A 224 5.85 -8.51 -21.51
C ILE A 224 4.98 -9.35 -20.58
N CYS A 225 4.91 -10.65 -20.85
CA CYS A 225 3.97 -11.52 -20.14
C CYS A 225 4.67 -12.76 -19.59
N GLY A 226 4.26 -13.16 -18.38
CA GLY A 226 4.80 -14.36 -17.77
C GLY A 226 4.01 -15.58 -18.16
N LEU A 227 4.34 -16.73 -17.57
CA LEU A 227 3.59 -17.96 -17.84
C LEU A 227 3.33 -18.78 -16.58
N PRO A 228 2.48 -18.28 -15.67
CA PRO A 228 1.75 -17.01 -15.81
C PRO A 228 2.40 -15.84 -15.09
N ASP A 229 3.19 -16.10 -14.05
CA ASP A 229 3.64 -15.03 -13.16
C ASP A 229 5.14 -14.98 -12.90
N MSE A 230 5.92 -15.74 -13.68
CA MSE A 230 7.37 -15.65 -13.58
C MSE A 230 7.95 -15.05 -14.85
O MSE A 230 7.40 -15.22 -15.94
CB MSE A 230 7.99 -17.02 -13.30
CG MSE A 230 8.21 -17.89 -14.53
SE MSE A 230 6.55 -18.49 -15.35
CE MSE A 230 5.77 -19.39 -13.81
N LYS A 231 9.06 -14.33 -14.72
CA LYS A 231 9.68 -13.67 -15.86
C LYS A 231 11.19 -13.55 -15.70
N GLU A 232 11.93 -14.25 -16.55
CA GLU A 232 13.38 -14.15 -16.58
C GLU A 232 13.78 -12.78 -17.13
N GLY A 233 14.95 -12.31 -16.71
CA GLY A 233 15.50 -11.08 -17.25
C GLY A 233 16.99 -10.96 -17.00
N SER A 234 17.61 -9.96 -17.62
CA SER A 234 19.00 -9.67 -17.37
C SER A 234 19.14 -8.64 -16.27
N VAL A 235 20.11 -8.84 -15.38
CA VAL A 235 20.34 -7.91 -14.29
C VAL A 235 21.78 -7.42 -14.36
N GLN A 236 21.93 -6.13 -14.64
CA GLN A 236 23.24 -5.55 -14.87
C GLN A 236 23.54 -4.48 -13.82
N VAL A 237 24.69 -4.61 -13.17
CA VAL A 237 25.09 -3.66 -12.14
C VAL A 237 25.17 -2.23 -12.67
N PHE A 238 24.63 -1.30 -11.90
CA PHE A 238 24.66 0.12 -12.24
C PHE A 238 26.08 0.64 -12.35
N LEU A 239 26.32 1.55 -13.29
CA LEU A 239 27.58 2.27 -13.33
C LEU A 239 27.66 3.17 -12.10
N PRO A 240 28.87 3.46 -11.62
CA PRO A 240 29.01 4.37 -10.48
C PRO A 240 28.40 5.73 -10.80
N ASP A 241 27.98 6.47 -9.78
CA ASP A 241 27.28 7.74 -9.99
C ASP A 241 28.12 8.69 -10.86
N GLU A 242 27.45 9.41 -11.75
CA GLU A 242 28.12 10.29 -12.70
C GLU A 242 28.81 11.45 -12.00
N SER A 243 28.22 11.92 -10.91
CA SER A 243 28.79 13.01 -10.11
C SER A 243 30.17 12.63 -9.58
N ALA A 244 30.33 11.37 -9.20
CA ALA A 244 31.61 10.88 -8.70
C ALA A 244 32.52 10.43 -9.85
N VAL A 245 31.97 9.62 -10.74
CA VAL A 245 32.73 9.11 -11.88
C VAL A 245 32.10 9.56 -13.19
N PRO A 246 32.52 10.72 -13.71
CA PRO A 246 31.96 11.27 -14.94
C PRO A 246 32.23 10.40 -16.16
N ARG A 247 31.36 10.50 -17.16
CA ARG A 247 31.44 9.65 -18.34
C ARG A 247 31.30 10.45 -19.64
N LYS A 248 31.88 9.92 -20.71
CA LYS A 248 31.85 10.58 -22.02
C LYS A 248 31.01 9.81 -23.04
N HIS A 249 30.30 10.55 -23.88
CA HIS A 249 29.47 9.96 -24.92
C HIS A 249 29.95 10.43 -26.29
N ASN A 250 30.55 9.51 -27.05
CA ASN A 250 31.17 9.87 -28.33
C ASN A 250 30.52 9.20 -29.54
N ARG A 251 30.18 10.00 -30.54
CA ARG A 251 29.65 9.47 -31.80
C ARG A 251 30.68 8.59 -32.51
N SER A 252 30.25 7.43 -32.96
CA SER A 252 31.13 6.53 -33.70
C SER A 252 31.31 6.99 -35.14
N PRO A 253 32.56 6.93 -35.64
CA PRO A 253 32.85 7.22 -37.05
C PRO A 253 32.26 6.15 -37.97
N TYR A 254 31.93 5.00 -37.40
CA TYR A 254 31.30 3.92 -38.15
C TYR A 254 29.83 3.79 -37.79
N ARG A 255 29.23 4.90 -37.39
CA ARG A 255 27.79 4.98 -37.20
C ARG A 255 27.08 4.62 -38.50
N ARG A 256 26.03 3.82 -38.40
CA ARG A 256 25.26 3.44 -39.58
C ARG A 256 24.28 4.57 -39.89
N THR A 257 23.55 4.47 -41.01
CA THR A 257 22.72 5.58 -41.45
C THR A 257 21.41 5.68 -40.66
N TYR A 258 20.89 4.54 -40.23
CA TYR A 258 19.60 4.48 -39.53
C TYR A 258 18.49 5.07 -40.38
N SER A 259 18.49 4.71 -41.66
CA SER A 259 17.45 5.11 -42.59
C SER A 259 17.19 3.99 -43.60
N LYS A 260 15.92 3.81 -43.99
CA LYS A 260 15.59 2.78 -44.95
C LYS A 260 15.69 3.25 -46.41
N LYS A 261 15.76 4.57 -46.61
CA LYS A 261 16.01 5.12 -47.95
C LYS A 261 17.48 5.05 -48.32
N ASN A 262 18.31 5.87 -47.66
CA ASN A 262 19.75 5.81 -47.89
C ASN A 262 20.40 4.88 -46.86
N GLN A 263 20.60 3.64 -47.26
CA GLN A 263 21.00 2.58 -46.36
C GLN A 263 22.52 2.38 -46.35
N VAL A 264 23.23 3.21 -47.10
CA VAL A 264 24.66 3.04 -47.27
C VAL A 264 25.47 4.24 -46.79
N ALA A 265 26.13 4.08 -45.64
CA ALA A 265 27.02 5.10 -45.12
C ALA A 265 28.30 5.13 -45.94
N GLU A 266 29.03 6.25 -45.86
CA GLU A 266 30.28 6.41 -46.60
C GLU A 266 31.26 5.27 -46.36
N TRP A 267 31.39 4.85 -45.11
CA TRP A 267 32.34 3.81 -44.74
C TRP A 267 31.94 2.43 -45.28
N GLN A 268 30.70 2.29 -45.73
CA GLN A 268 30.24 1.02 -46.29
C GLN A 268 30.53 0.90 -47.77
N SER A 269 30.75 2.04 -48.43
CA SER A 269 31.00 2.05 -49.87
C SER A 269 32.42 2.48 -50.21
N SER A 270 33.04 3.25 -49.32
CA SER A 270 34.40 3.73 -49.55
C SER A 270 35.40 2.94 -48.72
N MSE A 271 36.31 2.26 -49.40
CA MSE A 271 37.26 1.37 -48.74
C MSE A 271 38.33 2.11 -47.96
O MSE A 271 38.77 1.67 -46.90
CB MSE A 271 37.91 0.45 -49.77
CG MSE A 271 38.43 -0.87 -49.20
SE MSE A 271 37.13 -2.32 -49.20
CE MSE A 271 36.09 -1.83 -47.63
N ASN A 272 38.76 3.26 -48.47
CA ASN A 272 39.79 4.06 -47.83
C ASN A 272 39.25 5.01 -46.76
N TYR A 273 38.03 4.76 -46.32
CA TYR A 273 37.37 5.60 -45.31
C TYR A 273 38.21 5.80 -44.06
N CYS A 274 38.78 4.72 -43.53
CA CYS A 274 39.55 4.78 -42.30
C CYS A 274 40.81 5.63 -42.49
N THR A 275 41.49 5.40 -43.61
CA THR A 275 42.72 6.13 -43.94
C THR A 275 42.48 7.64 -44.04
N ASP A 276 41.45 8.03 -44.77
CA ASP A 276 41.20 9.45 -45.04
C ASP A 276 40.36 10.15 -43.98
N LYS A 277 39.42 9.44 -43.36
CA LYS A 277 38.42 10.09 -42.53
C LYS A 277 38.49 9.76 -41.04
N VAL A 278 39.20 8.69 -40.69
CA VAL A 278 39.28 8.30 -39.28
C VAL A 278 40.68 8.43 -38.70
N LYS A 279 41.67 7.87 -39.40
CA LYS A 279 43.06 7.96 -38.98
C LYS A 279 43.57 9.40 -38.96
N THR A 280 42.91 10.29 -39.70
CA THR A 280 43.35 11.67 -39.79
C THR A 280 42.69 12.58 -38.75
N LYS A 281 41.72 12.05 -38.02
CA LYS A 281 41.07 12.84 -36.97
C LYS A 281 41.94 12.91 -35.72
N ARG A 282 41.86 14.03 -35.02
CA ARG A 282 42.63 14.26 -33.80
C ARG A 282 42.43 13.16 -32.76
N GLN A 283 41.16 12.81 -32.53
CA GLN A 283 40.81 11.84 -31.51
C GLN A 283 41.38 10.45 -31.81
N TYR A 284 41.65 10.18 -33.08
CA TYR A 284 42.08 8.84 -33.49
C TYR A 284 43.52 8.81 -34.03
N ALA A 285 44.10 9.99 -34.24
CA ALA A 285 45.43 10.07 -34.84
C ALA A 285 46.51 9.52 -33.89
N HIS A 286 46.27 9.66 -32.59
CA HIS A 286 47.24 9.20 -31.60
C HIS A 286 46.53 8.66 -30.37
N GLY A 287 46.94 7.48 -29.91
CA GLY A 287 46.38 6.91 -28.70
C GLY A 287 45.90 5.48 -28.82
N ARG A 288 44.84 5.16 -28.07
CA ARG A 288 44.29 3.81 -28.02
C ARG A 288 42.88 3.71 -28.59
N ARG A 289 42.27 4.85 -28.87
CA ARG A 289 40.88 4.91 -29.32
C ARG A 289 40.59 4.04 -30.54
N LEU A 290 41.44 4.14 -31.56
CA LEU A 290 41.24 3.37 -32.78
C LEU A 290 41.43 1.87 -32.52
N LEU A 291 42.40 1.54 -31.67
CA LEU A 291 42.64 0.15 -31.28
C LEU A 291 41.43 -0.39 -30.51
N ASP A 292 40.80 0.47 -29.72
CA ASP A 292 39.57 0.12 -29.01
C ASP A 292 38.44 -0.13 -29.99
N LEU A 293 38.30 0.76 -30.97
CA LEU A 293 37.27 0.65 -31.99
C LEU A 293 37.38 -0.66 -32.75
N VAL A 294 38.60 -1.09 -33.04
CA VAL A 294 38.83 -2.36 -33.71
C VAL A 294 38.46 -3.51 -32.77
N ASP A 295 38.85 -3.38 -31.51
CA ASP A 295 38.56 -4.39 -30.50
C ASP A 295 37.06 -4.60 -30.31
N ILE A 296 36.32 -3.50 -30.20
CA ILE A 296 34.89 -3.55 -29.93
C ILE A 296 34.10 -4.03 -31.15
N HIS A 297 34.61 -3.73 -32.35
CA HIS A 297 33.97 -4.19 -33.57
C HIS A 297 34.25 -5.67 -33.82
N ILE A 298 35.36 -6.17 -33.31
CA ILE A 298 35.65 -7.60 -33.36
C ILE A 298 34.65 -8.33 -32.48
N LEU A 299 34.35 -7.75 -31.32
CA LEU A 299 33.36 -8.30 -30.41
C LEU A 299 31.97 -8.26 -31.06
N ASP A 300 31.62 -7.10 -31.60
CA ASP A 300 30.32 -6.90 -32.23
C ASP A 300 30.12 -7.81 -33.44
N TYR A 301 31.19 -8.07 -34.18
CA TYR A 301 31.11 -8.94 -35.35
C TYR A 301 30.91 -10.40 -34.94
N LEU A 302 31.56 -10.79 -33.85
CA LEU A 302 31.43 -12.15 -33.33
C LEU A 302 30.01 -12.42 -32.85
N ILE A 303 29.35 -11.38 -32.34
CA ILE A 303 28.00 -11.51 -31.82
C ILE A 303 26.93 -11.00 -32.78
N GLY A 304 27.37 -10.42 -33.90
CA GLY A 304 26.46 -9.91 -34.90
C GLY A 304 25.74 -8.65 -34.48
N ASN A 305 26.36 -7.86 -33.61
CA ASN A 305 25.79 -6.60 -33.15
C ASN A 305 26.00 -5.48 -34.17
N GLN A 306 24.89 -4.95 -34.68
CA GLN A 306 24.95 -3.90 -35.69
C GLN A 306 24.74 -2.50 -35.11
N ASP A 307 24.32 -2.44 -33.85
CA ASP A 307 23.82 -1.19 -33.27
C ASP A 307 24.87 -0.38 -32.52
N ARG A 308 26.12 -0.42 -32.98
CA ARG A 308 27.18 0.33 -32.32
C ARG A 308 27.33 1.74 -32.92
N HIS A 309 26.44 2.65 -32.50
CA HIS A 309 26.44 4.00 -33.04
C HIS A 309 27.22 4.99 -32.19
N HIS A 310 27.30 4.73 -30.89
CA HIS A 310 28.04 5.61 -29.98
C HIS A 310 28.95 4.83 -29.05
N PHE A 311 29.95 5.50 -28.48
CA PHE A 311 30.82 4.87 -27.50
C PHE A 311 30.65 5.51 -26.12
N GLU A 312 30.81 4.70 -25.08
CA GLU A 312 30.69 5.16 -23.72
C GLU A 312 32.03 4.94 -23.00
N SER A 313 32.48 5.95 -22.26
CA SER A 313 33.77 5.87 -21.59
C SER A 313 33.79 6.64 -20.28
N PHE A 314 34.54 6.14 -19.31
CA PHE A 314 34.76 6.87 -18.08
C PHE A 314 35.62 8.09 -18.34
N ASN A 315 35.32 9.18 -17.63
CA ASN A 315 36.13 10.39 -17.73
C ASN A 315 36.54 10.83 -16.34
N VAL A 316 37.42 10.05 -15.71
CA VAL A 316 37.71 10.22 -14.31
C VAL A 316 39.21 10.12 -14.01
N PHE A 317 39.93 9.38 -14.84
CA PHE A 317 41.37 9.27 -14.69
C PHE A 317 42.09 10.41 -15.42
N ASN A 318 42.55 11.39 -14.66
CA ASN A 318 43.21 12.56 -15.23
C ASN A 318 44.39 12.15 -16.11
N ASP A 319 44.66 12.93 -17.15
CA ASP A 319 45.78 12.70 -18.06
C ASP A 319 45.62 11.42 -18.87
N LEU A 320 45.86 10.28 -18.22
CA LEU A 320 45.73 8.94 -18.84
C LEU A 320 44.60 8.80 -19.86
N PRO A 321 44.78 7.94 -20.86
CA PRO A 321 43.76 7.75 -21.89
C PRO A 321 42.60 6.89 -21.43
N SER A 322 41.39 7.27 -21.83
CA SER A 322 40.19 6.52 -21.50
C SER A 322 39.96 5.39 -22.52
N TYR A 323 39.10 4.46 -22.16
CA TYR A 323 38.76 3.35 -23.06
C TYR A 323 37.25 3.24 -23.23
N ALA A 324 36.83 2.63 -24.34
CA ALA A 324 35.41 2.45 -24.61
C ALA A 324 34.84 1.33 -23.76
N ILE A 325 33.78 1.64 -23.02
CA ILE A 325 33.08 0.63 -22.22
C ILE A 325 32.18 -0.23 -23.11
N HIS A 326 32.38 -1.54 -23.05
CA HIS A 326 31.59 -2.45 -23.87
C HIS A 326 30.19 -2.57 -23.27
N LEU A 327 29.30 -1.72 -23.77
CA LEU A 327 27.94 -1.61 -23.26
C LEU A 327 26.90 -1.85 -24.36
N ASP A 328 25.63 -1.88 -23.98
CA ASP A 328 24.51 -1.96 -24.93
C ASP A 328 24.63 -3.11 -25.93
N HIS A 329 24.43 -4.34 -25.45
CA HIS A 329 24.54 -5.52 -26.31
C HIS A 329 23.20 -6.21 -26.52
N GLY A 330 22.11 -5.51 -26.24
CA GLY A 330 20.77 -6.06 -26.37
C GLY A 330 20.41 -6.57 -27.76
N ARG A 331 21.02 -5.99 -28.78
CA ARG A 331 20.71 -6.35 -30.16
C ARG A 331 21.77 -7.29 -30.75
N ALA A 332 22.39 -8.10 -29.91
CA ALA A 332 23.35 -9.08 -30.38
C ALA A 332 22.70 -10.47 -30.51
N PHE A 333 23.38 -11.35 -31.23
CA PHE A 333 22.95 -12.75 -31.39
C PHE A 333 21.55 -12.87 -31.99
N GLY A 334 21.23 -12.01 -32.95
CA GLY A 334 19.93 -12.05 -33.59
C GLY A 334 19.83 -13.09 -34.69
N ARG A 335 20.96 -13.41 -35.31
CA ARG A 335 20.99 -14.37 -36.41
C ARG A 335 22.16 -15.34 -36.28
N SER A 336 21.86 -16.63 -36.46
CA SER A 336 22.89 -17.65 -36.37
C SER A 336 23.37 -18.08 -37.76
N ASP A 337 22.62 -17.67 -38.78
CA ASP A 337 22.90 -18.09 -40.15
C ASP A 337 23.37 -16.94 -41.03
N PHE A 338 23.68 -15.80 -40.39
CA PHE A 338 24.10 -14.62 -41.13
C PHE A 338 25.26 -13.90 -40.45
N ASP A 339 26.32 -13.67 -41.21
CA ASP A 339 27.45 -12.88 -40.75
C ASP A 339 27.50 -11.54 -41.47
N ASP A 340 27.43 -10.45 -40.71
CA ASP A 340 27.46 -9.12 -41.29
C ASP A 340 28.89 -8.60 -41.34
N ASP A 341 29.55 -8.81 -42.48
CA ASP A 341 30.95 -8.43 -42.65
C ASP A 341 31.15 -6.91 -42.60
N ASP A 342 30.06 -6.16 -42.69
CA ASP A 342 30.13 -4.71 -42.54
C ASP A 342 30.60 -4.30 -41.15
N ILE A 343 30.30 -5.13 -40.16
CA ILE A 343 30.67 -4.84 -38.77
C ILE A 343 32.19 -4.90 -38.59
N ILE A 344 32.84 -5.84 -39.26
CA ILE A 344 34.28 -6.04 -39.12
C ILE A 344 35.07 -5.18 -40.12
N LEU A 345 34.36 -4.29 -40.82
CA LEU A 345 35.00 -3.37 -41.78
C LEU A 345 36.11 -2.50 -41.19
N PRO A 346 35.97 -2.00 -39.94
CA PRO A 346 37.09 -1.25 -39.38
C PRO A 346 38.42 -2.03 -39.35
N LEU A 347 38.36 -3.32 -39.04
CA LEU A 347 39.55 -4.17 -39.09
C LEU A 347 40.15 -4.19 -40.49
N ARG A 348 39.29 -4.32 -41.49
CA ARG A 348 39.71 -4.43 -42.88
C ARG A 348 40.20 -3.09 -43.44
N GLN A 349 39.61 -2.00 -42.98
CA GLN A 349 39.97 -0.68 -43.47
C GLN A 349 41.17 -0.07 -42.74
N CYS A 350 41.19 -0.18 -41.42
CA CYS A 350 42.26 0.42 -40.61
C CYS A 350 43.49 -0.48 -40.58
N CYS A 351 43.27 -1.78 -40.51
CA CYS A 351 44.35 -2.78 -40.46
C CYS A 351 45.36 -2.52 -39.35
N ILE A 352 44.89 -2.08 -38.20
CA ILE A 352 45.69 -2.09 -36.98
C ILE A 352 45.00 -2.95 -35.94
N LEU A 353 45.78 -3.55 -35.05
CA LEU A 353 45.23 -4.53 -34.12
C LEU A 353 46.10 -4.67 -32.88
N ARG A 354 45.47 -4.50 -31.72
CA ARG A 354 46.15 -4.63 -30.44
C ARG A 354 46.78 -6.03 -30.31
N PRO A 355 48.07 -6.08 -29.99
CA PRO A 355 48.86 -7.32 -29.97
C PRO A 355 48.26 -8.40 -29.08
N SER A 356 47.72 -8.02 -27.93
CA SER A 356 47.09 -8.98 -27.03
C SER A 356 45.83 -9.57 -27.65
N THR A 357 45.07 -8.71 -28.34
CA THR A 357 43.86 -9.15 -29.03
C THR A 357 44.20 -10.21 -30.08
N PHE A 358 45.28 -9.97 -30.82
CA PHE A 358 45.71 -10.90 -31.86
C PHE A 358 46.03 -12.27 -31.26
N GLN A 359 46.78 -12.28 -30.17
CA GLN A 359 47.15 -13.52 -29.49
C GLN A 359 45.92 -14.26 -28.99
N THR A 360 45.03 -13.53 -28.33
CA THR A 360 43.76 -14.08 -27.87
C THR A 360 42.99 -14.73 -29.02
N LEU A 361 42.83 -13.99 -30.12
CA LEU A 361 42.15 -14.51 -31.30
C LEU A 361 42.91 -15.68 -31.91
N MSE A 362 44.23 -15.54 -31.99
CA MSE A 362 45.09 -16.59 -32.54
C MSE A 362 45.01 -17.87 -31.70
O MSE A 362 44.96 -18.97 -32.24
CB MSE A 362 46.54 -16.11 -32.63
CG MSE A 362 47.53 -17.21 -32.97
SE MSE A 362 47.15 -18.02 -34.70
CE MSE A 362 47.30 -16.43 -35.80
N ASN A 363 45.03 -17.69 -30.38
CA ASN A 363 44.97 -18.82 -29.46
C ASN A 363 43.70 -19.64 -29.65
N PHE A 364 42.56 -18.95 -29.71
CA PHE A 364 41.28 -19.60 -29.92
C PHE A 364 41.18 -20.19 -31.33
N TYR A 365 41.64 -19.44 -32.32
CA TYR A 365 41.58 -19.89 -33.72
C TYR A 365 42.40 -21.14 -33.99
N SER A 366 43.58 -21.21 -33.37
CA SER A 366 44.50 -22.33 -33.60
C SER A 366 43.99 -23.63 -33.00
N THR A 367 43.04 -23.52 -32.09
CA THR A 367 42.37 -24.69 -31.53
C THR A 367 40.86 -24.55 -31.72
N PRO A 368 40.33 -25.19 -32.78
CA PRO A 368 38.91 -25.10 -33.14
C PRO A 368 37.97 -25.42 -31.98
N LYS A 369 36.87 -24.66 -31.90
CA LYS A 369 35.83 -24.81 -30.88
C LYS A 369 36.24 -24.40 -29.47
N SER A 370 37.47 -23.91 -29.31
CA SER A 370 37.96 -23.56 -27.98
C SER A 370 37.29 -22.28 -27.48
N LEU A 371 37.02 -21.35 -28.40
CA LEU A 371 36.36 -20.10 -28.04
C LEU A 371 34.95 -20.31 -27.48
N THR A 372 34.13 -21.04 -28.22
CA THR A 372 32.75 -21.29 -27.81
C THR A 372 32.66 -22.25 -26.62
N LYS A 373 33.64 -23.15 -26.49
CA LYS A 373 33.71 -24.03 -25.33
C LYS A 373 34.03 -23.24 -24.07
N ALA A 374 34.99 -22.32 -24.18
CA ALA A 374 35.34 -21.46 -23.06
C ALA A 374 34.19 -20.51 -22.73
N LEU A 375 33.39 -20.18 -23.73
CA LEU A 375 32.23 -19.33 -23.52
C LEU A 375 31.10 -20.11 -22.87
N HIS A 376 30.87 -21.33 -23.35
CA HIS A 376 29.82 -22.18 -22.82
C HIS A 376 30.03 -22.42 -21.34
N GLU A 377 31.28 -22.70 -20.99
CA GLU A 377 31.67 -22.98 -19.62
C GLU A 377 31.43 -21.79 -18.73
N SER A 378 31.70 -20.60 -19.25
CA SER A 378 31.47 -19.36 -18.51
C SER A 378 29.97 -19.12 -18.33
N LEU A 379 29.22 -19.29 -19.42
CA LEU A 379 27.77 -19.10 -19.40
C LEU A 379 27.06 -20.08 -18.47
N SER A 380 27.63 -21.27 -18.35
CA SER A 380 27.05 -22.33 -17.52
C SER A 380 26.91 -21.92 -16.06
N LYS A 381 27.75 -21.01 -15.60
CA LYS A 381 27.70 -20.56 -14.21
C LYS A 381 26.54 -19.61 -13.96
N ASP A 382 25.97 -19.05 -15.02
CA ASP A 382 24.81 -18.17 -14.89
C ASP A 382 23.57 -18.99 -14.56
N PRO A 383 22.81 -18.56 -13.53
CA PRO A 383 21.64 -19.29 -13.04
C PRO A 383 20.53 -19.44 -14.08
N ALA A 384 20.58 -18.63 -15.13
CA ALA A 384 19.53 -18.65 -16.16
C ALA A 384 19.96 -19.45 -17.39
N HIS A 385 21.04 -20.20 -17.27
CA HIS A 385 21.53 -21.01 -18.39
C HIS A 385 20.50 -22.07 -18.78
N PRO A 386 20.47 -22.46 -20.08
CA PRO A 386 21.30 -21.99 -21.19
C PRO A 386 21.01 -20.54 -21.61
N ILE A 387 22.07 -19.77 -21.81
CA ILE A 387 21.95 -18.37 -22.20
C ILE A 387 21.78 -18.23 -23.71
N LEU A 388 22.53 -19.01 -24.46
CA LEU A 388 22.48 -18.97 -25.91
C LEU A 388 22.02 -20.30 -26.50
N ALA A 389 21.24 -20.24 -27.57
CA ALA A 389 20.96 -21.43 -28.37
C ALA A 389 22.28 -21.92 -28.97
N TYR A 390 22.48 -23.22 -28.98
CA TYR A 390 23.76 -23.80 -29.36
C TYR A 390 24.14 -23.53 -30.82
N LYS A 391 23.13 -23.21 -31.64
CA LYS A 391 23.35 -22.94 -33.06
C LYS A 391 24.23 -21.70 -33.29
N HIS A 392 24.37 -20.86 -32.27
CA HIS A 392 25.21 -19.67 -32.37
C HIS A 392 26.69 -19.99 -32.22
N TYR A 393 26.99 -21.14 -31.62
CA TYR A 393 28.38 -21.57 -31.43
C TYR A 393 29.12 -21.82 -32.76
N PRO A 394 28.54 -22.61 -33.68
CA PRO A 394 29.26 -22.75 -34.95
C PRO A 394 29.36 -21.43 -35.72
N ALA A 395 28.39 -20.55 -35.52
CA ALA A 395 28.40 -19.24 -36.16
C ALA A 395 29.57 -18.40 -35.66
N MSE A 396 29.79 -18.40 -34.35
CA MSE A 396 30.89 -17.66 -33.75
C MSE A 396 32.24 -18.21 -34.18
O MSE A 396 33.19 -17.46 -34.38
CB MSE A 396 30.77 -17.68 -32.22
CG MSE A 396 29.98 -16.53 -31.65
SE MSE A 396 29.78 -16.62 -29.71
CE MSE A 396 28.46 -18.05 -29.62
N GLU A 397 32.32 -19.52 -34.33
CA GLU A 397 33.53 -20.16 -34.84
C GLU A 397 33.77 -19.74 -36.28
N ARG A 398 32.70 -19.70 -37.06
CA ARG A 398 32.77 -19.30 -38.47
C ARG A 398 33.21 -17.85 -38.60
N ARG A 399 32.72 -16.99 -37.71
CA ARG A 399 33.05 -15.57 -37.76
C ARG A 399 34.49 -15.33 -37.31
N LEU A 400 34.94 -16.10 -36.33
CA LEU A 400 36.32 -16.02 -35.85
C LEU A 400 37.30 -16.33 -36.97
N ALA A 401 37.02 -17.40 -37.71
CA ALA A 401 37.86 -17.81 -38.84
C ALA A 401 37.95 -16.72 -39.90
N LYS A 402 36.82 -16.07 -40.17
CA LYS A 402 36.78 -14.99 -41.15
C LYS A 402 37.59 -13.79 -40.68
N ILE A 403 37.58 -13.53 -39.39
CA ILE A 403 38.36 -12.44 -38.81
C ILE A 403 39.85 -12.66 -39.04
N MSE A 404 40.30 -13.90 -38.84
CA MSE A 404 41.70 -14.25 -39.03
C MSE A 404 42.13 -14.08 -40.48
O MSE A 404 43.30 -13.81 -40.77
CB MSE A 404 41.97 -15.68 -38.55
CG MSE A 404 41.51 -15.95 -37.13
SE MSE A 404 42.19 -14.66 -35.84
CE MSE A 404 44.10 -14.83 -36.22
N SER A 405 41.18 -14.25 -41.39
CA SER A 405 41.45 -14.06 -42.81
C SER A 405 41.67 -12.58 -43.11
N HIS A 406 40.86 -11.73 -42.49
CA HIS A 406 41.01 -10.28 -42.63
C HIS A 406 42.31 -9.81 -42.02
N ILE A 407 42.73 -10.47 -40.94
CA ILE A 407 43.98 -10.13 -40.27
C ILE A 407 45.16 -10.51 -41.16
N LEU A 408 45.07 -11.68 -41.78
CA LEU A 408 46.09 -12.15 -42.71
C LEU A 408 46.26 -11.18 -43.88
N GLU A 409 45.14 -10.63 -44.34
CA GLU A 409 45.18 -9.66 -45.43
C GLU A 409 45.86 -8.37 -44.99
N CYS A 410 45.61 -7.97 -43.74
CA CYS A 410 46.26 -6.79 -43.19
C CYS A 410 47.77 -6.99 -43.01
N PHE A 411 48.17 -8.19 -42.60
CA PHE A 411 49.58 -8.51 -42.45
C PHE A 411 50.33 -8.52 -43.77
N GLU A 412 49.68 -9.06 -44.80
CA GLU A 412 50.32 -9.21 -46.11
C GLU A 412 50.35 -7.91 -46.89
N SER A 413 49.37 -7.05 -46.66
CA SER A 413 49.27 -5.79 -47.38
C SER A 413 50.09 -4.68 -46.74
N ARG A 414 50.00 -4.53 -45.42
CA ARG A 414 50.66 -3.43 -44.72
C ARG A 414 51.86 -3.83 -43.87
N GLY A 415 52.10 -5.13 -43.75
CA GLY A 415 53.19 -5.62 -42.91
C GLY A 415 52.78 -5.80 -41.45
N VAL A 416 53.43 -6.76 -40.79
CA VAL A 416 53.09 -7.11 -39.41
C VAL A 416 53.49 -6.01 -38.42
N ALA A 417 54.53 -5.26 -38.77
CA ALA A 417 55.06 -4.23 -37.87
C ALA A 417 54.17 -3.00 -37.86
N GLU A 418 53.26 -2.91 -38.83
CA GLU A 418 52.38 -1.75 -38.93
C GLU A 418 50.98 -2.07 -38.40
N VAL A 419 50.64 -3.35 -38.34
CA VAL A 419 49.36 -3.79 -37.81
C VAL A 419 49.38 -3.97 -36.29
N LEU A 420 50.31 -4.79 -35.82
CA LEU A 420 50.39 -5.15 -34.40
C LEU A 420 51.10 -4.10 -33.56
N VAL A 421 50.37 -3.04 -33.20
CA VAL A 421 50.94 -1.97 -32.38
C VAL A 421 50.16 -1.79 -31.08
N ALA A 422 50.89 -1.45 -30.02
CA ALA A 422 50.28 -1.29 -28.70
C ALA A 422 49.72 0.12 -28.57
N GLU A 423 50.23 1.02 -29.40
CA GLU A 423 49.71 2.38 -29.52
C GLU A 423 49.73 2.81 -30.97
N TYR A 424 48.72 3.56 -31.40
CA TYR A 424 48.70 4.03 -32.77
C TYR A 424 49.17 5.48 -32.87
N ASN A 425 50.09 5.71 -33.81
CA ASN A 425 50.59 7.04 -34.09
C ASN A 425 50.63 7.27 -35.59
N ASN A 426 49.94 8.31 -36.05
CA ASN A 426 49.89 8.64 -37.47
C ASN A 426 50.95 9.67 -37.83
N PRO A 427 51.95 9.27 -38.64
CA PRO A 427 53.03 10.14 -39.10
C PRO A 427 52.54 11.47 -39.68
N ASP A 428 51.40 11.45 -40.36
CA ASP A 428 50.90 12.62 -41.05
C ASP A 428 50.18 13.57 -40.09
N PRO B 3 -60.63 -30.90 4.90
CA PRO B 3 -60.85 -29.57 5.51
C PRO B 3 -59.91 -28.51 4.94
N HIS B 4 -60.44 -27.32 4.67
CA HIS B 4 -59.64 -26.23 4.15
C HIS B 4 -58.70 -25.70 5.23
N GLN B 5 -59.20 -25.63 6.46
CA GLN B 5 -58.37 -25.34 7.62
C GLN B 5 -58.12 -26.63 8.40
N PRO B 6 -57.00 -27.30 8.13
CA PRO B 6 -56.70 -28.61 8.72
C PRO B 6 -56.15 -28.54 10.14
N ILE B 7 -56.01 -29.70 10.76
CA ILE B 7 -55.39 -29.80 12.08
C ILE B 7 -53.93 -29.41 12.03
N PRO B 8 -53.34 -29.07 13.19
CA PRO B 8 -51.88 -28.94 13.25
C PRO B 8 -51.22 -30.26 12.85
N PRO B 9 -50.28 -30.21 11.89
CA PRO B 9 -49.62 -31.42 11.36
C PRO B 9 -49.03 -32.30 12.45
N SER B 10 -48.61 -31.70 13.55
CA SER B 10 -48.08 -32.43 14.69
C SER B 10 -49.13 -33.38 15.30
N LEU B 11 -50.39 -33.02 15.17
CA LEU B 11 -51.48 -33.84 15.71
C LEU B 11 -51.99 -34.85 14.68
N GLY B 12 -51.36 -34.89 13.51
CA GLY B 12 -51.77 -35.79 12.46
C GLY B 12 -50.86 -36.99 12.27
N GLU B 13 -51.09 -37.74 11.20
CA GLU B 13 -50.26 -38.90 10.87
C GLU B 13 -48.83 -38.45 10.57
N LYS B 14 -47.87 -39.02 11.29
CA LYS B 14 -46.48 -38.62 11.10
C LYS B 14 -45.93 -39.07 9.75
N ASP B 15 -45.43 -38.11 8.97
CA ASP B 15 -44.83 -38.42 7.68
C ASP B 15 -43.43 -38.97 7.89
N LEU B 16 -43.22 -40.23 7.50
CA LEU B 16 -41.94 -40.90 7.72
C LEU B 16 -41.08 -40.89 6.45
N SER B 17 -41.61 -40.29 5.39
CA SER B 17 -40.92 -40.26 4.11
C SER B 17 -39.65 -39.41 4.18
N ASP B 18 -38.72 -39.69 3.29
CA ASP B 18 -37.45 -38.95 3.23
C ASP B 18 -37.64 -37.58 2.59
N PRO B 19 -37.42 -36.52 3.38
CA PRO B 19 -37.57 -35.13 2.92
C PRO B 19 -36.53 -34.75 1.86
N PHE B 20 -35.58 -35.64 1.63
CA PHE B 20 -34.49 -35.38 0.70
C PHE B 20 -34.38 -36.49 -0.33
N ASN B 21 -35.52 -37.09 -0.65
CA ASN B 21 -35.60 -38.10 -1.69
C ASN B 21 -35.80 -37.43 -3.05
N PHE B 22 -35.13 -36.30 -3.25
CA PHE B 22 -35.17 -35.60 -4.52
C PHE B 22 -33.77 -35.56 -5.12
N LEU B 23 -33.68 -35.48 -6.43
CA LEU B 23 -32.37 -35.43 -7.08
C LEU B 23 -31.89 -34.00 -7.21
N PHE B 24 -30.70 -33.72 -6.70
CA PHE B 24 -30.10 -32.41 -6.88
C PHE B 24 -28.59 -32.49 -7.14
N SER B 25 -28.10 -31.69 -8.08
CA SER B 25 -26.68 -31.64 -8.39
C SER B 25 -26.31 -30.18 -8.67
N SER B 26 -25.06 -29.82 -8.38
CA SER B 26 -24.63 -28.44 -8.56
C SER B 26 -23.55 -28.29 -9.63
N ASN B 27 -23.57 -27.15 -10.32
CA ASN B 27 -22.59 -26.84 -11.35
C ASN B 27 -21.20 -26.71 -10.76
N LYS B 28 -20.28 -27.56 -11.21
CA LYS B 28 -18.95 -27.63 -10.61
C LYS B 28 -17.99 -26.65 -11.26
N ILE B 29 -18.36 -26.15 -12.44
CA ILE B 29 -17.56 -25.16 -13.15
C ILE B 29 -17.65 -23.83 -12.41
N THR B 30 -18.89 -23.42 -12.14
CA THR B 30 -19.16 -22.23 -11.35
C THR B 30 -18.55 -22.35 -9.96
N LEU B 31 -18.68 -23.54 -9.37
CA LEU B 31 -18.18 -23.79 -8.02
C LEU B 31 -16.69 -23.50 -7.84
N ARG B 32 -15.86 -24.09 -8.70
CA ARG B 32 -14.41 -23.87 -8.61
C ARG B 32 -13.98 -22.50 -9.10
N LYS B 33 -14.68 -21.95 -10.09
CA LYS B 33 -14.39 -20.59 -10.55
C LYS B 33 -14.57 -19.64 -9.36
N LEU B 34 -15.57 -19.93 -8.54
CA LEU B 34 -15.80 -19.18 -7.31
C LEU B 34 -14.68 -19.46 -6.33
N TYR B 35 -14.25 -20.73 -6.28
CA TYR B 35 -13.14 -21.15 -5.44
C TYR B 35 -11.84 -20.45 -5.83
N ASP B 36 -11.54 -20.48 -7.13
CA ASP B 36 -10.30 -19.89 -7.65
C ASP B 36 -10.22 -18.39 -7.38
N LEU B 37 -11.35 -17.70 -7.54
CA LEU B 37 -11.38 -16.25 -7.38
C LEU B 37 -11.34 -15.82 -5.92
N THR B 38 -11.43 -16.77 -5.01
CA THR B 38 -11.53 -16.45 -3.59
C THR B 38 -10.63 -17.28 -2.67
N LYS B 39 -9.89 -18.22 -3.23
CA LYS B 39 -9.02 -19.07 -2.41
C LYS B 39 -7.87 -18.29 -1.79
N ASN B 40 -7.60 -17.11 -2.32
CA ASN B 40 -6.50 -16.28 -1.84
C ASN B 40 -6.98 -15.06 -1.06
N VAL B 41 -8.29 -15.02 -0.80
CA VAL B 41 -8.89 -13.92 -0.04
C VAL B 41 -8.76 -14.18 1.47
N ASP B 42 -8.27 -13.19 2.20
CA ASP B 42 -8.12 -13.32 3.64
C ASP B 42 -9.44 -13.01 4.33
N PHE B 43 -10.28 -14.03 4.45
CA PHE B 43 -11.60 -13.88 5.05
C PHE B 43 -11.52 -13.59 6.53
N ASP B 44 -10.50 -14.15 7.20
CA ASP B 44 -10.32 -14.00 8.63
C ASP B 44 -10.23 -12.53 9.05
N GLN B 45 -9.44 -11.75 8.32
CA GLN B 45 -9.29 -10.32 8.61
C GLN B 45 -10.52 -9.53 8.18
N LEU B 46 -11.17 -9.97 7.11
CA LEU B 46 -12.35 -9.30 6.60
C LEU B 46 -13.55 -9.40 7.52
N ARG B 47 -13.81 -10.60 8.03
CA ARG B 47 -14.94 -10.85 8.92
C ARG B 47 -14.90 -10.00 10.18
N GLN B 48 -13.70 -9.68 10.66
CA GLN B 48 -13.54 -8.94 11.90
C GLN B 48 -13.83 -7.44 11.76
N ASN B 49 -14.09 -7.00 10.53
CA ASN B 49 -14.38 -5.59 10.28
C ASN B 49 -15.85 -5.37 9.95
N GLU B 50 -16.58 -6.47 9.83
CA GLU B 50 -18.01 -6.44 9.49
C GLU B 50 -18.83 -5.83 10.63
N CYS B 51 -18.35 -6.00 11.85
CA CYS B 51 -19.02 -5.47 13.03
C CYS B 51 -18.13 -4.45 13.74
N LYS B 52 -18.62 -3.22 13.83
CA LYS B 52 -17.86 -2.14 14.45
C LYS B 52 -17.51 -2.45 15.90
N LYS B 53 -18.51 -2.36 16.77
CA LYS B 53 -18.33 -2.68 18.19
C LYS B 53 -19.40 -3.65 18.67
N ASN B 54 -18.99 -4.82 19.16
CA ASN B 54 -19.95 -5.81 19.65
C ASN B 54 -20.30 -5.58 21.11
N ILE B 55 -21.39 -4.85 21.34
CA ILE B 55 -21.88 -4.62 22.70
C ILE B 55 -23.37 -4.89 22.77
N THR B 56 -23.81 -5.43 23.91
CA THR B 56 -25.22 -5.72 24.12
C THR B 56 -25.94 -4.49 24.66
N LEU B 57 -27.25 -4.61 24.83
CA LEU B 57 -28.05 -3.50 25.32
C LEU B 57 -27.75 -3.30 26.80
N SER B 58 -27.42 -4.38 27.48
CA SER B 58 -27.12 -4.34 28.91
C SER B 58 -25.79 -3.62 29.16
N LYS B 59 -24.78 -3.97 28.38
CA LYS B 59 -23.47 -3.35 28.52
C LYS B 59 -23.50 -1.89 28.10
N PHE B 60 -24.40 -1.58 27.18
CA PHE B 60 -24.56 -0.20 26.70
C PHE B 60 -25.28 0.67 27.72
N TRP B 61 -26.21 0.07 28.46
CA TRP B 61 -26.99 0.81 29.46
C TRP B 61 -26.18 1.13 30.71
N GLU B 62 -25.32 0.22 31.14
CA GLU B 62 -24.45 0.42 32.30
C GLU B 62 -23.72 1.77 32.33
N LYS B 63 -24.48 2.86 32.30
CA LYS B 63 -23.96 4.22 32.36
C LYS B 63 -25.11 5.23 32.42
N SER B 64 -26.17 4.97 31.66
CA SER B 64 -27.26 5.93 31.54
C SER B 64 -28.63 5.30 31.77
N GLU B 65 -29.50 6.08 32.41
CA GLU B 65 -30.92 5.77 32.62
C GLU B 65 -31.21 4.49 33.41
N GLN B 66 -30.27 3.55 33.44
CA GLN B 66 -30.41 2.35 34.27
C GLN B 66 -29.11 1.56 34.39
N ARG B 67 -28.70 1.31 35.63
CA ARG B 67 -27.53 0.49 35.92
C ARG B 67 -27.82 -0.99 35.73
N ASN B 68 -29.06 -1.37 36.01
CA ASN B 68 -29.43 -2.78 36.07
C ASN B 68 -30.39 -3.22 34.98
N VAL B 69 -30.03 -4.31 34.30
CA VAL B 69 -30.98 -5.03 33.47
C VAL B 69 -31.61 -6.10 34.35
N PRO B 70 -32.90 -5.94 34.70
CA PRO B 70 -33.60 -6.77 35.68
C PRO B 70 -33.41 -8.27 35.47
N GLU B 71 -33.27 -8.68 34.20
CA GLU B 71 -33.12 -10.07 33.78
C GLU B 71 -33.83 -11.08 34.68
N ASP B 72 -35.12 -10.83 34.93
CA ASP B 72 -35.93 -11.72 35.77
C ASP B 72 -36.39 -12.94 34.99
N ASP B 73 -36.66 -12.74 33.71
CA ASP B 73 -37.14 -13.80 32.83
C ASP B 73 -36.40 -13.77 31.49
N ASN B 74 -36.66 -14.79 30.66
CA ASN B 74 -35.95 -14.93 29.40
C ASN B 74 -36.28 -13.84 28.38
N TRP B 75 -37.38 -13.13 28.60
CA TRP B 75 -37.68 -11.94 27.81
C TRP B 75 -36.64 -10.86 28.06
N GLU B 76 -36.43 -10.56 29.35
CA GLU B 76 -35.51 -9.50 29.75
C GLU B 76 -34.04 -9.78 29.42
N ARG B 77 -33.60 -11.03 29.58
CA ARG B 77 -32.23 -11.38 29.22
C ARG B 77 -32.07 -11.32 27.70
N PHE B 78 -33.14 -11.62 26.97
CA PHE B 78 -33.12 -11.47 25.52
C PHE B 78 -33.01 -10.00 25.16
N TYR B 79 -33.87 -9.18 25.76
CA TYR B 79 -33.85 -7.74 25.53
C TYR B 79 -32.50 -7.14 25.90
N SER B 80 -31.96 -7.56 27.04
CA SER B 80 -30.68 -7.03 27.52
C SER B 80 -29.52 -7.42 26.61
N ASN B 81 -29.59 -8.63 26.05
CA ASN B 81 -28.51 -9.15 25.22
C ASN B 81 -28.69 -8.84 23.74
N ILE B 82 -29.65 -7.96 23.43
CA ILE B 82 -29.80 -7.47 22.06
C ILE B 82 -28.56 -6.66 21.71
N GLY B 83 -27.78 -7.15 20.75
CA GLY B 83 -26.49 -6.56 20.44
C GLY B 83 -26.53 -5.50 19.37
N SER B 84 -25.37 -4.88 19.13
CA SER B 84 -25.26 -3.79 18.17
C SER B 84 -25.04 -4.26 16.75
N CYS B 85 -24.69 -5.53 16.59
CA CYS B 85 -24.43 -6.10 15.28
C CYS B 85 -25.22 -7.38 15.07
N SER B 86 -26.14 -7.65 15.99
CA SER B 86 -26.98 -8.84 15.93
C SER B 86 -28.14 -8.71 16.89
N VAL B 87 -29.28 -9.32 16.56
CA VAL B 87 -30.43 -9.29 17.43
C VAL B 87 -30.21 -10.23 18.62
N TYR B 88 -29.56 -11.36 18.37
CA TYR B 88 -29.27 -12.28 19.46
C TYR B 88 -28.02 -13.12 19.23
N SER B 89 -27.42 -13.53 20.33
CA SER B 89 -26.32 -14.49 20.32
C SER B 89 -26.69 -15.51 21.39
N ASP B 90 -25.91 -16.58 21.50
CA ASP B 90 -26.21 -17.67 22.44
C ASP B 90 -27.54 -18.34 22.12
N ASP B 91 -27.46 -19.46 21.39
CA ASP B 91 -28.63 -20.19 20.93
C ASP B 91 -29.43 -20.79 22.08
N GLN B 92 -28.72 -21.19 23.14
CA GLN B 92 -29.34 -21.91 24.24
C GLN B 92 -30.36 -21.08 25.03
N MSE B 93 -30.07 -19.80 25.23
CA MSE B 93 -30.97 -18.96 26.01
C MSE B 93 -32.15 -18.49 25.15
O MSE B 93 -33.24 -18.21 25.67
CB MSE B 93 -30.23 -17.76 26.60
CG MSE B 93 -30.01 -16.59 25.66
SE MSE B 93 -31.46 -15.28 25.72
CE MSE B 93 -30.71 -13.96 24.51
N ILE B 94 -31.94 -18.41 23.84
CA ILE B 94 -33.01 -18.07 22.91
C ILE B 94 -33.97 -19.25 22.79
N ASP B 95 -33.40 -20.44 22.65
CA ASP B 95 -34.20 -21.67 22.65
C ASP B 95 -35.02 -21.80 23.93
N ASN B 96 -34.50 -21.26 25.02
CA ASN B 96 -35.24 -21.21 26.27
C ASN B 96 -36.41 -20.23 26.19
N LEU B 97 -36.17 -19.08 25.55
CA LEU B 97 -37.22 -18.10 25.34
C LEU B 97 -38.32 -18.66 24.45
N LEU B 98 -37.92 -19.42 23.44
CA LEU B 98 -38.86 -20.09 22.55
C LEU B 98 -39.75 -21.03 23.34
N HIS B 99 -39.14 -21.84 24.20
CA HIS B 99 -39.86 -22.75 25.07
C HIS B 99 -40.84 -22.01 25.98
N ASP B 100 -40.41 -20.84 26.46
CA ASP B 100 -41.27 -20.02 27.32
C ASP B 100 -42.45 -19.47 26.55
N LEU B 101 -42.20 -19.05 25.31
CA LEU B 101 -43.27 -18.55 24.44
C LEU B 101 -44.29 -19.64 24.15
N ASN B 102 -43.81 -20.89 24.09
CA ASN B 102 -44.66 -22.04 23.82
C ASN B 102 -45.48 -22.50 25.03
N THR B 103 -44.93 -22.35 26.23
CA THR B 103 -45.51 -22.99 27.42
C THR B 103 -46.16 -22.02 28.41
N SER B 104 -45.77 -20.75 28.39
CA SER B 104 -46.26 -19.77 29.35
C SER B 104 -47.78 -19.61 29.29
N PRO B 105 -48.43 -19.53 30.47
CA PRO B 105 -49.87 -19.34 30.60
C PRO B 105 -50.32 -17.98 30.06
N ILE B 106 -51.48 -17.95 29.40
CA ILE B 106 -51.96 -16.72 28.79
C ILE B 106 -52.86 -15.94 29.75
N LYS B 107 -52.55 -14.66 29.93
CA LYS B 107 -53.33 -13.81 30.82
C LYS B 107 -54.39 -13.04 30.03
N HIS B 108 -53.96 -12.38 28.96
CA HIS B 108 -54.87 -11.60 28.13
C HIS B 108 -54.64 -11.85 26.65
N VAL B 109 -55.72 -11.79 25.86
CA VAL B 109 -55.61 -11.79 24.41
C VAL B 109 -56.32 -10.56 23.87
N HIS B 110 -55.58 -9.71 23.16
CA HIS B 110 -56.15 -8.48 22.61
C HIS B 110 -55.93 -8.40 21.11
N ILE B 111 -56.81 -7.68 20.43
CA ILE B 111 -56.65 -7.43 19.00
C ILE B 111 -55.55 -6.38 18.80
N MSE B 112 -54.56 -6.71 17.99
CA MSE B 112 -53.35 -5.90 17.87
C MSE B 112 -53.56 -4.56 17.18
O MSE B 112 -54.48 -4.38 16.38
CB MSE B 112 -52.27 -6.67 17.13
CG MSE B 112 -51.37 -7.50 18.02
SE MSE B 112 -49.53 -7.49 17.41
CE MSE B 112 -49.25 -5.56 17.30
N ASP B 113 -52.70 -3.61 17.51
CA ASP B 113 -52.71 -2.28 16.91
C ASP B 113 -51.58 -2.18 15.88
N GLY B 114 -51.26 -3.30 15.24
CA GLY B 114 -50.14 -3.37 14.32
C GLY B 114 -50.50 -3.34 12.85
N GLY B 115 -50.27 -4.47 12.17
CA GLY B 115 -50.58 -4.63 10.77
C GLY B 115 -52.06 -4.62 10.44
N THR B 116 -52.43 -5.31 9.36
CA THR B 116 -53.80 -5.28 8.87
C THR B 116 -54.45 -6.66 8.81
N GLN B 117 -53.65 -7.72 8.79
CA GLN B 117 -54.21 -9.06 8.79
C GLN B 117 -54.38 -9.54 10.23
N VAL B 118 -55.19 -10.57 10.43
CA VAL B 118 -55.51 -11.04 11.78
C VAL B 118 -54.29 -11.47 12.59
N LYS B 119 -54.09 -10.84 13.73
CA LYS B 119 -53.04 -11.23 14.66
C LYS B 119 -53.42 -10.78 16.07
N PHE B 120 -53.06 -11.60 17.06
CA PHE B 120 -53.36 -11.27 18.44
C PHE B 120 -52.10 -10.86 19.18
N VAL B 121 -52.25 -10.04 20.22
CA VAL B 121 -51.15 -9.82 21.16
C VAL B 121 -51.40 -10.62 22.42
N PHE B 122 -50.46 -11.52 22.72
CA PHE B 122 -50.53 -12.32 23.92
C PHE B 122 -49.89 -11.60 25.09
N THR B 123 -50.63 -11.42 26.18
CA THR B 123 -50.04 -10.94 27.41
C THR B 123 -49.96 -12.12 28.36
N PHE B 124 -48.73 -12.52 28.69
CA PHE B 124 -48.52 -13.70 29.53
C PHE B 124 -48.67 -13.38 31.01
N LYS B 125 -48.65 -14.42 31.81
CA LYS B 125 -48.81 -14.32 33.26
C LYS B 125 -47.76 -13.39 33.88
N ASN B 126 -46.52 -13.49 33.39
CA ASN B 126 -45.43 -12.62 33.81
C ASN B 126 -45.52 -11.20 33.24
N ASP B 127 -46.65 -10.89 32.60
CA ASP B 127 -46.91 -9.58 31.99
C ASP B 127 -46.00 -9.29 30.80
N LYS B 128 -45.20 -10.26 30.38
CA LYS B 128 -44.47 -10.14 29.13
C LYS B 128 -45.43 -10.37 27.97
N GLN B 129 -45.02 -10.04 26.75
CA GLN B 129 -45.94 -10.08 25.62
C GLN B 129 -45.38 -10.74 24.37
N ALA B 130 -46.26 -11.13 23.48
CA ALA B 130 -45.88 -11.76 22.22
C ALA B 130 -46.92 -11.49 21.12
N VAL B 131 -46.49 -11.65 19.88
CA VAL B 131 -47.39 -11.52 18.74
C VAL B 131 -47.85 -12.90 18.26
N PHE B 132 -49.16 -13.08 18.17
CA PHE B 132 -49.71 -14.36 17.73
C PHE B 132 -50.35 -14.25 16.35
N LYS B 133 -49.94 -15.13 15.45
CA LYS B 133 -50.56 -15.22 14.13
C LYS B 133 -51.10 -16.62 13.91
N PRO B 134 -52.42 -16.73 13.72
CA PRO B 134 -53.10 -18.03 13.62
C PRO B 134 -52.83 -18.75 12.31
N MSE B 135 -52.82 -20.08 12.36
CA MSE B 135 -52.69 -20.92 11.18
C MSE B 135 -53.96 -20.85 10.34
O MSE B 135 -55.06 -20.73 10.88
CB MSE B 135 -52.41 -22.37 11.57
CG MSE B 135 -52.44 -23.36 10.42
SE MSE B 135 -52.10 -25.20 10.98
CE MSE B 135 -52.43 -26.11 9.30
N ARG B 136 -53.81 -20.92 9.02
CA ARG B 136 -54.97 -20.88 8.14
C ARG B 136 -55.05 -22.19 7.36
N PHE B 137 -54.25 -22.27 6.29
CA PHE B 137 -54.21 -23.45 5.45
C PHE B 137 -53.11 -24.42 5.88
N GLY B 138 -53.10 -25.61 5.26
CA GLY B 138 -52.09 -26.60 5.52
C GLY B 138 -50.73 -26.23 4.97
N ARG B 139 -49.71 -27.04 5.28
CA ARG B 139 -48.35 -26.77 4.83
C ARG B 139 -48.20 -26.88 3.32
N ASP B 140 -49.09 -27.63 2.69
CA ASP B 140 -48.99 -27.91 1.25
C ASP B 140 -49.61 -26.82 0.37
N TYR B 141 -50.41 -25.96 0.98
CA TYR B 141 -51.10 -24.90 0.23
C TYR B 141 -50.10 -23.98 -0.44
N GLU B 142 -50.36 -23.68 -1.71
CA GLU B 142 -49.53 -22.77 -2.48
C GLU B 142 -50.31 -21.54 -2.87
N SER B 143 -49.63 -20.40 -2.95
CA SER B 143 -50.26 -19.13 -3.27
C SER B 143 -50.84 -19.18 -4.69
N ASP B 144 -52.01 -18.56 -4.88
CA ASP B 144 -52.61 -18.43 -6.20
C ASP B 144 -51.62 -17.70 -7.10
N PRO B 145 -51.28 -18.29 -8.26
CA PRO B 145 -50.36 -17.64 -9.20
C PRO B 145 -50.88 -16.30 -9.69
N ASN B 146 -52.19 -16.10 -9.60
CA ASN B 146 -52.82 -14.85 -10.00
C ASN B 146 -52.81 -13.80 -8.90
N HIS B 147 -52.41 -14.20 -7.70
CA HIS B 147 -52.37 -13.29 -6.56
C HIS B 147 -51.10 -12.44 -6.55
N PHE B 148 -51.28 -11.14 -6.40
CA PHE B 148 -50.17 -10.22 -6.18
C PHE B 148 -49.63 -10.38 -4.77
N TYR B 149 -48.45 -9.82 -4.52
CA TYR B 149 -47.83 -9.84 -3.20
C TYR B 149 -48.71 -9.23 -2.12
N PHE B 150 -49.54 -8.27 -2.49
CA PHE B 150 -50.41 -7.61 -1.52
C PHE B 150 -51.76 -8.31 -1.36
N SER B 151 -51.91 -9.46 -2.02
CA SER B 151 -53.14 -10.24 -1.90
C SER B 151 -52.89 -11.55 -1.15
N ASP B 152 -51.62 -11.86 -0.90
CA ASP B 152 -51.24 -13.11 -0.26
C ASP B 152 -51.62 -13.14 1.22
N PHE B 153 -52.28 -14.21 1.63
CA PHE B 153 -52.56 -14.44 3.04
C PHE B 153 -51.27 -14.82 3.77
N GLU B 154 -51.12 -14.34 4.99
CA GLU B 154 -49.93 -14.65 5.78
C GLU B 154 -49.87 -16.13 6.11
N ARG B 155 -48.65 -16.66 6.21
CA ARG B 155 -48.44 -18.03 6.65
C ARG B 155 -47.65 -18.03 7.95
N HIS B 156 -48.29 -18.48 9.03
CA HIS B 156 -47.67 -18.48 10.35
C HIS B 156 -46.39 -19.30 10.38
N HIS B 157 -46.38 -20.40 9.62
CA HIS B 157 -45.24 -21.30 9.62
C HIS B 157 -44.08 -20.72 8.82
N ALA B 158 -44.34 -19.67 8.05
CA ALA B 158 -43.29 -18.97 7.32
C ALA B 158 -42.50 -18.08 8.28
N GLU B 159 -43.20 -17.51 9.25
CA GLU B 159 -42.56 -16.72 10.30
C GLU B 159 -41.56 -17.58 11.07
N ILE B 160 -41.97 -18.79 11.42
CA ILE B 160 -41.11 -19.72 12.14
C ILE B 160 -39.93 -20.18 11.28
N ALA B 161 -40.24 -20.65 10.08
CA ALA B 161 -39.23 -21.18 9.16
C ALA B 161 -38.13 -20.17 8.83
N THR B 162 -38.52 -18.91 8.66
CA THR B 162 -37.57 -17.88 8.24
C THR B 162 -36.65 -17.51 9.40
N PHE B 163 -37.20 -17.48 10.62
CA PHE B 163 -36.41 -17.24 11.81
C PHE B 163 -35.28 -18.26 11.92
N HIS B 164 -35.62 -19.52 11.71
CA HIS B 164 -34.63 -20.60 11.73
C HIS B 164 -33.60 -20.46 10.61
N LEU B 165 -34.05 -20.13 9.41
CA LEU B 165 -33.15 -19.93 8.28
C LEU B 165 -32.20 -18.77 8.56
N ASP B 166 -32.72 -17.76 9.25
CA ASP B 166 -31.91 -16.60 9.63
C ASP B 166 -30.79 -17.03 10.58
N ARG B 167 -31.06 -18.07 11.36
CA ARG B 167 -30.05 -18.67 12.23
C ARG B 167 -29.05 -19.48 11.43
N VAL B 168 -29.56 -20.34 10.57
CA VAL B 168 -28.74 -21.23 9.74
C VAL B 168 -27.77 -20.46 8.87
N LEU B 169 -28.21 -19.29 8.39
CA LEU B 169 -27.37 -18.46 7.53
C LEU B 169 -26.40 -17.63 8.36
N GLY B 170 -26.56 -17.66 9.68
CA GLY B 170 -25.63 -16.99 10.57
C GLY B 170 -25.90 -15.51 10.70
N PHE B 171 -27.09 -15.09 10.30
CA PHE B 171 -27.47 -13.68 10.38
C PHE B 171 -27.79 -13.28 11.82
N ARG B 172 -28.67 -14.06 12.45
CA ARG B 172 -29.12 -13.80 13.82
C ARG B 172 -29.67 -12.39 13.99
N ARG B 173 -30.41 -11.92 13.00
CA ARG B 173 -31.04 -10.60 13.07
C ARG B 173 -32.55 -10.71 12.99
N ALA B 174 -33.06 -11.92 13.15
CA ALA B 174 -34.51 -12.13 13.17
C ALA B 174 -35.04 -12.17 14.60
N ILE B 175 -36.36 -12.10 14.72
CA ILE B 175 -37.00 -12.07 16.03
C ILE B 175 -37.52 -13.45 16.41
N PRO B 176 -37.16 -13.92 17.61
CA PRO B 176 -37.52 -15.25 18.12
C PRO B 176 -39.00 -15.59 17.92
N THR B 177 -39.24 -16.69 17.21
CA THR B 177 -40.59 -17.12 16.88
C THR B 177 -40.71 -18.63 17.07
N VAL B 178 -41.77 -19.07 17.74
CA VAL B 178 -41.98 -20.48 18.00
C VAL B 178 -43.41 -20.89 17.64
N GLY B 179 -43.59 -22.16 17.30
CA GLY B 179 -44.92 -22.69 17.08
C GLY B 179 -45.61 -23.01 18.40
N ARG B 180 -46.93 -22.91 18.40
CA ARG B 180 -47.71 -23.20 19.59
C ARG B 180 -49.14 -23.56 19.24
N VAL B 181 -49.61 -24.71 19.75
CA VAL B 181 -50.99 -25.13 19.56
C VAL B 181 -51.83 -24.66 20.73
N LEU B 182 -52.82 -23.82 20.45
CA LEU B 182 -53.62 -23.22 21.51
C LEU B 182 -54.98 -23.88 21.65
N ASN B 183 -55.45 -23.97 22.89
CA ASN B 183 -56.83 -24.34 23.16
C ASN B 183 -57.69 -23.09 22.97
N MSE B 184 -58.46 -23.08 21.89
CA MSE B 184 -59.26 -21.90 21.53
C MSE B 184 -60.27 -21.54 22.62
O MSE B 184 -60.63 -20.38 22.77
CB MSE B 184 -59.98 -22.14 20.20
CG MSE B 184 -59.06 -22.37 19.02
SE MSE B 184 -60.02 -22.63 17.35
CE MSE B 184 -60.86 -20.87 17.23
N THR B 185 -60.71 -22.55 23.37
CA THR B 185 -61.69 -22.32 24.42
C THR B 185 -61.07 -21.65 25.64
N THR B 186 -60.00 -22.25 26.16
CA THR B 186 -59.40 -21.78 27.41
C THR B 186 -58.36 -20.68 27.22
N GLU B 187 -57.55 -20.79 26.16
CA GLU B 187 -56.43 -19.87 25.98
C GLU B 187 -56.75 -18.70 25.07
N LEU B 188 -57.77 -18.83 24.23
CA LEU B 188 -58.14 -17.75 23.32
C LEU B 188 -59.44 -17.09 23.71
N PHE B 189 -60.55 -17.84 23.60
CA PHE B 189 -61.88 -17.30 23.89
C PHE B 189 -62.01 -16.72 25.28
N GLU B 190 -61.72 -17.53 26.30
CA GLU B 190 -61.90 -17.12 27.69
C GLU B 190 -60.91 -16.06 28.13
N LYS B 191 -59.80 -15.92 27.41
CA LYS B 191 -58.78 -14.93 27.74
C LYS B 191 -58.87 -13.69 26.86
N ALA B 192 -59.87 -13.65 25.99
CA ALA B 192 -59.98 -12.58 25.00
C ALA B 192 -60.71 -11.35 25.54
N GLU B 193 -60.32 -10.18 25.06
CA GLU B 193 -61.02 -8.94 25.36
C GLU B 193 -62.44 -9.00 24.82
N LYS B 194 -63.31 -8.15 25.34
CA LYS B 194 -64.74 -8.19 25.04
C LYS B 194 -65.06 -8.09 23.54
N LYS B 195 -64.43 -7.14 22.86
CA LYS B 195 -64.72 -6.93 21.44
C LYS B 195 -64.22 -8.10 20.58
N LEU B 196 -63.16 -8.76 21.04
CA LEU B 196 -62.65 -9.95 20.36
C LEU B 196 -63.47 -11.19 20.70
N LYS B 197 -63.91 -11.26 21.96
CA LYS B 197 -64.67 -12.39 22.47
C LYS B 197 -65.95 -12.62 21.66
N LYS B 198 -66.59 -11.53 21.27
CA LYS B 198 -67.87 -11.58 20.58
C LYS B 198 -67.77 -12.01 19.12
N THR B 199 -66.56 -12.04 18.58
CA THR B 199 -66.36 -12.41 17.18
C THR B 199 -66.17 -13.92 17.04
N PHE B 200 -66.39 -14.65 18.14
CA PHE B 200 -66.29 -16.10 18.13
C PHE B 200 -67.65 -16.72 17.78
N PHE B 201 -67.60 -17.90 17.15
CA PHE B 201 -68.82 -18.61 16.77
C PHE B 201 -68.52 -20.05 16.38
N PHE B 202 -69.56 -20.84 16.15
CA PHE B 202 -69.39 -22.21 15.68
C PHE B 202 -69.80 -22.36 14.22
N SER B 203 -68.93 -22.97 13.43
CA SER B 203 -69.21 -23.24 12.03
C SER B 203 -70.27 -24.33 11.90
N PRO B 204 -70.87 -24.48 10.70
CA PRO B 204 -71.83 -25.57 10.48
C PRO B 204 -71.22 -26.95 10.73
N ALA B 205 -69.89 -27.05 10.66
CA ALA B 205 -69.17 -28.30 10.90
C ALA B 205 -68.85 -28.49 12.38
N LYS B 206 -69.41 -27.61 13.20
CA LYS B 206 -69.29 -27.64 14.66
C LYS B 206 -67.87 -27.35 15.11
N ASN B 207 -67.11 -26.69 14.24
CA ASN B 207 -65.78 -26.21 14.58
C ASN B 207 -65.82 -24.84 15.26
N PHE B 208 -64.89 -24.59 16.18
CA PHE B 208 -64.82 -23.32 16.88
C PHE B 208 -64.07 -22.31 16.02
N CYS B 209 -64.64 -21.11 15.88
CA CYS B 209 -64.10 -20.12 14.95
C CYS B 209 -64.14 -18.71 15.53
N PHE B 210 -63.23 -17.86 15.07
CA PHE B 210 -63.27 -16.44 15.41
C PHE B 210 -63.03 -15.58 14.18
N VAL B 211 -63.71 -14.43 14.14
CA VAL B 211 -63.58 -13.49 13.03
C VAL B 211 -62.51 -12.45 13.34
N SER B 212 -62.46 -12.06 14.61
CA SER B 212 -61.59 -10.98 15.09
C SER B 212 -61.92 -9.67 14.37
N ARG B 213 -61.03 -8.70 14.48
CA ARG B 213 -61.22 -7.42 13.80
C ARG B 213 -59.92 -6.94 13.17
N CYS B 214 -59.97 -6.66 11.87
CA CYS B 214 -58.82 -6.15 11.14
C CYS B 214 -59.26 -5.63 9.78
N ASP B 215 -58.32 -5.02 9.05
CA ASP B 215 -58.63 -4.43 7.76
C ASP B 215 -58.69 -5.46 6.65
N TYR B 216 -57.89 -6.51 6.77
CA TYR B 216 -57.74 -7.47 5.68
C TYR B 216 -58.50 -8.78 5.91
N TYR B 217 -59.77 -8.78 5.53
CA TYR B 217 -60.59 -9.99 5.49
C TYR B 217 -60.79 -10.67 6.85
N CYS B 218 -60.87 -9.86 7.91
CA CYS B 218 -61.42 -10.35 9.16
C CYS B 218 -62.94 -10.36 9.03
N ASP B 219 -63.45 -11.35 8.31
CA ASP B 219 -64.88 -11.52 8.12
C ASP B 219 -65.28 -12.98 8.31
N THR B 220 -66.58 -13.24 8.24
CA THR B 220 -67.12 -14.58 8.46
C THR B 220 -66.54 -15.61 7.50
N THR B 221 -66.46 -15.24 6.22
CA THR B 221 -65.96 -16.13 5.18
C THR B 221 -64.52 -16.59 5.43
N HIS B 222 -63.69 -15.69 5.95
CA HIS B 222 -62.28 -16.00 6.17
C HIS B 222 -61.95 -16.15 7.65
N ALA B 223 -62.93 -16.58 8.44
CA ALA B 223 -62.73 -16.80 9.86
C ALA B 223 -61.69 -17.90 10.10
N ILE B 224 -60.99 -17.80 11.22
CA ILE B 224 -60.02 -18.82 11.62
C ILE B 224 -60.74 -19.91 12.41
N CYS B 225 -60.57 -21.16 12.00
CA CYS B 225 -61.34 -22.25 12.58
C CYS B 225 -60.47 -23.42 13.01
N GLY B 226 -60.80 -24.01 14.16
CA GLY B 226 -60.10 -25.17 14.66
C GLY B 226 -60.73 -26.45 14.13
N LEU B 227 -60.23 -27.59 14.58
CA LEU B 227 -60.80 -28.88 14.19
C LEU B 227 -60.90 -29.86 15.36
N PRO B 228 -61.80 -29.59 16.32
CA PRO B 228 -62.73 -28.45 16.30
C PRO B 228 -62.27 -27.25 17.14
N ASP B 229 -61.43 -27.46 18.15
CA ASP B 229 -61.18 -26.43 19.14
C ASP B 229 -59.69 -26.14 19.38
N MSE B 230 -58.81 -26.77 18.63
CA MSE B 230 -57.39 -26.46 18.74
C MSE B 230 -56.94 -25.62 17.55
O MSE B 230 -57.50 -25.72 16.46
CB MSE B 230 -56.55 -27.74 18.84
CG MSE B 230 -56.22 -28.41 17.52
SE MSE B 230 -57.80 -29.11 16.62
CE MSE B 230 -58.53 -30.16 18.09
N LYS B 231 -55.92 -24.79 17.76
CA LYS B 231 -55.43 -23.93 16.70
C LYS B 231 -53.95 -23.64 16.84
N GLU B 232 -53.16 -24.16 15.91
CA GLU B 232 -51.74 -23.87 15.85
C GLU B 232 -51.54 -22.43 15.42
N GLY B 233 -50.43 -21.83 15.84
CA GLY B 233 -50.09 -20.49 15.40
C GLY B 233 -48.62 -20.21 15.64
N SER B 234 -48.14 -19.10 15.09
CA SER B 234 -46.78 -18.68 15.36
C SER B 234 -46.79 -17.72 16.55
N VAL B 235 -45.82 -17.90 17.44
CA VAL B 235 -45.73 -17.05 18.62
C VAL B 235 -44.37 -16.38 18.65
N GLN B 236 -44.38 -15.05 18.49
CA GLN B 236 -43.15 -14.28 18.36
C GLN B 236 -43.03 -13.30 19.51
N VAL B 237 -41.87 -13.32 20.18
CA VAL B 237 -41.62 -12.44 21.31
C VAL B 237 -41.80 -10.98 20.92
N PHE B 238 -42.48 -10.23 21.78
CA PHE B 238 -42.68 -8.81 21.56
C PHE B 238 -41.34 -8.09 21.50
N LEU B 239 -41.26 -7.09 20.64
CA LEU B 239 -40.09 -6.20 20.65
C LEU B 239 -40.09 -5.42 21.95
N PRO B 240 -38.90 -5.03 22.44
CA PRO B 240 -38.84 -4.23 23.66
C PRO B 240 -39.63 -2.93 23.49
N ASP B 241 -40.12 -2.38 24.59
CA ASP B 241 -40.98 -1.20 24.55
C ASP B 241 -40.29 -0.05 23.83
N GLU B 242 -41.09 0.72 23.08
CA GLU B 242 -40.56 1.80 22.25
C GLU B 242 -39.92 2.89 23.10
N SER B 243 -40.46 3.12 24.29
CA SER B 243 -39.94 4.11 25.22
C SER B 243 -38.49 3.84 25.62
N ALA B 244 -38.16 2.57 25.82
CA ALA B 244 -36.81 2.18 26.21
C ALA B 244 -35.91 2.01 24.99
N VAL B 245 -36.37 1.24 24.01
CA VAL B 245 -35.60 0.99 22.80
C VAL B 245 -36.37 1.47 21.57
N PRO B 246 -36.18 2.75 21.20
CA PRO B 246 -36.86 3.32 20.03
C PRO B 246 -36.42 2.64 18.74
N ARG B 247 -37.28 2.67 17.73
CA ARG B 247 -37.03 1.97 16.48
C ARG B 247 -37.28 2.85 15.26
N LYS B 248 -36.62 2.52 14.15
CA LYS B 248 -36.74 3.31 12.92
C LYS B 248 -37.50 2.55 11.84
N HIS B 249 -38.30 3.28 11.08
CA HIS B 249 -39.08 2.70 9.99
C HIS B 249 -38.64 3.35 8.68
N ASN B 250 -37.94 2.60 7.85
CA ASN B 250 -37.39 3.17 6.62
C ASN B 250 -37.94 2.51 5.35
N ARG B 251 -38.42 3.34 4.43
CA ARG B 251 -38.91 2.90 3.14
C ARG B 251 -37.79 2.29 2.31
N SER B 252 -38.07 1.14 1.69
CA SER B 252 -37.10 0.46 0.85
C SER B 252 -36.97 1.13 -0.52
N PRO B 253 -35.72 1.27 -1.00
CA PRO B 253 -35.47 1.77 -2.36
C PRO B 253 -35.91 0.75 -3.40
N TYR B 254 -36.09 -0.50 -2.98
CA TYR B 254 -36.58 -1.55 -3.85
C TYR B 254 -38.02 -1.91 -3.52
N ARG B 255 -38.75 -0.95 -2.96
CA ARG B 255 -40.19 -1.10 -2.75
C ARG B 255 -40.90 -1.37 -4.07
N ARG B 256 -41.85 -2.29 -4.06
CA ARG B 256 -42.59 -2.62 -5.26
C ARG B 256 -43.72 -1.60 -5.42
N THR B 257 -44.46 -1.66 -6.52
CA THR B 257 -45.46 -0.63 -6.83
C THR B 257 -46.77 -0.79 -6.05
N TYR B 258 -47.15 -2.04 -5.78
CA TYR B 258 -48.42 -2.35 -5.13
C TYR B 258 -49.60 -1.83 -5.93
N SER B 259 -49.57 -2.07 -7.24
CA SER B 259 -50.65 -1.71 -8.14
C SER B 259 -50.79 -2.76 -9.24
N LYS B 260 -52.02 -3.05 -9.66
CA LYS B 260 -52.26 -4.04 -10.71
C LYS B 260 -52.20 -3.47 -12.14
N LYS B 261 -52.30 -2.15 -12.27
CA LYS B 261 -52.09 -1.50 -13.56
C LYS B 261 -50.61 -1.32 -13.90
N ASN B 262 -49.93 -0.48 -13.16
CA ASN B 262 -48.49 -0.28 -13.35
C ASN B 262 -47.70 -1.22 -12.45
N GLN B 263 -47.32 -2.37 -13.00
CA GLN B 263 -46.72 -3.44 -12.20
C GLN B 263 -45.20 -3.41 -12.20
N VAL B 264 -44.61 -2.41 -12.85
CA VAL B 264 -43.16 -2.37 -13.03
C VAL B 264 -42.53 -1.13 -12.43
N ALA B 265 -41.87 -1.30 -11.29
CA ALA B 265 -41.11 -0.22 -10.67
C ALA B 265 -39.84 0.06 -11.46
N GLU B 266 -39.26 1.24 -11.26
CA GLU B 266 -38.04 1.64 -11.97
C GLU B 266 -36.91 0.62 -11.80
N TRP B 267 -36.73 0.11 -10.60
CA TRP B 267 -35.65 -0.83 -10.32
C TRP B 267 -35.84 -2.16 -11.03
N GLN B 268 -37.05 -2.40 -11.54
CA GLN B 268 -37.35 -3.62 -12.26
C GLN B 268 -37.04 -3.53 -13.74
N SER B 269 -36.92 -2.30 -14.26
CA SER B 269 -36.67 -2.11 -15.69
C SER B 269 -35.30 -1.52 -16.00
N SER B 270 -34.74 -0.75 -15.06
CA SER B 270 -33.44 -0.13 -15.26
C SER B 270 -32.35 -0.86 -14.48
N MSE B 271 -31.38 -1.39 -15.22
CA MSE B 271 -30.33 -2.23 -14.62
C MSE B 271 -29.38 -1.45 -13.71
O MSE B 271 -28.82 -2.01 -12.78
CB MSE B 271 -29.53 -2.91 -15.74
CG MSE B 271 -29.16 -1.99 -16.89
SE MSE B 271 -28.27 -2.92 -18.35
CE MSE B 271 -26.49 -3.11 -17.58
N ASN B 272 -29.21 -0.16 -13.99
CA ASN B 272 -28.27 0.66 -13.24
C ASN B 272 -28.90 1.42 -12.07
N TYR B 273 -30.09 0.99 -11.68
CA TYR B 273 -30.85 1.63 -10.60
C TYR B 273 -30.03 1.79 -9.31
N CYS B 274 -29.34 0.72 -8.92
CA CYS B 274 -28.55 0.73 -7.69
C CYS B 274 -27.42 1.74 -7.76
N THR B 275 -26.70 1.73 -8.88
CA THR B 275 -25.59 2.64 -9.12
C THR B 275 -26.04 4.11 -9.10
N ASP B 276 -27.12 4.40 -9.81
CA ASP B 276 -27.56 5.78 -10.00
C ASP B 276 -28.48 6.30 -8.90
N LYS B 277 -29.31 5.44 -8.32
CA LYS B 277 -30.37 5.92 -7.44
C LYS B 277 -30.27 5.54 -5.96
N VAL B 278 -29.48 4.53 -5.62
CA VAL B 278 -29.38 4.12 -4.21
C VAL B 278 -27.96 4.34 -3.66
N LYS B 279 -26.93 3.92 -4.39
CA LYS B 279 -25.56 4.12 -3.96
C LYS B 279 -25.21 5.61 -3.84
N THR B 280 -25.96 6.43 -4.56
CA THR B 280 -25.71 7.87 -4.57
C THR B 280 -26.51 8.59 -3.49
N LYS B 281 -27.39 7.85 -2.81
CA LYS B 281 -28.15 8.42 -1.71
C LYS B 281 -27.27 8.53 -0.48
N ARG B 282 -27.52 9.56 0.33
CA ARG B 282 -26.74 9.81 1.54
C ARG B 282 -26.69 8.61 2.50
N GLN B 283 -27.84 8.03 2.80
CA GLN B 283 -27.92 6.93 3.76
C GLN B 283 -27.21 5.64 3.33
N TYR B 284 -26.96 5.48 2.03
CA TYR B 284 -26.41 4.22 1.52
C TYR B 284 -24.97 4.33 1.03
N ALA B 285 -24.45 5.55 0.93
CA ALA B 285 -23.12 5.76 0.38
C ALA B 285 -22.02 5.20 1.29
N HIS B 286 -22.27 5.20 2.60
CA HIS B 286 -21.29 4.72 3.56
C HIS B 286 -21.93 4.02 4.75
N GLY B 287 -21.40 2.84 5.09
CA GLY B 287 -21.87 2.11 6.26
C GLY B 287 -22.18 0.65 5.97
N ARG B 288 -23.18 0.12 6.66
CA ARG B 288 -23.56 -1.28 6.54
C ARG B 288 -24.95 -1.43 5.95
N ARG B 289 -25.65 -0.30 5.81
CA ARG B 289 -27.03 -0.27 5.36
C ARG B 289 -27.25 -1.01 4.04
N LEU B 290 -26.42 -0.72 3.04
CA LEU B 290 -26.54 -1.36 1.74
C LEU B 290 -26.20 -2.85 1.80
N LEU B 291 -25.18 -3.19 2.58
CA LEU B 291 -24.81 -4.59 2.79
C LEU B 291 -25.93 -5.35 3.48
N ASP B 292 -26.64 -4.66 4.35
CA ASP B 292 -27.81 -5.23 5.02
C ASP B 292 -28.90 -5.54 4.00
N LEU B 293 -29.14 -4.59 3.10
CA LEU B 293 -30.16 -4.72 2.06
C LEU B 293 -29.90 -5.94 1.16
N VAL B 294 -28.63 -6.19 0.85
CA VAL B 294 -28.27 -7.36 0.06
C VAL B 294 -28.50 -8.63 0.86
N ASP B 295 -28.12 -8.61 2.12
CA ASP B 295 -28.30 -9.76 3.02
C ASP B 295 -29.77 -10.14 3.16
N ILE B 296 -30.61 -9.13 3.38
CA ILE B 296 -32.03 -9.36 3.63
C ILE B 296 -32.74 -9.78 2.35
N HIS B 297 -32.26 -9.31 1.20
CA HIS B 297 -32.84 -9.70 -0.09
C HIS B 297 -32.39 -11.10 -0.50
N ILE B 298 -31.22 -11.51 -0.01
CA ILE B 298 -30.76 -12.88 -0.21
C ILE B 298 -31.68 -13.81 0.58
N LEU B 299 -32.03 -13.39 1.79
CA LEU B 299 -32.95 -14.13 2.63
C LEU B 299 -34.34 -14.19 2.01
N ASP B 300 -34.82 -13.03 1.57
CA ASP B 300 -36.15 -12.93 0.96
C ASP B 300 -36.27 -13.74 -0.32
N TYR B 301 -35.18 -13.82 -1.09
CA TYR B 301 -35.19 -14.58 -2.33
C TYR B 301 -35.23 -16.09 -2.05
N LEU B 302 -34.51 -16.52 -1.02
CA LEU B 302 -34.50 -17.92 -0.61
C LEU B 302 -35.87 -18.38 -0.12
N ILE B 303 -36.61 -17.46 0.50
CA ILE B 303 -37.92 -17.78 1.06
C ILE B 303 -39.05 -17.32 0.15
N GLY B 304 -38.69 -16.61 -0.91
CA GLY B 304 -39.68 -16.12 -1.86
C GLY B 304 -40.52 -14.97 -1.33
N ASN B 305 -39.96 -14.20 -0.40
CA ASN B 305 -40.66 -13.05 0.16
C ASN B 305 -40.56 -11.84 -0.75
N GLN B 306 -41.72 -11.40 -1.25
CA GLN B 306 -41.76 -10.26 -2.17
C GLN B 306 -42.15 -8.97 -1.46
N ASP B 307 -42.60 -9.08 -0.22
CA ASP B 307 -43.28 -7.97 0.45
C ASP B 307 -42.35 -7.12 1.32
N ARG B 308 -41.10 -6.95 0.87
CA ARG B 308 -40.14 -6.15 1.62
C ARG B 308 -40.20 -4.69 1.20
N HIS B 309 -41.20 -3.97 1.71
CA HIS B 309 -41.41 -2.58 1.33
C HIS B 309 -40.74 -1.61 2.29
N HIS B 310 -40.59 -2.03 3.54
CA HIS B 310 -39.95 -1.19 4.56
C HIS B 310 -38.91 -1.98 5.33
N PHE B 311 -37.99 -1.27 5.98
CA PHE B 311 -37.01 -1.90 6.85
C PHE B 311 -37.21 -1.46 8.28
N GLU B 312 -36.89 -2.36 9.21
CA GLU B 312 -37.05 -2.07 10.63
C GLU B 312 -35.70 -2.16 11.31
N SER B 313 -35.40 -1.18 12.17
CA SER B 313 -34.13 -1.14 12.84
C SER B 313 -34.25 -0.52 14.22
N PHE B 314 -33.45 -1.01 15.16
CA PHE B 314 -33.35 -0.38 16.47
C PHE B 314 -32.64 0.96 16.32
N ASN B 315 -33.07 1.93 17.11
CA ASN B 315 -32.40 3.23 17.14
C ASN B 315 -32.03 3.55 18.56
N VAL B 316 -31.08 2.79 19.09
CA VAL B 316 -30.79 2.80 20.52
C VAL B 316 -29.29 2.83 20.80
N PHE B 317 -28.50 2.28 19.88
CA PHE B 317 -27.06 2.34 20.07
C PHE B 317 -26.55 3.65 19.50
N ASN B 318 -26.37 4.62 20.40
CA ASN B 318 -25.95 5.96 20.01
C ASN B 318 -24.59 5.95 19.31
N ASP B 319 -24.45 6.80 18.30
CA ASP B 319 -23.19 6.99 17.58
C ASP B 319 -22.70 5.76 16.82
N LEU B 320 -23.52 4.71 16.78
CA LEU B 320 -23.18 3.49 16.03
C LEU B 320 -24.21 3.25 14.94
N PRO B 321 -23.80 2.59 13.85
CA PRO B 321 -24.75 2.34 12.76
C PRO B 321 -25.73 1.21 13.09
N SER B 322 -26.98 1.39 12.71
CA SER B 322 -28.02 0.38 12.92
C SER B 322 -28.03 -0.66 11.81
N TYR B 323 -28.74 -1.76 12.04
CA TYR B 323 -28.88 -2.80 11.05
C TYR B 323 -30.37 -3.11 10.85
N ALA B 324 -30.71 -3.67 9.70
CA ALA B 324 -32.11 -3.98 9.42
C ALA B 324 -32.54 -5.22 10.19
N ILE B 325 -33.62 -5.09 10.96
CA ILE B 325 -34.20 -6.23 11.66
C ILE B 325 -34.98 -7.08 10.69
N HIS B 326 -34.62 -8.36 10.60
CA HIS B 326 -35.28 -9.28 9.68
C HIS B 326 -36.67 -9.64 10.22
N LEU B 327 -37.66 -8.86 9.79
CA LEU B 327 -39.03 -8.99 10.26
C LEU B 327 -40.01 -9.23 9.12
N ASP B 328 -41.27 -9.47 9.45
CA ASP B 328 -42.37 -9.60 8.49
C ASP B 328 -42.11 -10.64 7.41
N HIS B 329 -42.15 -11.91 7.80
CA HIS B 329 -41.91 -13.00 6.86
C HIS B 329 -43.17 -13.83 6.63
N GLY B 330 -44.32 -13.26 6.99
CA GLY B 330 -45.59 -13.96 6.85
C GLY B 330 -45.93 -14.35 5.42
N ARG B 331 -45.41 -13.59 4.45
CA ARG B 331 -45.70 -13.84 3.04
C ARG B 331 -44.54 -14.57 2.36
N ALA B 332 -43.81 -15.37 3.12
CA ALA B 332 -42.74 -16.19 2.57
C ALA B 332 -43.21 -17.62 2.31
N PHE B 333 -42.43 -18.35 1.52
CA PHE B 333 -42.69 -19.77 1.24
C PHE B 333 -44.06 -20.02 0.63
N GLY B 334 -44.49 -19.11 -0.23
CA GLY B 334 -45.78 -19.24 -0.89
C GLY B 334 -45.77 -20.17 -2.09
N ARG B 335 -44.61 -20.27 -2.75
CA ARG B 335 -44.50 -21.08 -3.95
C ARG B 335 -43.23 -21.92 -3.94
N SER B 336 -43.37 -23.20 -4.26
CA SER B 336 -42.23 -24.12 -4.30
C SER B 336 -41.73 -24.32 -5.72
N ASP B 337 -42.52 -23.88 -6.70
CA ASP B 337 -42.19 -24.10 -8.10
C ASP B 337 -41.86 -22.81 -8.82
N PHE B 338 -41.70 -21.73 -8.05
CA PHE B 338 -41.45 -20.42 -8.63
C PHE B 338 -40.40 -19.62 -7.85
N ASP B 339 -39.39 -19.16 -8.56
CA ASP B 339 -38.39 -18.26 -7.98
C ASP B 339 -38.57 -16.85 -8.56
N ASP B 340 -38.80 -15.88 -7.69
CA ASP B 340 -38.97 -14.50 -8.14
C ASP B 340 -37.62 -13.80 -8.14
N ASP B 341 -36.96 -13.82 -9.29
CA ASP B 341 -35.61 -13.27 -9.43
C ASP B 341 -35.56 -11.75 -9.27
N ASP B 342 -36.72 -11.11 -9.27
CA ASP B 342 -36.80 -9.67 -9.01
C ASP B 342 -36.32 -9.35 -7.60
N ILE B 343 -36.50 -10.30 -6.68
CA ILE B 343 -36.13 -10.11 -5.28
C ILE B 343 -34.61 -10.04 -5.09
N ILE B 344 -33.86 -10.83 -5.85
CA ILE B 344 -32.41 -10.89 -5.71
C ILE B 344 -31.71 -9.87 -6.60
N LEU B 345 -32.49 -8.98 -7.22
CA LEU B 345 -31.95 -7.91 -8.05
C LEU B 345 -30.95 -6.98 -7.33
N PRO B 346 -31.18 -6.63 -6.05
CA PRO B 346 -30.17 -5.82 -5.36
C PRO B 346 -28.77 -6.42 -5.35
N LEU B 347 -28.66 -7.74 -5.21
CA LEU B 347 -27.36 -8.40 -5.28
C LEU B 347 -26.71 -8.17 -6.64
N ARG B 348 -27.51 -8.30 -7.70
CA ARG B 348 -27.00 -8.18 -9.07
C ARG B 348 -26.72 -6.73 -9.48
N GLN B 349 -27.51 -5.80 -8.95
CA GLN B 349 -27.35 -4.40 -9.32
C GLN B 349 -26.27 -3.69 -8.50
N CYS B 350 -26.24 -3.94 -7.20
CA CYS B 350 -25.29 -3.28 -6.31
C CYS B 350 -23.92 -3.96 -6.36
N CYS B 351 -23.94 -5.29 -6.46
CA CYS B 351 -22.73 -6.11 -6.52
C CYS B 351 -21.76 -5.88 -5.35
N ILE B 352 -22.31 -5.67 -4.16
CA ILE B 352 -21.50 -5.75 -2.95
C ILE B 352 -22.07 -6.85 -2.06
N LEU B 353 -21.21 -7.48 -1.26
CA LEU B 353 -21.62 -8.65 -0.50
C LEU B 353 -20.73 -8.88 0.72
N ARG B 354 -21.36 -8.95 1.88
CA ARG B 354 -20.65 -9.20 3.14
C ARG B 354 -19.90 -10.53 3.08
N PRO B 355 -18.60 -10.50 3.40
CA PRO B 355 -17.69 -11.65 3.27
C PRO B 355 -18.16 -12.89 4.04
N SER B 356 -18.71 -12.69 5.23
CA SER B 356 -19.21 -13.80 6.03
C SER B 356 -20.38 -14.48 5.34
N THR B 357 -21.24 -13.69 4.71
CA THR B 357 -22.38 -14.21 3.96
C THR B 357 -21.89 -15.11 2.83
N PHE B 358 -20.85 -14.67 2.13
CA PHE B 358 -20.31 -15.42 1.00
C PHE B 358 -19.80 -16.79 1.42
N GLN B 359 -19.03 -16.84 2.52
CA GLN B 359 -18.50 -18.10 3.02
C GLN B 359 -19.64 -19.03 3.43
N THR B 360 -20.60 -18.48 4.17
CA THR B 360 -21.81 -19.20 4.52
C THR B 360 -22.50 -19.71 3.27
N LEU B 361 -22.71 -18.83 2.29
CA LEU B 361 -23.31 -19.19 1.01
C LEU B 361 -22.43 -20.12 0.16
N MSE B 362 -21.16 -20.23 0.51
CA MSE B 362 -20.24 -21.09 -0.24
C MSE B 362 -20.21 -22.53 0.31
O MSE B 362 -20.19 -23.49 -0.46
CB MSE B 362 -18.83 -20.51 -0.23
CG MSE B 362 -17.78 -21.40 -0.86
SE MSE B 362 -18.19 -21.84 -2.71
CE MSE B 362 -18.34 -20.03 -3.40
N ASN B 363 -20.19 -22.66 1.63
CA ASN B 363 -20.06 -23.95 2.30
C ASN B 363 -21.24 -24.90 2.01
N PHE B 364 -22.45 -24.37 2.11
CA PHE B 364 -23.66 -25.14 1.83
C PHE B 364 -23.72 -25.51 0.35
N TYR B 365 -23.36 -24.55 -0.49
CA TYR B 365 -23.41 -24.73 -1.94
C TYR B 365 -22.49 -25.86 -2.39
N SER B 366 -21.32 -25.97 -1.76
CA SER B 366 -20.33 -26.96 -2.13
C SER B 366 -20.80 -28.37 -1.80
N THR B 367 -21.79 -28.46 -0.92
CA THR B 367 -22.41 -29.74 -0.59
C THR B 367 -23.92 -29.68 -0.78
N PRO B 368 -24.39 -30.18 -1.93
CA PRO B 368 -25.83 -30.16 -2.25
C PRO B 368 -26.69 -30.74 -1.13
N LYS B 369 -27.86 -30.14 -0.92
CA LYS B 369 -28.84 -30.53 0.09
C LYS B 369 -28.42 -30.21 1.54
N SER B 370 -27.25 -29.60 1.74
CA SER B 370 -26.78 -29.35 3.09
C SER B 370 -27.50 -28.20 3.78
N LEU B 371 -27.82 -27.15 3.02
CA LEU B 371 -28.52 -26.00 3.57
C LEU B 371 -29.90 -26.40 4.11
N THR B 372 -30.67 -27.10 3.29
CA THR B 372 -32.01 -27.53 3.68
C THR B 372 -31.93 -28.60 4.76
N LYS B 373 -30.85 -29.37 4.75
CA LYS B 373 -30.60 -30.34 5.81
C LYS B 373 -30.30 -29.58 7.11
N ALA B 374 -29.49 -28.52 6.98
CA ALA B 374 -29.18 -27.65 8.11
C ALA B 374 -30.41 -26.91 8.60
N LEU B 375 -31.37 -26.70 7.72
CA LEU B 375 -32.63 -26.07 8.08
C LEU B 375 -33.58 -27.04 8.80
N HIS B 376 -33.66 -28.26 8.28
CA HIS B 376 -34.60 -29.27 8.78
C HIS B 376 -34.48 -29.65 10.24
N GLU B 377 -33.26 -29.95 10.69
CA GLU B 377 -33.02 -30.36 12.06
C GLU B 377 -33.37 -29.22 13.02
N SER B 378 -33.10 -28.00 12.60
CA SER B 378 -33.42 -26.83 13.42
C SER B 378 -34.93 -26.69 13.55
N LEU B 379 -35.63 -26.84 12.42
CA LEU B 379 -37.08 -26.74 12.44
C LEU B 379 -37.72 -27.84 13.30
N SER B 380 -37.08 -29.00 13.30
CA SER B 380 -37.58 -30.15 14.06
C SER B 380 -37.69 -29.91 15.56
N LYS B 381 -36.84 -29.05 16.11
CA LYS B 381 -36.87 -28.79 17.54
C LYS B 381 -38.05 -27.89 17.90
N ASP B 382 -38.63 -27.25 16.90
CA ASP B 382 -39.84 -26.45 17.11
C ASP B 382 -40.99 -27.41 17.36
N PRO B 383 -41.78 -27.15 18.41
CA PRO B 383 -42.86 -28.06 18.83
C PRO B 383 -43.94 -28.29 17.77
N ALA B 384 -44.01 -27.41 16.78
CA ALA B 384 -45.04 -27.50 15.76
C ALA B 384 -44.56 -28.14 14.45
N HIS B 385 -43.38 -28.78 14.48
CA HIS B 385 -42.84 -29.41 13.28
C HIS B 385 -43.77 -30.53 12.79
N PRO B 386 -43.79 -30.80 11.48
CA PRO B 386 -43.03 -30.14 10.40
C PRO B 386 -43.47 -28.70 10.13
N ILE B 387 -42.49 -27.81 9.99
CA ILE B 387 -42.76 -26.40 9.74
C ILE B 387 -42.99 -26.13 8.26
N LEU B 388 -42.16 -26.75 7.42
CA LEU B 388 -42.25 -26.57 5.98
C LEU B 388 -42.58 -27.87 5.26
N ALA B 389 -43.38 -27.78 4.20
CA ALA B 389 -43.55 -28.91 3.30
C ALA B 389 -42.21 -29.18 2.65
N TYR B 390 -41.88 -30.46 2.48
CA TYR B 390 -40.55 -30.86 2.04
C TYR B 390 -40.23 -30.39 0.63
N LYS B 391 -41.26 -30.09 -0.16
CA LYS B 391 -41.09 -29.63 -1.53
C LYS B 391 -40.39 -28.28 -1.62
N HIS B 392 -40.33 -27.56 -0.52
CA HIS B 392 -39.66 -26.26 -0.48
C HIS B 392 -38.14 -26.42 -0.40
N TYR B 393 -37.69 -27.58 0.04
CA TYR B 393 -36.27 -27.85 0.17
C TYR B 393 -35.51 -27.83 -1.17
N PRO B 394 -36.00 -28.57 -2.20
CA PRO B 394 -35.28 -28.46 -3.47
C PRO B 394 -35.33 -27.05 -4.07
N ALA B 395 -36.39 -26.31 -3.76
CA ALA B 395 -36.54 -24.94 -4.24
C ALA B 395 -35.45 -24.03 -3.67
N MSE B 396 -35.16 -24.18 -2.39
CA MSE B 396 -34.15 -23.37 -1.72
C MSE B 396 -32.75 -23.72 -2.21
O MSE B 396 -31.86 -22.86 -2.24
CB MSE B 396 -34.24 -23.53 -0.21
CG MSE B 396 -35.58 -23.12 0.37
SE MSE B 396 -35.68 -23.36 2.30
CE MSE B 396 -34.25 -22.15 2.81
N GLU B 397 -32.55 -24.98 -2.58
CA GLU B 397 -31.30 -25.41 -3.17
C GLU B 397 -31.14 -24.82 -4.57
N ARG B 398 -32.24 -24.81 -5.31
CA ARG B 398 -32.26 -24.23 -6.65
C ARG B 398 -32.01 -22.74 -6.61
N ARG B 399 -32.58 -22.07 -5.61
CA ARG B 399 -32.42 -20.63 -5.45
C ARG B 399 -31.02 -20.28 -4.98
N LEU B 400 -30.45 -21.14 -4.12
CA LEU B 400 -29.09 -20.97 -3.65
C LEU B 400 -28.10 -20.98 -4.80
N ALA B 401 -28.27 -21.94 -5.71
CA ALA B 401 -27.41 -22.07 -6.88
C ALA B 401 -27.46 -20.82 -7.75
N LYS B 402 -28.65 -20.26 -7.94
CA LYS B 402 -28.80 -19.05 -8.72
C LYS B 402 -28.14 -17.84 -8.06
N ILE B 403 -28.18 -17.81 -6.73
CA ILE B 403 -27.53 -16.74 -5.97
C ILE B 403 -26.02 -16.72 -6.23
N MSE B 404 -25.42 -17.90 -6.23
CA MSE B 404 -23.98 -18.02 -6.43
C MSE B 404 -23.56 -17.53 -7.82
O MSE B 404 -22.50 -16.92 -7.97
CB MSE B 404 -23.52 -19.46 -6.22
CG MSE B 404 -23.90 -20.05 -4.87
SE MSE B 404 -23.52 -18.83 -3.39
CE MSE B 404 -21.62 -18.54 -3.70
N SER B 405 -24.40 -17.80 -8.81
CA SER B 405 -24.14 -17.37 -10.17
C SER B 405 -24.11 -15.84 -10.24
N HIS B 406 -25.03 -15.19 -9.53
CA HIS B 406 -25.08 -13.74 -9.48
C HIS B 406 -23.86 -13.18 -8.75
N ILE B 407 -23.38 -13.95 -7.78
CA ILE B 407 -22.18 -13.56 -7.03
C ILE B 407 -20.96 -13.66 -7.93
N LEU B 408 -20.90 -14.75 -8.70
CA LEU B 408 -19.83 -14.96 -9.66
C LEU B 408 -19.78 -13.84 -10.70
N GLU B 409 -20.96 -13.36 -11.09
CA GLU B 409 -21.06 -12.29 -12.07
C GLU B 409 -20.50 -10.97 -11.55
N CYS B 410 -20.74 -10.69 -10.28
CA CYS B 410 -20.19 -9.50 -9.64
C CYS B 410 -18.67 -9.60 -9.55
N PHE B 411 -18.18 -10.81 -9.31
CA PHE B 411 -16.75 -11.08 -9.25
C PHE B 411 -16.11 -10.85 -10.61
N GLU B 412 -16.81 -11.24 -11.67
CA GLU B 412 -16.29 -11.12 -13.03
C GLU B 412 -16.43 -9.72 -13.61
N SER B 413 -17.47 -9.00 -13.23
CA SER B 413 -17.69 -7.67 -13.78
C SER B 413 -16.88 -6.62 -13.03
N ARG B 414 -16.96 -6.66 -11.71
CA ARG B 414 -16.21 -5.74 -10.86
C ARG B 414 -15.17 -6.56 -10.12
N GLY B 415 -14.20 -5.90 -9.48
CA GLY B 415 -13.14 -6.62 -8.80
C GLY B 415 -13.66 -7.44 -7.63
N VAL B 416 -12.98 -8.56 -7.36
CA VAL B 416 -13.40 -9.46 -6.29
C VAL B 416 -13.17 -8.76 -4.96
N ALA B 417 -12.18 -7.87 -4.96
CA ALA B 417 -11.80 -7.10 -3.79
C ALA B 417 -12.80 -5.97 -3.57
N GLU B 418 -13.62 -5.73 -4.60
CA GLU B 418 -14.60 -4.66 -4.57
C GLU B 418 -16.01 -5.18 -4.25
N VAL B 419 -16.21 -6.48 -4.44
CA VAL B 419 -17.49 -7.09 -4.08
C VAL B 419 -17.50 -7.51 -2.61
N LEU B 420 -16.49 -8.29 -2.23
CA LEU B 420 -16.40 -8.83 -0.87
C LEU B 420 -15.81 -7.82 0.11
N VAL B 421 -16.65 -6.91 0.58
CA VAL B 421 -16.20 -5.89 1.52
C VAL B 421 -16.99 -5.96 2.83
N ALA B 422 -16.31 -5.65 3.93
CA ALA B 422 -16.93 -5.74 5.25
C ALA B 422 -17.72 -4.47 5.54
N GLU B 423 -17.36 -3.40 4.84
CA GLU B 423 -18.09 -2.14 4.88
C GLU B 423 -18.11 -1.52 3.50
N TYR B 424 -19.19 -0.83 3.16
CA TYR B 424 -19.27 -0.18 1.87
C TYR B 424 -18.89 1.29 1.94
N ASN B 425 -18.03 1.70 1.03
CA ASN B 425 -17.60 3.08 0.91
C ASN B 425 -17.67 3.51 -0.54
N ASN B 426 -18.43 4.56 -0.81
CA ASN B 426 -18.58 5.07 -2.16
C ASN B 426 -17.61 6.23 -2.43
N PRO B 427 -16.61 5.98 -3.30
CA PRO B 427 -15.60 6.97 -3.72
C PRO B 427 -16.20 8.27 -4.22
N ASP B 428 -17.34 8.18 -4.88
CA ASP B 428 -17.95 9.32 -5.54
C ASP B 428 -18.74 10.18 -4.56
N PRO C 3 12.12 39.01 -33.36
CA PRO C 3 12.06 37.60 -32.96
C PRO C 3 10.67 37.20 -32.47
N HIS C 4 10.21 36.02 -32.88
CA HIS C 4 8.91 35.51 -32.45
C HIS C 4 8.94 35.09 -30.99
N GLN C 5 10.05 34.49 -30.57
CA GLN C 5 10.29 34.23 -29.16
C GLN C 5 11.30 35.22 -28.61
N PRO C 6 10.82 36.32 -28.00
CA PRO C 6 11.68 37.41 -27.53
C PRO C 6 12.35 37.12 -26.19
N ILE C 7 13.25 38.00 -25.79
CA ILE C 7 13.89 37.91 -24.48
C ILE C 7 12.85 38.13 -23.38
N PRO C 8 13.17 37.69 -22.15
CA PRO C 8 12.33 38.07 -21.01
C PRO C 8 12.26 39.59 -20.87
N PRO C 9 11.04 40.15 -20.79
CA PRO C 9 10.81 41.59 -20.73
C PRO C 9 11.59 42.29 -19.61
N SER C 10 11.83 41.58 -18.51
CA SER C 10 12.61 42.11 -17.41
C SER C 10 14.05 42.39 -17.82
N LEU C 11 14.53 41.63 -18.80
CA LEU C 11 15.90 41.80 -19.30
C LEU C 11 15.95 42.75 -20.49
N GLY C 12 14.82 43.36 -20.82
CA GLY C 12 14.72 44.28 -21.93
C GLY C 12 14.64 45.71 -21.47
N GLU C 13 14.38 46.63 -22.40
CA GLU C 13 14.25 48.05 -22.06
C GLU C 13 13.08 48.25 -21.10
N LYS C 14 13.36 48.93 -19.99
CA LYS C 14 12.39 49.12 -18.93
C LYS C 14 11.23 50.01 -19.38
N ASP C 15 10.01 49.50 -19.28
CA ASP C 15 8.84 50.30 -19.64
C ASP C 15 8.55 51.31 -18.53
N LEU C 16 8.68 52.59 -18.85
CA LEU C 16 8.49 53.65 -17.86
C LEU C 16 7.12 54.30 -17.97
N SER C 17 6.32 53.84 -18.92
CA SER C 17 5.00 54.42 -19.17
C SER C 17 4.04 54.17 -18.01
N ASP C 18 3.03 55.03 -17.89
CA ASP C 18 2.03 54.88 -16.85
C ASP C 18 1.05 53.78 -17.24
N PRO C 19 1.01 52.70 -16.45
CA PRO C 19 0.15 51.54 -16.74
C PRO C 19 -1.34 51.84 -16.60
N PHE C 20 -1.69 53.01 -16.09
CA PHE C 20 -3.09 53.36 -15.85
C PHE C 20 -3.45 54.71 -16.46
N ASN C 21 -2.81 55.06 -17.56
CA ASN C 21 -3.12 56.27 -18.31
C ASN C 21 -4.25 56.01 -19.31
N PHE C 22 -5.26 55.24 -18.88
CA PHE C 22 -6.41 54.96 -19.73
C PHE C 22 -7.69 55.54 -19.15
N LEU C 23 -8.65 55.81 -20.04
CA LEU C 23 -9.93 56.40 -19.65
C LEU C 23 -10.95 55.35 -19.23
N PHE C 24 -11.57 55.55 -18.07
CA PHE C 24 -12.64 54.68 -17.62
C PHE C 24 -13.79 55.53 -17.07
N SER C 25 -14.90 54.90 -16.71
CA SER C 25 -16.06 55.63 -16.20
C SER C 25 -16.21 55.59 -14.68
N SER C 26 -16.79 56.65 -14.13
CA SER C 26 -17.02 56.76 -12.69
C SER C 26 -18.51 56.88 -12.39
N ASN C 27 -19.34 56.44 -13.33
CA ASN C 27 -20.80 56.49 -13.17
C ASN C 27 -21.27 55.60 -12.02
N LYS C 28 -21.87 56.23 -11.02
CA LYS C 28 -22.28 55.60 -9.76
C LYS C 28 -23.68 55.00 -9.72
N ILE C 29 -24.43 55.09 -10.81
CA ILE C 29 -25.81 54.61 -10.81
C ILE C 29 -25.92 53.10 -10.52
N THR C 30 -25.18 52.28 -11.24
CA THR C 30 -25.16 50.84 -10.97
C THR C 30 -24.69 50.58 -9.53
N LEU C 31 -23.65 51.29 -9.13
CA LEU C 31 -23.08 51.18 -7.78
C LEU C 31 -24.09 51.46 -6.68
N ARG C 32 -24.83 52.55 -6.83
CA ARG C 32 -25.79 53.00 -5.82
C ARG C 32 -27.00 52.08 -5.74
N LYS C 33 -27.45 51.57 -6.90
CA LYS C 33 -28.55 50.60 -6.92
C LYS C 33 -28.16 49.30 -6.21
N LEU C 34 -26.91 48.88 -6.39
CA LEU C 34 -26.41 47.67 -5.75
C LEU C 34 -26.26 47.84 -4.25
N TYR C 35 -25.77 49.01 -3.83
CA TYR C 35 -25.63 49.32 -2.42
C TYR C 35 -26.98 49.36 -1.73
N ASP C 36 -27.92 50.08 -2.34
CA ASP C 36 -29.25 50.27 -1.79
C ASP C 36 -29.97 48.94 -1.55
N LEU C 37 -29.82 48.02 -2.50
CA LEU C 37 -30.48 46.72 -2.41
C LEU C 37 -29.83 45.78 -1.41
N THR C 38 -28.70 46.19 -0.83
CA THR C 38 -27.91 45.29 0.01
C THR C 38 -27.50 45.90 1.35
N LYS C 39 -27.90 47.14 1.60
CA LYS C 39 -27.52 47.85 2.81
C LYS C 39 -28.09 47.22 4.09
N ASN C 40 -29.08 46.34 3.94
CA ASN C 40 -29.69 45.66 5.08
C ASN C 40 -29.31 44.19 5.16
N VAL C 41 -28.36 43.79 4.34
CA VAL C 41 -27.87 42.41 4.34
C VAL C 41 -26.84 42.21 5.44
N ASP C 42 -27.05 41.18 6.26
CA ASP C 42 -26.12 40.88 7.35
C ASP C 42 -24.95 40.08 6.82
N PHE C 43 -23.95 40.78 6.30
CA PHE C 43 -22.79 40.14 5.68
C PHE C 43 -21.92 39.44 6.71
N ASP C 44 -21.79 40.02 7.90
CA ASP C 44 -20.95 39.48 8.95
C ASP C 44 -21.33 38.05 9.33
N GLN C 45 -22.62 37.80 9.52
CA GLN C 45 -23.09 36.47 9.87
C GLN C 45 -23.04 35.53 8.66
N LEU C 46 -23.27 36.10 7.48
CA LEU C 46 -23.24 35.32 6.24
C LEU C 46 -21.82 34.84 5.92
N ARG C 47 -20.85 35.75 6.01
CA ARG C 47 -19.46 35.40 5.75
C ARG C 47 -19.00 34.29 6.70
N GLN C 48 -19.58 34.26 7.89
CA GLN C 48 -19.19 33.31 8.91
C GLN C 48 -19.75 31.91 8.62
N ASN C 49 -20.58 31.83 7.58
CA ASN C 49 -21.19 30.56 7.18
C ASN C 49 -20.62 30.03 5.87
N GLU C 50 -19.79 30.84 5.22
CA GLU C 50 -19.20 30.46 3.95
C GLU C 50 -18.20 29.32 4.12
N CYS C 51 -17.57 29.28 5.29
CA CYS C 51 -16.62 28.23 5.61
C CYS C 51 -17.10 27.45 6.83
N LYS C 52 -17.36 26.15 6.63
CA LYS C 52 -17.87 25.29 7.70
C LYS C 52 -16.89 25.23 8.86
N LYS C 53 -15.77 24.55 8.66
CA LYS C 53 -14.74 24.46 9.68
C LYS C 53 -13.38 24.87 9.11
N ASN C 54 -12.77 25.88 9.70
CA ASN C 54 -11.47 26.33 9.23
C ASN C 54 -10.36 25.51 9.89
N ILE C 55 -9.91 24.47 9.20
CA ILE C 55 -8.85 23.63 9.72
C ILE C 55 -7.75 23.40 8.68
N THR C 56 -6.50 23.38 9.13
CA THR C 56 -5.36 23.14 8.24
C THR C 56 -5.10 21.65 8.10
N LEU C 57 -4.15 21.29 7.24
CA LEU C 57 -3.84 19.89 7.01
C LEU C 57 -3.09 19.28 8.19
N SER C 58 -2.27 20.09 8.84
CA SER C 58 -1.50 19.64 10.00
C SER C 58 -2.45 19.48 11.18
N LYS C 59 -3.34 20.46 11.33
CA LYS C 59 -4.34 20.48 12.39
C LYS C 59 -5.34 19.33 12.19
N PHE C 60 -5.42 18.84 10.96
CA PHE C 60 -6.32 17.74 10.63
C PHE C 60 -5.84 16.45 11.29
N TRP C 61 -4.52 16.32 11.44
CA TRP C 61 -3.96 15.14 12.09
C TRP C 61 -4.19 15.21 13.59
N GLU C 71 8.89 20.67 9.10
CA GLU C 71 8.72 21.96 8.44
C GLU C 71 10.07 22.65 8.22
N ASP C 72 10.98 21.95 7.56
CA ASP C 72 12.30 22.48 7.26
C ASP C 72 12.28 23.50 6.12
N ASP C 73 11.36 23.35 5.18
CA ASP C 73 11.29 24.28 4.05
C ASP C 73 9.90 24.82 3.79
N ASN C 74 9.82 25.82 2.90
CA ASN C 74 8.58 26.51 2.61
C ASN C 74 7.56 25.65 1.85
N TRP C 75 8.04 24.58 1.22
CA TRP C 75 7.15 23.61 0.60
C TRP C 75 6.31 22.94 1.67
N GLU C 76 7.00 22.43 2.69
CA GLU C 76 6.36 21.73 3.80
C GLU C 76 5.46 22.66 4.60
N ARG C 77 5.88 23.90 4.75
CA ARG C 77 5.06 24.90 5.44
C ARG C 77 3.80 25.22 4.64
N PHE C 78 3.94 25.22 3.31
CA PHE C 78 2.79 25.41 2.43
C PHE C 78 1.83 24.22 2.47
N TYR C 79 2.39 23.02 2.34
CA TYR C 79 1.61 21.79 2.38
C TYR C 79 0.83 21.66 3.68
N SER C 80 1.49 21.98 4.79
CA SER C 80 0.88 21.86 6.12
C SER C 80 -0.30 22.82 6.29
N ASN C 81 -0.18 24.01 5.71
CA ASN C 81 -1.21 25.04 5.87
C ASN C 81 -2.28 25.02 4.79
N ILE C 82 -2.31 23.97 3.97
CA ILE C 82 -3.40 23.80 3.02
C ILE C 82 -4.69 23.60 3.79
N GLY C 83 -5.59 24.58 3.70
CA GLY C 83 -6.79 24.59 4.53
C GLY C 83 -8.00 23.95 3.89
N SER C 84 -9.09 23.88 4.65
CA SER C 84 -10.32 23.25 4.21
C SER C 84 -11.21 24.19 3.42
N CYS C 85 -10.93 25.48 3.49
CA CYS C 85 -11.73 26.47 2.79
C CYS C 85 -10.85 27.42 1.97
N SER C 86 -9.56 27.11 1.91
CA SER C 86 -8.60 27.90 1.15
C SER C 86 -7.30 27.12 0.99
N VAL C 87 -6.58 27.38 -0.09
CA VAL C 87 -5.31 26.71 -0.33
C VAL C 87 -4.23 27.28 0.60
N TYR C 88 -4.28 28.59 0.84
CA TYR C 88 -3.34 29.25 1.73
C TYR C 88 -3.96 30.51 2.35
N SER C 89 -3.48 30.90 3.52
CA SER C 89 -3.95 32.13 4.16
C SER C 89 -2.81 33.01 4.66
N ASP C 90 -1.57 32.55 4.49
CA ASP C 90 -0.42 33.28 4.98
C ASP C 90 0.40 33.74 3.80
N ASP C 91 0.16 34.99 3.39
CA ASP C 91 0.76 35.55 2.19
C ASP C 91 2.27 35.70 2.29
N GLN C 92 2.77 36.03 3.47
CA GLN C 92 4.18 36.30 3.65
C GLN C 92 5.04 35.05 3.46
N MSE C 93 4.62 33.94 4.06
CA MSE C 93 5.37 32.69 3.94
C MSE C 93 5.20 32.12 2.53
O MSE C 93 6.04 31.36 2.05
CB MSE C 93 4.94 31.67 4.99
CG MSE C 93 3.63 30.96 4.71
SE MSE C 93 3.84 29.33 3.66
CE MSE C 93 2.00 28.67 3.79
N ILE C 94 4.09 32.49 1.88
CA ILE C 94 3.86 32.09 0.50
C ILE C 94 4.79 32.90 -0.40
N ASP C 95 4.90 34.21 -0.11
CA ASP C 95 5.86 35.07 -0.80
C ASP C 95 7.28 34.55 -0.61
N ASN C 96 7.52 33.91 0.52
CA ASN C 96 8.81 33.25 0.77
C ASN C 96 8.96 32.03 -0.12
N LEU C 97 7.87 31.28 -0.27
CA LEU C 97 7.84 30.12 -1.15
C LEU C 97 8.05 30.54 -2.60
N LEU C 98 7.42 31.64 -2.98
CA LEU C 98 7.59 32.21 -4.32
C LEU C 98 9.06 32.55 -4.59
N HIS C 99 9.68 33.23 -3.63
CA HIS C 99 11.09 33.56 -3.72
C HIS C 99 11.97 32.32 -3.87
N ASP C 100 11.61 31.26 -3.13
CA ASP C 100 12.35 30.02 -3.19
C ASP C 100 12.19 29.31 -4.52
N LEU C 101 10.98 29.36 -5.07
CA LEU C 101 10.70 28.75 -6.36
C LEU C 101 11.52 29.43 -7.45
N ASN C 102 11.77 30.72 -7.27
CA ASN C 102 12.57 31.50 -8.22
C ASN C 102 14.08 31.28 -8.11
N THR C 103 14.57 31.04 -6.90
CA THR C 103 16.02 31.05 -6.66
C THR C 103 16.66 29.69 -6.36
N SER C 104 15.86 28.74 -5.88
CA SER C 104 16.41 27.43 -5.50
C SER C 104 17.11 26.72 -6.65
N PRO C 105 18.28 26.13 -6.37
CA PRO C 105 19.07 25.41 -7.38
C PRO C 105 18.36 24.15 -7.88
N ILE C 106 18.45 23.91 -9.18
CA ILE C 106 17.78 22.77 -9.79
C ILE C 106 18.70 21.55 -9.90
N LYS C 107 18.22 20.41 -9.42
CA LYS C 107 18.99 19.16 -9.47
C LYS C 107 18.65 18.37 -10.72
N HIS C 108 17.36 18.19 -10.98
CA HIS C 108 16.91 17.42 -12.12
C HIS C 108 15.81 18.15 -12.89
N VAL C 109 15.77 17.93 -14.20
CA VAL C 109 14.67 18.40 -15.02
C VAL C 109 14.09 17.20 -15.78
N HIS C 110 12.81 16.93 -15.57
CA HIS C 110 12.16 15.82 -16.24
C HIS C 110 10.93 16.30 -17.00
N ILE C 111 10.60 15.59 -18.07
CA ILE C 111 9.41 15.87 -18.84
C ILE C 111 8.15 15.37 -18.15
N MSE C 112 7.23 16.30 -17.86
CA MSE C 112 5.96 15.93 -17.23
C MSE C 112 5.10 15.11 -18.17
O MSE C 112 4.88 15.48 -19.32
CB MSE C 112 5.21 17.19 -16.79
CG MSE C 112 5.47 17.59 -15.35
SE MSE C 112 3.80 17.92 -14.39
CE MSE C 112 2.92 16.21 -14.74
N ASP C 113 4.60 13.98 -17.68
CA ASP C 113 3.81 13.06 -18.49
C ASP C 113 2.35 13.48 -18.56
N GLY C 114 1.92 14.36 -17.65
CA GLY C 114 0.53 14.69 -17.51
C GLY C 114 0.11 16.00 -18.16
N GLY C 115 -0.60 15.89 -19.28
CA GLY C 115 -1.13 17.04 -19.98
C GLY C 115 -0.98 16.94 -21.48
N THR C 116 -0.93 18.11 -22.14
CA THR C 116 -0.90 18.17 -23.59
C THR C 116 0.30 18.96 -24.09
N GLN C 117 0.45 20.18 -23.61
CA GLN C 117 1.53 21.07 -24.02
C GLN C 117 2.79 20.89 -23.18
N VAL C 118 3.90 21.44 -23.67
CA VAL C 118 5.21 21.27 -23.05
C VAL C 118 5.26 21.70 -21.58
N LYS C 119 5.71 20.79 -20.73
CA LYS C 119 5.86 21.07 -19.30
C LYS C 119 6.99 20.27 -18.69
N PHE C 120 7.75 20.91 -17.80
CA PHE C 120 8.81 20.22 -17.08
C PHE C 120 8.45 20.09 -15.62
N VAL C 121 8.97 19.05 -14.97
CA VAL C 121 8.96 18.98 -13.51
C VAL C 121 10.37 19.29 -13.00
N PHE C 122 10.49 20.34 -12.19
CA PHE C 122 11.77 20.68 -11.59
C PHE C 122 11.95 19.93 -10.28
N THR C 123 13.06 19.21 -10.15
CA THR C 123 13.45 18.65 -8.87
C THR C 123 14.63 19.43 -8.33
N PHE C 124 14.42 20.14 -7.24
CA PHE C 124 15.46 21.00 -6.69
C PHE C 124 16.40 20.17 -5.82
N LYS C 125 17.51 20.79 -5.42
CA LYS C 125 18.50 20.12 -4.58
C LYS C 125 17.91 19.62 -3.26
N ASN C 126 16.98 20.40 -2.70
CA ASN C 126 16.28 19.98 -1.49
C ASN C 126 15.24 18.88 -1.74
N ASP C 127 15.25 18.34 -2.95
CA ASP C 127 14.34 17.27 -3.38
C ASP C 127 12.86 17.65 -3.42
N LYS C 128 12.55 18.92 -3.18
CA LYS C 128 11.20 19.42 -3.43
C LYS C 128 11.02 19.64 -4.92
N GLN C 129 9.78 19.81 -5.38
CA GLN C 129 9.51 19.85 -6.80
C GLN C 129 8.58 20.98 -7.24
N ALA C 130 8.61 21.28 -8.54
CA ALA C 130 7.77 22.33 -9.11
C ALA C 130 7.43 22.03 -10.58
N VAL C 131 6.37 22.67 -11.07
CA VAL C 131 5.97 22.54 -12.48
C VAL C 131 6.49 23.73 -13.28
N PHE C 132 7.20 23.45 -14.36
CA PHE C 132 7.76 24.50 -15.21
C PHE C 132 7.08 24.59 -16.58
N LYS C 133 6.64 25.80 -16.93
CA LYS C 133 6.09 26.07 -18.25
C LYS C 133 6.89 27.20 -18.91
N PRO C 134 7.53 26.91 -20.05
CA PRO C 134 8.41 27.86 -20.73
C PRO C 134 7.68 29.00 -21.43
N MSE C 135 8.30 30.17 -21.45
CA MSE C 135 7.78 31.32 -22.18
C MSE C 135 7.85 31.07 -23.68
O MSE C 135 8.75 30.38 -24.16
CB MSE C 135 8.57 32.59 -21.82
CG MSE C 135 8.25 33.82 -22.64
SE MSE C 135 9.23 35.39 -22.04
CE MSE C 135 8.66 36.65 -23.42
N ARG C 136 6.90 31.63 -24.43
CA ARG C 136 6.90 31.44 -25.88
C ARG C 136 6.97 32.80 -26.56
N PHE C 137 5.83 33.47 -26.67
CA PHE C 137 5.77 34.78 -27.31
C PHE C 137 5.88 35.90 -26.28
N GLY C 138 5.97 37.13 -26.78
CA GLY C 138 6.03 38.31 -25.92
C GLY C 138 4.70 38.61 -25.25
N ARG C 139 4.72 39.59 -24.35
CA ARG C 139 3.53 39.98 -23.59
C ARG C 139 2.45 40.59 -24.48
N ASP C 140 2.85 41.12 -25.64
CA ASP C 140 1.93 41.83 -26.51
C ASP C 140 1.15 40.89 -27.43
N TYR C 141 1.60 39.65 -27.55
CA TYR C 141 0.95 38.67 -28.41
C TYR C 141 -0.49 38.40 -27.98
N GLU C 142 -1.40 38.42 -28.94
CA GLU C 142 -2.80 38.10 -28.66
C GLU C 142 -3.19 36.87 -29.47
N SER C 143 -4.10 36.07 -28.91
CA SER C 143 -4.54 34.84 -29.55
C SER C 143 -5.25 35.12 -30.88
N ASP C 144 -5.03 34.25 -31.85
CA ASP C 144 -5.70 34.31 -33.14
C ASP C 144 -7.21 34.27 -32.96
N PRO C 145 -7.93 35.25 -33.53
CA PRO C 145 -9.39 35.30 -33.45
C PRO C 145 -10.06 34.07 -34.07
N ASN C 146 -9.36 33.40 -34.97
CA ASN C 146 -9.87 32.19 -35.61
C ASN C 146 -9.58 30.93 -34.78
N HIS C 147 -8.75 31.08 -33.75
CA HIS C 147 -8.37 29.96 -32.91
C HIS C 147 -9.44 29.64 -31.85
N PHE C 148 -9.82 28.37 -31.78
CA PHE C 148 -10.67 27.89 -30.71
C PHE C 148 -9.92 27.83 -29.38
N TYR C 149 -10.65 27.69 -28.29
CA TYR C 149 -10.07 27.55 -26.96
C TYR C 149 -9.14 26.35 -26.87
N PHE C 150 -9.42 25.32 -27.66
CA PHE C 150 -8.60 24.10 -27.63
C PHE C 150 -7.43 24.16 -28.62
N SER C 151 -7.27 25.29 -29.29
CA SER C 151 -6.17 25.46 -30.23
C SER C 151 -5.13 26.47 -29.72
N ASP C 152 -5.47 27.18 -28.66
CA ASP C 152 -4.62 28.24 -28.13
C ASP C 152 -3.36 27.70 -27.45
N PHE C 153 -2.22 28.26 -27.81
CA PHE C 153 -0.95 27.95 -27.13
C PHE C 153 -0.97 28.55 -25.73
N GLU C 154 -0.43 27.82 -24.76
CA GLU C 154 -0.37 28.30 -23.38
C GLU C 154 0.52 29.54 -23.24
N ARG C 155 0.15 30.39 -22.30
CA ARG C 155 0.97 31.55 -21.94
C ARG C 155 1.42 31.41 -20.48
N HIS C 156 2.73 31.27 -20.29
CA HIS C 156 3.31 31.06 -18.97
C HIS C 156 2.98 32.20 -18.02
N HIS C 157 2.90 33.42 -18.56
CA HIS C 157 2.67 34.61 -17.74
C HIS C 157 1.21 34.70 -17.31
N ALA C 158 0.35 33.90 -17.93
CA ALA C 158 -1.06 33.85 -17.54
C ALA C 158 -1.21 33.03 -16.26
N GLU C 159 -0.39 32.00 -16.13
CA GLU C 159 -0.34 31.19 -14.92
C GLU C 159 0.04 32.04 -13.71
N ILE C 160 1.06 32.89 -13.89
CA ILE C 160 1.51 33.79 -12.84
C ILE C 160 0.46 34.84 -12.50
N ALA C 161 -0.01 35.54 -13.53
CA ALA C 161 -0.96 36.63 -13.38
C ALA C 161 -2.25 36.22 -12.66
N THR C 162 -2.76 35.03 -12.98
CA THR C 162 -4.04 34.59 -12.43
C THR C 162 -3.91 34.21 -10.96
N PHE C 163 -2.78 33.62 -10.60
CA PHE C 163 -2.50 33.31 -9.20
C PHE C 163 -2.56 34.56 -8.33
N HIS C 164 -1.93 35.63 -8.81
CA HIS C 164 -1.95 36.91 -8.11
C HIS C 164 -3.35 37.51 -8.04
N LEU C 165 -4.09 37.43 -9.14
CA LEU C 165 -5.46 37.94 -9.17
C LEU C 165 -6.33 37.15 -8.19
N ASP C 166 -6.03 35.86 -8.06
CA ASP C 166 -6.74 34.99 -7.12
C ASP C 166 -6.50 35.45 -5.69
N ARG C 167 -5.33 36.04 -5.45
CA ARG C 167 -5.00 36.62 -4.16
C ARG C 167 -5.77 37.92 -3.95
N VAL C 168 -5.71 38.78 -4.97
CA VAL C 168 -6.34 40.09 -4.94
C VAL C 168 -7.85 40.00 -4.70
N LEU C 169 -8.48 38.96 -5.25
CA LEU C 169 -9.91 38.77 -5.10
C LEU C 169 -10.24 38.14 -3.75
N GLY C 170 -9.21 37.74 -3.02
CA GLY C 170 -9.37 37.22 -1.68
C GLY C 170 -9.77 35.76 -1.65
N PHE C 171 -9.61 35.09 -2.79
CA PHE C 171 -9.93 33.67 -2.86
C PHE C 171 -8.84 32.83 -2.20
N ARG C 172 -7.59 33.06 -2.61
CA ARG C 172 -6.45 32.28 -2.13
C ARG C 172 -6.68 30.77 -2.29
N ARG C 173 -7.25 30.39 -3.43
CA ARG C 173 -7.48 28.98 -3.74
C ARG C 173 -6.68 28.58 -4.97
N ALA C 174 -5.74 29.43 -5.37
CA ALA C 174 -4.84 29.13 -6.48
C ALA C 174 -3.53 28.56 -5.96
N ILE C 175 -2.72 28.02 -6.88
CA ILE C 175 -1.45 27.39 -6.51
C ILE C 175 -0.30 28.37 -6.74
N PRO C 176 0.56 28.56 -5.71
CA PRO C 176 1.70 29.48 -5.77
C PRO C 176 2.54 29.31 -7.04
N THR C 177 2.65 30.40 -7.81
CA THR C 177 3.37 30.38 -9.07
C THR C 177 4.22 31.63 -9.23
N VAL C 178 5.46 31.45 -9.66
CA VAL C 178 6.37 32.57 -9.81
C VAL C 178 7.08 32.53 -11.16
N GLY C 179 7.49 33.71 -11.65
CA GLY C 179 8.29 33.79 -12.85
C GLY C 179 9.75 33.50 -12.55
N ARG C 180 10.46 32.98 -13.55
CA ARG C 180 11.87 32.67 -13.38
C ARG C 180 12.60 32.63 -14.72
N VAL C 181 13.69 33.39 -14.81
CA VAL C 181 14.53 33.37 -16.00
C VAL C 181 15.65 32.34 -15.81
N LEU C 182 15.63 31.31 -16.63
CA LEU C 182 16.57 30.21 -16.49
C LEU C 182 17.70 30.24 -17.50
N ASN C 183 18.87 29.79 -17.07
CA ASN C 183 19.97 29.52 -17.99
C ASN C 183 19.73 28.15 -18.63
N MSE C 184 19.47 28.16 -19.93
CA MSE C 184 19.13 26.93 -20.65
C MSE C 184 20.26 25.91 -20.64
O MSE C 184 20.00 24.70 -20.61
CB MSE C 184 18.74 27.26 -22.08
CG MSE C 184 17.50 28.13 -22.22
SE MSE C 184 17.01 28.37 -24.08
CE MSE C 184 16.83 26.50 -24.59
N THR C 185 21.49 26.39 -20.67
CA THR C 185 22.64 25.49 -20.71
C THR C 185 22.85 24.77 -19.38
N THR C 186 22.92 25.53 -18.30
CA THR C 186 23.26 24.95 -17.00
C THR C 186 22.08 24.41 -16.20
N GLU C 187 20.94 25.09 -16.27
CA GLU C 187 19.80 24.72 -15.43
C GLU C 187 18.78 23.82 -16.13
N LEU C 188 18.78 23.82 -17.46
CA LEU C 188 17.84 22.99 -18.21
C LEU C 188 18.55 21.84 -18.90
N PHE C 189 19.39 22.17 -19.88
CA PHE C 189 20.09 21.15 -20.66
C PHE C 189 20.92 20.19 -19.81
N GLU C 190 21.82 20.73 -18.99
CA GLU C 190 22.72 19.92 -18.19
C GLU C 190 22.01 19.18 -17.05
N LYS C 191 20.83 19.66 -16.68
CA LYS C 191 20.07 19.05 -15.59
C LYS C 191 18.95 18.14 -16.09
N ALA C 192 18.85 18.00 -17.40
CA ALA C 192 17.73 17.27 -18.00
C ALA C 192 17.98 15.78 -18.10
N GLU C 193 16.91 15.00 -17.99
CA GLU C 193 16.96 13.56 -18.23
C GLU C 193 17.34 13.31 -19.69
N LYS C 194 17.79 12.08 -19.97
CA LYS C 194 18.36 11.75 -21.27
C LYS C 194 17.45 12.06 -22.46
N LYS C 195 16.20 11.62 -22.37
CA LYS C 195 15.26 11.77 -23.48
C LYS C 195 14.88 13.22 -23.71
N LEU C 196 14.96 14.03 -22.66
CA LEU C 196 14.73 15.45 -22.80
C LEU C 196 15.98 16.13 -23.35
N LYS C 197 17.15 15.66 -22.90
CA LYS C 197 18.44 16.25 -23.30
C LYS C 197 18.67 16.19 -24.79
N LYS C 198 18.26 15.09 -25.39
CA LYS C 198 18.52 14.85 -26.80
C LYS C 198 17.63 15.68 -27.72
N THR C 199 16.60 16.30 -27.17
CA THR C 199 15.68 17.09 -27.97
C THR C 199 16.15 18.54 -28.08
N PHE C 200 17.36 18.80 -27.61
CA PHE C 200 17.95 20.13 -27.68
C PHE C 200 18.72 20.33 -28.98
N PHE C 201 18.76 21.56 -29.46
CA PHE C 201 19.48 21.88 -30.69
C PHE C 201 19.68 23.38 -30.83
N PHE C 202 20.45 23.78 -31.85
CA PHE C 202 20.64 25.18 -32.15
C PHE C 202 19.89 25.57 -33.42
N SER C 203 19.14 26.66 -33.35
CA SER C 203 18.42 27.18 -34.50
C SER C 203 19.41 27.76 -35.51
N PRO C 204 18.97 27.99 -36.76
CA PRO C 204 19.85 28.65 -37.73
C PRO C 204 20.29 30.04 -37.26
N ALA C 205 19.54 30.62 -36.33
CA ALA C 205 19.88 31.93 -35.76
C ALA C 205 20.81 31.77 -34.57
N LYS C 206 21.27 30.54 -34.34
CA LYS C 206 22.23 30.18 -33.30
C LYS C 206 21.64 30.35 -31.90
N ASN C 207 20.32 30.34 -31.80
CA ASN C 207 19.65 30.34 -30.51
C ASN C 207 19.52 28.92 -29.98
N PHE C 208 19.57 28.76 -28.67
CA PHE C 208 19.44 27.45 -28.05
C PHE C 208 17.97 27.07 -27.96
N CYS C 209 17.65 25.85 -28.39
CA CYS C 209 16.26 25.43 -28.50
C CYS C 209 16.07 23.99 -28.01
N PHE C 210 14.88 23.70 -27.52
CA PHE C 210 14.52 22.32 -27.20
C PHE C 210 13.11 22.01 -27.70
N VAL C 211 12.92 20.76 -28.14
CA VAL C 211 11.64 20.31 -28.66
C VAL C 211 10.78 19.64 -27.59
N SER C 212 11.45 18.88 -26.73
CA SER C 212 10.79 18.04 -25.73
C SER C 212 9.84 17.06 -26.41
N ARG C 213 8.97 16.42 -25.64
CA ARG C 213 7.97 15.52 -26.20
C ARG C 213 6.63 15.68 -25.51
N CYS C 214 5.59 15.90 -26.31
CA CYS C 214 4.23 16.03 -25.80
C CYS C 214 3.27 15.90 -26.98
N ASP C 215 1.97 15.89 -26.68
CA ASP C 215 0.98 15.69 -27.71
C ASP C 215 0.72 16.94 -28.52
N TYR C 216 0.85 18.11 -27.90
CA TYR C 216 0.46 19.35 -28.56
C TYR C 216 1.67 20.14 -29.06
N TYR C 217 2.10 19.81 -30.27
CA TYR C 217 3.10 20.57 -31.01
C TYR C 217 4.46 20.68 -30.33
N CYS C 218 4.87 19.62 -29.65
CA CYS C 218 6.27 19.48 -29.28
C CYS C 218 7.05 19.01 -30.50
N ASP C 219 7.30 19.92 -31.43
CA ASP C 219 8.05 19.61 -32.65
C ASP C 219 9.07 20.71 -32.97
N THR C 220 9.86 20.48 -34.02
CA THR C 220 10.90 21.41 -34.42
C THR C 220 10.37 22.80 -34.74
N THR C 221 9.27 22.86 -35.49
CA THR C 221 8.68 24.12 -35.90
C THR C 221 8.24 24.96 -34.69
N HIS C 222 7.72 24.30 -33.67
CA HIS C 222 7.22 24.99 -32.49
C HIS C 222 8.12 24.80 -31.28
N ALA C 223 9.41 24.60 -31.55
CA ALA C 223 10.40 24.44 -30.49
C ALA C 223 10.50 25.69 -29.62
N ILE C 224 10.83 25.50 -28.35
CA ILE C 224 11.07 26.62 -27.45
C ILE C 224 12.51 27.08 -27.57
N CYS C 225 12.70 28.37 -27.82
CA CYS C 225 14.03 28.89 -28.12
C CYS C 225 14.39 30.10 -27.28
N GLY C 226 15.64 30.18 -26.85
CA GLY C 226 16.12 31.31 -26.08
C GLY C 226 16.65 32.38 -27.00
N LEU C 227 17.21 33.44 -26.44
CA LEU C 227 17.79 34.51 -27.24
C LEU C 227 19.11 35.02 -26.66
N PRO C 228 20.17 34.20 -26.70
CA PRO C 228 20.19 32.86 -27.29
C PRO C 228 20.02 31.71 -26.29
N ASP C 229 20.38 31.94 -25.02
CA ASP C 229 20.49 30.83 -24.07
C ASP C 229 19.74 31.04 -22.77
N MSE C 230 18.89 32.05 -22.71
CA MSE C 230 18.05 32.24 -21.53
C MSE C 230 16.58 32.04 -21.90
O MSE C 230 16.16 32.32 -23.03
CB MSE C 230 18.26 33.63 -20.91
CG MSE C 230 17.50 34.76 -21.59
SE MSE C 230 18.09 35.09 -23.41
CE MSE C 230 19.98 35.41 -23.05
N LYS C 231 15.80 31.54 -20.95
CA LYS C 231 14.39 31.27 -21.18
C LYS C 231 13.57 31.47 -19.92
N GLU C 232 12.71 32.49 -19.94
CA GLU C 232 11.79 32.74 -18.84
C GLU C 232 10.74 31.65 -18.82
N GLY C 233 10.18 31.38 -17.64
CA GLY C 233 9.09 30.43 -17.53
C GLY C 233 8.32 30.62 -16.25
N SER C 234 7.18 29.93 -16.14
CA SER C 234 6.42 29.95 -14.91
C SER C 234 6.85 28.79 -14.03
N VAL C 235 7.00 29.05 -12.74
CA VAL C 235 7.42 28.03 -11.79
C VAL C 235 6.37 27.90 -10.70
N GLN C 236 5.71 26.74 -10.67
CA GLN C 236 4.59 26.52 -9.77
C GLN C 236 4.90 25.40 -8.79
N VAL C 237 4.70 25.66 -7.50
CA VAL C 237 4.97 24.67 -6.48
C VAL C 237 4.15 23.41 -6.73
N PHE C 238 4.80 22.25 -6.61
CA PHE C 238 4.12 20.97 -6.78
C PHE C 238 3.01 20.81 -5.75
N LEU C 239 1.90 20.19 -6.17
CA LEU C 239 0.86 19.81 -5.23
C LEU C 239 1.38 18.68 -4.34
N PRO C 240 0.87 18.60 -3.11
CA PRO C 240 1.29 17.50 -2.22
C PRO C 240 0.96 16.14 -2.83
N ASP C 241 1.72 15.11 -2.46
CA ASP C 241 1.55 13.79 -3.06
C ASP C 241 0.13 13.28 -2.88
N GLU C 242 -0.40 12.63 -3.92
CA GLU C 242 -1.78 12.15 -3.92
C GLU C 242 -2.03 11.07 -2.87
N SER C 243 -1.02 10.24 -2.62
CA SER C 243 -1.14 9.18 -1.62
C SER C 243 -1.44 9.78 -0.24
N ALA C 244 -0.84 10.93 0.04
CA ALA C 244 -1.06 11.63 1.30
C ALA C 244 -2.28 12.53 1.18
N VAL C 245 -2.32 13.33 0.11
CA VAL C 245 -3.43 14.25 -0.12
C VAL C 245 -4.12 13.94 -1.45
N PRO C 246 -5.13 13.05 -1.41
CA PRO C 246 -5.87 12.62 -2.61
C PRO C 246 -6.65 13.77 -3.26
N ARG C 247 -6.90 13.68 -4.56
CA ARG C 247 -7.63 14.75 -5.23
C ARG C 247 -8.72 14.18 -6.11
N LYS C 248 -9.75 14.99 -6.39
CA LYS C 248 -10.85 14.58 -7.24
C LYS C 248 -10.86 15.37 -8.56
N HIS C 249 -11.22 14.70 -9.64
CA HIS C 249 -11.27 15.33 -10.96
C HIS C 249 -12.70 15.25 -11.50
N ASN C 250 -13.38 16.40 -11.54
CA ASN C 250 -14.78 16.44 -11.94
C ASN C 250 -15.06 17.27 -13.19
N ARG C 251 -15.81 16.66 -14.11
CA ARG C 251 -16.25 17.33 -15.33
C ARG C 251 -17.14 18.53 -15.01
N SER C 252 -16.89 19.64 -15.68
CA SER C 252 -17.68 20.86 -15.48
C SER C 252 -19.03 20.77 -16.18
N PRO C 253 -20.09 21.22 -15.49
CA PRO C 253 -21.41 21.29 -16.12
C PRO C 253 -21.44 22.34 -17.22
N TYR C 254 -20.47 23.26 -17.18
CA TYR C 254 -20.31 24.27 -18.22
C TYR C 254 -19.10 23.97 -19.08
N ARG C 255 -18.77 22.69 -19.16
CA ARG C 255 -17.76 22.22 -20.11
C ARG C 255 -18.15 22.63 -21.51
N ARG C 256 -17.18 23.10 -22.29
CA ARG C 256 -17.48 23.46 -23.66
C ARG C 256 -17.51 22.22 -24.53
N THR C 257 -17.87 22.41 -25.79
CA THR C 257 -18.11 21.30 -26.68
C THR C 257 -16.80 20.73 -27.24
N TYR C 258 -15.80 21.58 -27.43
CA TYR C 258 -14.51 21.18 -28.00
C TYR C 258 -14.65 20.53 -29.38
N SER C 259 -15.48 21.14 -30.22
CA SER C 259 -15.65 20.71 -31.61
C SER C 259 -15.91 21.92 -32.51
N LYS C 260 -15.37 21.88 -33.73
CA LYS C 260 -15.60 22.98 -34.67
C LYS C 260 -16.85 22.79 -35.52
N LYS C 261 -17.39 21.57 -35.55
CA LYS C 261 -18.66 21.29 -36.23
C LYS C 261 -19.86 21.73 -35.40
N ASN C 262 -20.12 21.03 -34.30
CA ASN C 262 -21.20 21.41 -33.41
C ASN C 262 -20.64 22.31 -32.32
N GLN C 263 -20.72 23.62 -32.51
CA GLN C 263 -20.01 24.56 -31.64
C GLN C 263 -20.82 25.11 -30.47
N VAL C 264 -22.06 24.64 -30.32
CA VAL C 264 -22.95 25.19 -29.31
C VAL C 264 -23.39 24.16 -28.29
N ALA C 265 -22.84 24.27 -27.08
CA ALA C 265 -23.26 23.41 -25.98
C ALA C 265 -24.64 23.85 -25.49
N GLU C 266 -25.32 22.95 -24.79
CA GLU C 266 -26.66 23.22 -24.27
C GLU C 266 -26.73 24.50 -23.46
N TRP C 267 -25.75 24.73 -22.60
CA TRP C 267 -25.74 25.90 -21.73
C TRP C 267 -25.52 27.21 -22.50
N GLN C 268 -25.07 27.10 -23.74
CA GLN C 268 -24.84 28.28 -24.57
C GLN C 268 -26.10 28.72 -25.32
N SER C 269 -27.08 27.83 -25.44
CA SER C 269 -28.30 28.15 -26.16
C SER C 269 -29.50 28.23 -25.23
N SER C 270 -29.45 27.49 -24.13
CA SER C 270 -30.53 27.46 -23.16
C SER C 270 -30.15 28.26 -21.91
N MSE C 271 -30.88 29.34 -21.64
CA MSE C 271 -30.58 30.19 -20.50
C MSE C 271 -31.05 29.57 -19.19
O MSE C 271 -30.69 30.05 -18.10
CB MSE C 271 -31.20 31.58 -20.67
CG MSE C 271 -30.63 32.38 -21.84
SE MSE C 271 -28.70 32.62 -21.72
CE MSE C 271 -28.14 31.25 -22.99
N ASN C 272 -31.85 28.53 -19.28
CA ASN C 272 -32.39 27.87 -18.10
C ASN C 272 -31.58 26.64 -17.73
N TYR C 273 -30.39 26.52 -18.33
CA TYR C 273 -29.51 25.38 -18.11
C TYR C 273 -29.18 25.13 -16.64
N CYS C 274 -28.83 26.19 -15.91
CA CYS C 274 -28.45 26.07 -14.51
C CYS C 274 -29.62 25.60 -13.65
N THR C 275 -30.78 26.20 -13.86
CA THR C 275 -31.99 25.86 -13.13
C THR C 275 -32.38 24.40 -13.32
N ASP C 276 -32.39 23.95 -14.58
CA ASP C 276 -32.87 22.61 -14.90
C ASP C 276 -31.82 21.52 -14.79
N LYS C 277 -30.57 21.84 -15.11
CA LYS C 277 -29.54 20.81 -15.26
C LYS C 277 -28.41 20.86 -14.24
N VAL C 278 -28.26 21.97 -13.53
CA VAL C 278 -27.18 22.08 -12.56
C VAL C 278 -27.70 22.16 -11.14
N LYS C 279 -28.66 23.05 -10.90
CA LYS C 279 -29.28 23.18 -9.59
C LYS C 279 -30.01 21.91 -9.16
N THR C 280 -30.37 21.09 -10.14
CA THR C 280 -31.12 19.87 -9.87
C THR C 280 -30.22 18.64 -9.65
N LYS C 281 -28.93 18.79 -9.88
CA LYS C 281 -27.99 17.70 -9.64
C LYS C 281 -27.68 17.58 -8.15
N ARG C 282 -27.47 16.35 -7.70
CA ARG C 282 -27.16 16.06 -6.30
C ARG C 282 -25.93 16.83 -5.80
N GLN C 283 -24.85 16.79 -6.59
CA GLN C 283 -23.60 17.42 -6.19
C GLN C 283 -23.72 18.94 -6.05
N TYR C 284 -24.70 19.53 -6.73
CA TYR C 284 -24.84 20.98 -6.75
C TYR C 284 -26.10 21.45 -6.00
N ALA C 285 -26.96 20.51 -5.64
CA ALA C 285 -28.23 20.85 -5.01
C ALA C 285 -28.03 21.41 -3.61
N HIS C 286 -26.97 20.96 -2.93
CA HIS C 286 -26.70 21.40 -1.58
C HIS C 286 -25.20 21.52 -1.34
N GLY C 287 -24.78 22.65 -0.78
CA GLY C 287 -23.38 22.83 -0.45
C GLY C 287 -22.75 24.12 -0.96
N ARG C 288 -21.48 24.03 -1.31
CA ARG C 288 -20.69 25.18 -1.75
C ARG C 288 -20.27 25.05 -3.22
N ARG C 289 -20.52 23.88 -3.80
CA ARG C 289 -20.08 23.56 -5.15
C ARG C 289 -20.49 24.60 -6.20
N LEU C 290 -21.77 24.97 -6.20
CA LEU C 290 -22.29 25.94 -7.16
C LEU C 290 -21.71 27.32 -6.91
N LEU C 291 -21.55 27.68 -5.64
CA LEU C 291 -20.96 28.96 -5.28
C LEU C 291 -19.50 29.04 -5.72
N ASP C 292 -18.81 27.91 -5.67
CA ASP C 292 -17.44 27.82 -6.16
C ASP C 292 -17.40 28.03 -7.67
N LEU C 293 -18.32 27.35 -8.36
CA LEU C 293 -18.42 27.43 -9.82
C LEU C 293 -18.66 28.87 -10.29
N VAL C 294 -19.48 29.60 -9.56
CA VAL C 294 -19.73 31.01 -9.87
C VAL C 294 -18.49 31.84 -9.63
N ASP C 295 -17.80 31.56 -8.52
CA ASP C 295 -16.57 32.27 -8.18
C ASP C 295 -15.48 32.07 -9.23
N ILE C 296 -15.29 30.84 -9.65
CA ILE C 296 -14.21 30.50 -10.59
C ILE C 296 -14.50 31.02 -12.00
N HIS C 297 -15.78 31.09 -12.37
CA HIS C 297 -16.16 31.64 -13.66
C HIS C 297 -16.08 33.15 -13.67
N ILE C 298 -16.23 33.76 -12.49
CA ILE C 298 -16.01 35.19 -12.35
C ILE C 298 -14.53 35.48 -12.61
N LEU C 299 -13.68 34.61 -12.08
CA LEU C 299 -12.24 34.71 -12.29
C LEU C 299 -11.89 34.51 -13.76
N ASP C 300 -12.45 33.46 -14.36
CA ASP C 300 -12.19 33.13 -15.75
C ASP C 300 -12.66 34.21 -16.72
N TYR C 301 -13.76 34.87 -16.38
CA TYR C 301 -14.29 35.94 -17.23
C TYR C 301 -13.40 37.17 -17.19
N LEU C 302 -12.87 37.46 -16.00
CA LEU C 302 -11.96 38.58 -15.81
C LEU C 302 -10.66 38.38 -16.59
N ILE C 303 -10.24 37.13 -16.70
CA ILE C 303 -8.99 36.80 -17.38
C ILE C 303 -9.21 36.27 -18.80
N GLY C 304 -10.47 36.08 -19.17
CA GLY C 304 -10.81 35.59 -20.49
C GLY C 304 -10.48 34.13 -20.72
N ASN C 305 -10.46 33.34 -19.65
CA ASN C 305 -10.16 31.92 -19.74
C ASN C 305 -11.38 31.10 -20.17
N GLN C 306 -11.29 30.46 -21.33
CA GLN C 306 -12.40 29.67 -21.86
C GLN C 306 -12.24 28.17 -21.61
N ASP C 307 -11.06 27.75 -21.16
CA ASP C 307 -10.71 26.33 -21.15
C ASP C 307 -10.98 25.65 -19.82
N ARG C 308 -12.05 26.05 -19.14
CA ARG C 308 -12.42 25.44 -17.86
C ARG C 308 -13.34 24.25 -18.09
N HIS C 309 -12.78 23.11 -18.47
CA HIS C 309 -13.57 21.93 -18.78
C HIS C 309 -13.73 20.98 -17.59
N HIS C 310 -12.76 21.00 -16.68
CA HIS C 310 -12.81 20.17 -15.48
C HIS C 310 -12.47 20.97 -14.22
N PHE C 311 -12.88 20.46 -13.08
CA PHE C 311 -12.51 21.07 -11.81
C PHE C 311 -11.62 20.11 -11.03
N GLU C 312 -10.70 20.68 -10.24
CA GLU C 312 -9.79 19.88 -9.43
C GLU C 312 -9.99 20.24 -7.97
N SER C 313 -10.05 19.23 -7.11
CA SER C 313 -10.33 19.46 -5.70
C SER C 313 -9.62 18.46 -4.80
N PHE C 314 -9.22 18.91 -3.61
CA PHE C 314 -8.65 18.01 -2.61
C PHE C 314 -9.71 17.07 -2.04
N ASN C 315 -9.31 15.84 -1.74
CA ASN C 315 -10.20 14.88 -1.11
C ASN C 315 -9.55 14.25 0.13
N VAL C 316 -9.41 15.05 1.18
CA VAL C 316 -8.63 14.64 2.35
C VAL C 316 -9.36 14.99 3.64
N PHE C 317 -10.22 16.00 3.58
CA PHE C 317 -11.03 16.43 4.71
C PHE C 317 -12.33 15.62 4.77
N ASN C 318 -12.41 14.74 5.75
CA ASN C 318 -13.53 13.79 5.90
C ASN C 318 -14.92 14.41 5.84
N ASP C 319 -15.38 14.96 6.97
CA ASP C 319 -16.68 15.63 7.03
C ASP C 319 -16.82 16.71 5.98
N LEU C 320 -16.18 17.85 6.27
CA LEU C 320 -16.15 19.06 5.46
C LEU C 320 -16.30 18.93 3.93
N PRO C 321 -16.91 19.96 3.31
CA PRO C 321 -17.07 20.03 1.86
C PRO C 321 -15.79 20.48 1.17
N SER C 322 -15.49 19.90 0.00
CA SER C 322 -14.30 20.31 -0.74
C SER C 322 -14.55 21.54 -1.60
N TYR C 323 -13.47 22.16 -2.06
CA TYR C 323 -13.57 23.33 -2.94
C TYR C 323 -12.75 23.13 -4.21
N ALA C 324 -13.10 23.84 -5.26
CA ALA C 324 -12.38 23.74 -6.53
C ALA C 324 -11.05 24.46 -6.46
N ILE C 325 -9.97 23.76 -6.79
CA ILE C 325 -8.65 24.37 -6.85
C ILE C 325 -8.49 25.18 -8.13
N HIS C 326 -8.19 26.46 -7.99
CA HIS C 326 -8.03 27.33 -9.14
C HIS C 326 -6.68 27.12 -9.82
N LEU C 327 -6.63 26.17 -10.77
CA LEU C 327 -5.39 25.83 -11.47
C LEU C 327 -5.57 25.90 -12.99
N ASP C 328 -4.48 25.66 -13.72
CA ASP C 328 -4.49 25.59 -15.18
C ASP C 328 -5.08 26.84 -15.83
N HIS C 329 -4.33 27.94 -15.74
CA HIS C 329 -4.76 29.22 -16.30
C HIS C 329 -3.90 29.64 -17.49
N GLY C 330 -3.21 28.67 -18.09
CA GLY C 330 -2.32 28.94 -19.20
C GLY C 330 -2.97 29.60 -20.41
N ARG C 331 -4.26 29.36 -20.59
CA ARG C 331 -4.98 29.92 -21.74
C ARG C 331 -5.80 31.15 -21.36
N ALA C 332 -5.33 31.89 -20.36
CA ALA C 332 -5.95 33.14 -19.96
C ALA C 332 -5.22 34.33 -20.57
N PHE C 333 -5.87 35.49 -20.55
CA PHE C 333 -5.29 36.75 -21.01
C PHE C 333 -4.84 36.67 -22.47
N GLY C 334 -5.61 35.98 -23.30
CA GLY C 334 -5.29 35.85 -24.70
C GLY C 334 -5.74 37.05 -25.52
N ARG C 335 -6.78 37.73 -25.05
CA ARG C 335 -7.34 38.87 -25.78
C ARG C 335 -7.63 40.03 -24.84
N SER C 336 -7.18 41.23 -25.23
CA SER C 336 -7.41 42.43 -24.43
C SER C 336 -8.58 43.25 -24.97
N ASP C 337 -9.02 42.93 -26.18
CA ASP C 337 -10.05 43.70 -26.84
C ASP C 337 -11.35 42.90 -27.00
N PHE C 338 -11.42 41.77 -26.34
CA PHE C 338 -12.58 40.89 -26.46
C PHE C 338 -13.01 40.29 -25.12
N ASP C 339 -14.28 40.46 -24.80
CA ASP C 339 -14.86 39.84 -23.61
C ASP C 339 -15.81 38.71 -24.02
N ASP C 340 -15.52 37.50 -23.55
CA ASP C 340 -16.36 36.35 -23.87
C ASP C 340 -17.43 36.18 -22.80
N ASP C 341 -18.60 36.76 -23.04
CA ASP C 341 -19.69 36.75 -22.08
C ASP C 341 -20.25 35.36 -21.80
N ASP C 342 -19.89 34.39 -22.64
CA ASP C 342 -20.27 33.01 -22.43
C ASP C 342 -19.65 32.46 -21.15
N ILE C 343 -18.48 33.00 -20.79
CA ILE C 343 -17.77 32.52 -19.61
C ILE C 343 -18.51 32.89 -18.32
N ILE C 344 -19.11 34.07 -18.29
CA ILE C 344 -19.81 34.55 -17.10
C ILE C 344 -21.28 34.13 -17.09
N LEU C 345 -21.66 33.28 -18.04
CA LEU C 345 -23.03 32.75 -18.10
C LEU C 345 -23.54 32.06 -16.83
N PRO C 346 -22.67 31.30 -16.12
CA PRO C 346 -23.16 30.72 -14.86
C PRO C 346 -23.69 31.76 -13.86
N LEU C 347 -23.05 32.92 -13.79
CA LEU C 347 -23.54 34.00 -12.93
C LEU C 347 -24.94 34.44 -13.32
N ARG C 348 -25.16 34.58 -14.62
CA ARG C 348 -26.44 35.06 -15.14
C ARG C 348 -27.51 33.97 -15.08
N GLN C 349 -27.11 32.71 -15.24
CA GLN C 349 -28.05 31.60 -15.25
C GLN C 349 -28.40 31.11 -13.85
N CYS C 350 -27.39 30.96 -12.99
CA CYS C 350 -27.62 30.45 -11.65
C CYS C 350 -28.10 31.56 -10.71
N CYS C 351 -27.54 32.75 -10.88
CA CYS C 351 -27.89 33.93 -10.08
C CYS C 351 -27.75 33.71 -8.57
N ILE C 352 -26.74 32.95 -8.16
CA ILE C 352 -26.35 32.93 -6.75
C ILE C 352 -24.90 33.39 -6.66
N LEU C 353 -24.55 33.97 -5.51
CA LEU C 353 -23.24 34.60 -5.38
C LEU C 353 -22.79 34.68 -3.93
N ARG C 354 -21.61 34.13 -3.66
CA ARG C 354 -21.03 34.15 -2.33
C ARG C 354 -20.87 35.58 -1.82
N PRO C 355 -21.39 35.86 -0.61
CA PRO C 355 -21.45 37.21 -0.05
C PRO C 355 -20.09 37.91 0.04
N SER C 356 -19.04 37.16 0.39
CA SER C 356 -17.71 37.74 0.46
C SER C 356 -17.21 38.17 -0.92
N THR C 357 -17.52 37.36 -1.93
CA THR C 357 -17.16 37.69 -3.31
C THR C 357 -17.82 38.98 -3.74
N PHE C 358 -19.10 39.14 -3.40
CA PHE C 358 -19.85 40.32 -3.77
C PHE C 358 -19.24 41.58 -3.17
N GLN C 359 -18.91 41.51 -1.88
CA GLN C 359 -18.30 42.64 -1.18
C GLN C 359 -16.95 43.01 -1.78
N THR C 360 -16.11 42.00 -2.01
CA THR C 360 -14.82 42.19 -2.66
C THR C 360 -14.97 42.86 -4.03
N LEU C 361 -15.88 42.34 -4.84
CA LEU C 361 -16.14 42.90 -6.16
C LEU C 361 -16.73 44.30 -6.05
N MSE C 362 -17.54 44.51 -5.01
CA MSE C 362 -18.16 45.81 -4.78
C MSE C 362 -17.12 46.85 -4.37
O MSE C 362 -17.20 48.00 -4.80
CB MSE C 362 -19.24 45.70 -3.69
CG MSE C 362 -20.21 46.87 -3.62
SE MSE C 362 -21.68 46.75 -4.89
CE MSE C 362 -20.80 47.39 -6.50
N ASN C 363 -16.16 46.42 -3.56
CA ASN C 363 -15.08 47.30 -3.12
C ASN C 363 -14.24 47.81 -4.28
N PHE C 364 -13.86 46.90 -5.16
CA PHE C 364 -13.08 47.25 -6.34
C PHE C 364 -13.87 48.08 -7.35
N TYR C 365 -15.12 47.69 -7.59
CA TYR C 365 -15.95 48.37 -8.57
C TYR C 365 -16.21 49.83 -8.19
N SER C 366 -16.39 50.08 -6.90
CA SER C 366 -16.71 51.43 -6.41
C SER C 366 -15.52 52.38 -6.57
N THR C 367 -14.33 51.81 -6.74
CA THR C 367 -13.13 52.60 -7.00
C THR C 367 -12.47 52.16 -8.29
N PRO C 368 -12.72 52.87 -9.39
CA PRO C 368 -12.17 52.51 -10.70
C PRO C 368 -10.65 52.30 -10.69
N LYS C 369 -10.21 51.28 -11.43
CA LYS C 369 -8.79 50.92 -11.56
C LYS C 369 -8.16 50.35 -10.29
N SER C 370 -8.94 50.18 -9.24
CA SER C 370 -8.38 49.69 -7.97
C SER C 370 -8.03 48.21 -8.07
N LEU C 371 -8.84 47.45 -8.79
CA LEU C 371 -8.59 46.03 -8.99
C LEU C 371 -7.27 45.78 -9.72
N THR C 372 -7.10 46.43 -10.87
CA THR C 372 -5.89 46.26 -11.68
C THR C 372 -4.66 46.88 -11.02
N LYS C 373 -4.87 47.92 -10.23
CA LYS C 373 -3.78 48.53 -9.47
C LYS C 373 -3.31 47.58 -8.38
N ALA C 374 -4.26 46.94 -7.69
CA ALA C 374 -3.93 45.96 -6.67
C ALA C 374 -3.28 44.73 -7.30
N LEU C 375 -3.63 44.44 -8.55
CA LEU C 375 -3.04 43.34 -9.28
C LEU C 375 -1.63 43.72 -9.74
N HIS C 376 -1.51 44.95 -10.26
CA HIS C 376 -0.23 45.46 -10.73
C HIS C 376 0.80 45.44 -9.62
N GLU C 377 0.36 45.91 -8.46
CA GLU C 377 1.19 46.02 -7.28
C GLU C 377 1.68 44.65 -6.82
N SER C 378 0.79 43.66 -6.92
CA SER C 378 1.14 42.28 -6.56
C SER C 378 2.12 41.68 -7.55
N LEU C 379 1.86 41.88 -8.84
CA LEU C 379 2.70 41.36 -9.91
C LEU C 379 4.12 41.92 -9.86
N SER C 380 4.24 43.16 -9.40
CA SER C 380 5.54 43.84 -9.33
C SER C 380 6.54 43.09 -8.46
N LYS C 381 6.04 42.31 -7.49
CA LYS C 381 6.90 41.56 -6.59
C LYS C 381 7.50 40.34 -7.27
N ASP C 382 6.91 39.92 -8.38
CA ASP C 382 7.43 38.81 -9.17
C ASP C 382 8.69 39.22 -9.91
N PRO C 383 9.74 38.40 -9.81
CA PRO C 383 11.05 38.69 -10.42
C PRO C 383 11.01 38.80 -11.95
N ALA C 384 9.96 38.26 -12.56
CA ALA C 384 9.86 38.25 -14.02
C ALA C 384 8.94 39.36 -14.52
N HIS C 385 8.59 40.28 -13.63
CA HIS C 385 7.73 41.40 -13.98
C HIS C 385 8.42 42.29 -15.03
N PRO C 386 7.63 42.95 -15.90
CA PRO C 386 6.16 42.95 -15.98
C PRO C 386 5.58 41.61 -16.45
N ILE C 387 4.53 41.17 -15.77
CA ILE C 387 3.89 39.89 -16.09
C ILE C 387 2.86 40.05 -17.21
N LEU C 388 2.09 41.12 -17.15
CA LEU C 388 1.07 41.38 -18.16
C LEU C 388 1.30 42.68 -18.93
N ALA C 389 0.98 42.66 -20.22
CA ALA C 389 0.91 43.90 -20.99
C ALA C 389 -0.19 44.77 -20.41
N TYR C 390 0.05 46.08 -20.35
CA TYR C 390 -0.84 47.00 -19.66
C TYR C 390 -2.23 47.11 -20.29
N LYS C 391 -2.34 46.76 -21.57
CA LYS C 391 -3.61 46.85 -22.28
C LYS C 391 -4.67 45.93 -21.70
N HIS C 392 -4.25 44.96 -20.89
CA HIS C 392 -5.18 44.05 -20.24
C HIS C 392 -5.87 44.67 -19.03
N TYR C 393 -5.28 45.73 -18.49
CA TYR C 393 -5.85 46.41 -17.32
C TYR C 393 -7.21 47.07 -17.61
N PRO C 394 -7.33 47.87 -18.70
CA PRO C 394 -8.66 48.41 -18.97
C PRO C 394 -9.68 47.32 -19.33
N ALA C 395 -9.19 46.22 -19.89
CA ALA C 395 -10.05 45.11 -20.26
C ALA C 395 -10.69 44.48 -19.02
N MSE C 396 -9.91 44.33 -17.96
CA MSE C 396 -10.39 43.72 -16.74
C MSE C 396 -11.36 44.64 -16.00
O MSE C 396 -12.33 44.19 -15.39
CB MSE C 396 -9.22 43.36 -15.83
CG MSE C 396 -8.35 42.24 -16.36
SE MSE C 396 -6.91 41.78 -15.14
CE MSE C 396 -7.97 41.46 -13.54
N GLU C 397 -11.09 45.94 -16.06
CA GLU C 397 -11.99 46.94 -15.47
C GLU C 397 -13.32 46.93 -16.19
N ARG C 398 -13.27 46.81 -17.51
CA ARG C 398 -14.47 46.75 -18.34
C ARG C 398 -15.28 45.49 -18.03
N ARG C 399 -14.59 44.38 -17.79
CA ARG C 399 -15.24 43.11 -17.50
C ARG C 399 -15.86 43.10 -16.11
N LEU C 400 -15.20 43.74 -15.16
CA LEU C 400 -15.73 43.85 -13.80
C LEU C 400 -17.05 44.60 -13.79
N ALA C 401 -17.11 45.71 -14.52
CA ALA C 401 -18.32 46.51 -14.64
C ALA C 401 -19.46 45.70 -15.23
N LYS C 402 -19.15 44.87 -16.23
CA LYS C 402 -20.14 44.02 -16.85
C LYS C 402 -20.66 42.97 -15.87
N ILE C 403 -19.77 42.48 -15.01
CA ILE C 403 -20.14 41.52 -13.98
C ILE C 403 -21.16 42.13 -13.01
N MSE C 404 -20.85 43.34 -12.55
CA MSE C 404 -21.72 44.04 -11.61
C MSE C 404 -23.09 44.31 -12.22
O MSE C 404 -24.10 44.31 -11.52
CB MSE C 404 -21.08 45.36 -11.17
CG MSE C 404 -19.66 45.24 -10.65
SE MSE C 404 -19.40 43.76 -9.40
CE MSE C 404 -20.75 44.22 -8.08
N SER C 405 -23.12 44.53 -13.53
CA SER C 405 -24.37 44.72 -14.26
C SER C 405 -25.21 43.44 -14.21
N HIS C 406 -24.55 42.30 -14.37
CA HIS C 406 -25.21 41.00 -14.30
C HIS C 406 -25.68 40.69 -12.88
N ILE C 407 -24.94 41.16 -11.89
CA ILE C 407 -25.30 40.95 -10.50
C ILE C 407 -26.57 41.73 -10.13
N LEU C 408 -26.64 42.97 -10.60
CA LEU C 408 -27.82 43.80 -10.38
C LEU C 408 -29.06 43.15 -10.97
N GLU C 409 -28.89 42.49 -12.11
CA GLU C 409 -29.99 41.81 -12.79
C GLU C 409 -30.48 40.61 -11.96
N CYS C 410 -29.55 39.90 -11.34
CA CYS C 410 -29.91 38.79 -10.47
C CYS C 410 -30.64 39.27 -9.23
N PHE C 411 -30.23 40.43 -8.72
CA PHE C 411 -30.87 41.03 -7.55
C PHE C 411 -32.31 41.45 -7.85
N GLU C 412 -32.53 41.99 -9.04
CA GLU C 412 -33.85 42.49 -9.42
C GLU C 412 -34.80 41.37 -9.81
N SER C 413 -34.25 40.30 -10.37
CA SER C 413 -35.03 39.16 -10.83
C SER C 413 -35.35 38.15 -9.72
N ARG C 414 -34.35 37.86 -8.89
CA ARG C 414 -34.50 36.83 -7.86
C ARG C 414 -34.63 37.37 -6.45
N GLY C 415 -34.10 38.56 -6.22
CA GLY C 415 -34.09 39.13 -4.88
C GLY C 415 -32.74 38.87 -4.26
N VAL C 416 -32.30 39.77 -3.38
CA VAL C 416 -30.96 39.69 -2.80
C VAL C 416 -30.79 38.54 -1.82
N ALA C 417 -31.89 38.11 -1.20
CA ALA C 417 -31.83 37.07 -0.19
C ALA C 417 -31.62 35.67 -0.76
N GLU C 418 -31.87 35.51 -2.05
CA GLU C 418 -31.70 34.22 -2.70
C GLU C 418 -30.42 34.17 -3.53
N VAL C 419 -29.89 35.34 -3.87
CA VAL C 419 -28.63 35.42 -4.61
C VAL C 419 -27.45 35.35 -3.64
N LEU C 420 -27.45 36.25 -2.65
CA LEU C 420 -26.36 36.33 -1.70
C LEU C 420 -26.51 35.31 -0.57
N VAL C 421 -26.13 34.08 -0.85
CA VAL C 421 -26.22 33.02 0.16
C VAL C 421 -24.85 32.41 0.43
N ALA C 422 -24.62 32.03 1.67
CA ALA C 422 -23.34 31.47 2.07
C ALA C 422 -23.28 29.98 1.77
N GLU C 423 -24.45 29.38 1.67
CA GLU C 423 -24.59 27.99 1.23
C GLU C 423 -25.83 27.87 0.36
N TYR C 424 -25.78 27.03 -0.67
CA TYR C 424 -26.94 26.83 -1.52
C TYR C 424 -27.69 25.55 -1.18
N ASN C 425 -29.00 25.67 -1.05
CA ASN C 425 -29.85 24.51 -0.78
C ASN C 425 -31.08 24.55 -1.67
N ASN C 426 -31.27 23.48 -2.45
CA ASN C 426 -32.39 23.40 -3.37
C ASN C 426 -33.58 22.64 -2.78
N PRO C 427 -34.70 23.36 -2.56
CA PRO C 427 -35.97 22.81 -2.05
C PRO C 427 -36.45 21.58 -2.82
N ASP C 428 -36.17 21.55 -4.12
CA ASP C 428 -36.71 20.52 -5.00
C ASP C 428 -35.95 19.19 -4.93
N VAL C 429 -34.94 19.14 -4.08
CA VAL C 429 -34.14 17.92 -3.94
C VAL C 429 -34.20 17.38 -2.52
N SER C 430 -34.82 16.20 -2.39
CA SER C 430 -35.00 15.45 -1.13
C SER C 430 -34.29 16.00 0.11
N LEU D 2 46.19 -15.32 30.51
CA LEU D 2 44.77 -15.01 30.51
C LEU D 2 44.50 -13.53 30.26
N PRO D 3 44.01 -13.20 29.05
CA PRO D 3 43.51 -11.85 28.82
C PRO D 3 42.23 -11.61 29.60
N HIS D 4 42.10 -10.44 30.22
CA HIS D 4 40.89 -10.12 30.98
C HIS D 4 39.72 -9.88 30.03
N GLN D 5 40.00 -9.20 28.92
CA GLN D 5 39.03 -9.08 27.84
C GLN D 5 39.45 -9.98 26.69
N PRO D 6 38.88 -11.20 26.64
CA PRO D 6 39.28 -12.20 25.65
C PRO D 6 38.65 -11.97 24.28
N ILE D 7 39.08 -12.74 23.30
CA ILE D 7 38.49 -12.73 21.97
C ILE D 7 37.05 -13.23 22.01
N PRO D 8 36.25 -12.91 20.97
CA PRO D 8 34.94 -13.54 20.83
C PRO D 8 35.07 -15.06 20.77
N PRO D 9 34.30 -15.78 21.60
CA PRO D 9 34.39 -17.25 21.70
C PRO D 9 34.25 -17.95 20.35
N SER D 10 33.50 -17.36 19.43
CA SER D 10 33.37 -17.91 18.09
C SER D 10 34.71 -17.90 17.35
N LEU D 11 35.57 -16.94 17.70
CA LEU D 11 36.89 -16.84 17.09
C LEU D 11 37.96 -17.57 17.89
N GLY D 12 37.55 -18.26 18.96
CA GLY D 12 38.49 -18.97 19.80
C GLY D 12 38.45 -20.48 19.66
N GLU D 13 39.19 -21.16 20.53
CA GLU D 13 39.19 -22.61 20.54
C GLU D 13 37.80 -23.13 20.91
N LYS D 14 37.24 -23.96 20.04
CA LYS D 14 35.90 -24.50 20.23
C LYS D 14 35.82 -25.51 21.38
N ASP D 15 34.88 -25.26 22.29
CA ASP D 15 34.64 -26.14 23.43
C ASP D 15 33.94 -27.41 22.98
N LEU D 16 34.58 -28.56 23.22
CA LEU D 16 34.05 -29.84 22.76
C LEU D 16 33.26 -30.57 23.84
N SER D 17 33.16 -29.96 25.02
CA SER D 17 32.47 -30.59 26.13
C SER D 17 30.97 -30.71 25.88
N ASP D 18 30.35 -31.70 26.52
CA ASP D 18 28.91 -31.90 26.41
C ASP D 18 28.19 -30.90 27.30
N PRO D 19 27.38 -30.02 26.69
CA PRO D 19 26.67 -28.98 27.44
C PRO D 19 25.61 -29.57 28.38
N PHE D 20 25.37 -30.87 28.26
CA PHE D 20 24.36 -31.53 29.07
C PHE D 20 24.93 -32.77 29.74
N ASN D 21 26.23 -32.71 30.04
CA ASN D 21 26.90 -33.77 30.79
C ASN D 21 26.73 -33.54 32.29
N PHE D 22 25.56 -33.07 32.68
CA PHE D 22 25.24 -32.89 34.08
C PHE D 22 24.07 -33.77 34.46
N LEU D 23 24.03 -34.19 35.72
CA LEU D 23 22.95 -35.02 36.22
C LEU D 23 21.83 -34.14 36.78
N PHE D 24 20.60 -34.45 36.37
CA PHE D 24 19.44 -33.74 36.88
C PHE D 24 18.36 -34.70 37.31
N SER D 25 18.23 -34.88 38.62
CA SER D 25 17.22 -35.76 39.18
C SER D 25 15.86 -35.10 39.02
N SER D 26 14.82 -35.93 38.89
CA SER D 26 13.47 -35.43 38.71
C SER D 26 12.63 -35.86 39.91
N ASN D 27 12.33 -34.92 40.79
CA ASN D 27 11.53 -35.20 41.96
C ASN D 27 10.15 -35.68 41.52
N LYS D 28 9.82 -36.92 41.85
CA LYS D 28 8.62 -37.56 41.28
C LYS D 28 7.34 -37.36 42.10
N ILE D 29 7.47 -37.04 43.37
CA ILE D 29 6.29 -36.80 44.20
C ILE D 29 5.64 -35.48 43.81
N THR D 30 6.45 -34.43 43.76
CA THR D 30 5.98 -33.11 43.33
C THR D 30 5.39 -33.14 41.92
N LEU D 31 6.06 -33.85 41.03
CA LEU D 31 5.64 -33.96 39.63
C LEU D 31 4.23 -34.53 39.49
N ARG D 32 3.96 -35.63 40.19
CA ARG D 32 2.67 -36.30 40.10
C ARG D 32 1.56 -35.45 40.75
N LYS D 33 1.89 -34.76 41.83
CA LYS D 33 0.95 -33.86 42.49
C LYS D 33 0.50 -32.75 41.56
N LEU D 34 1.42 -32.27 40.73
CA LEU D 34 1.12 -31.23 39.76
C LEU D 34 0.20 -31.76 38.67
N TYR D 35 0.47 -32.99 38.24
CA TYR D 35 -0.35 -33.65 37.23
C TYR D 35 -1.78 -33.88 37.71
N ASP D 36 -1.92 -34.44 38.91
CA ASP D 36 -3.23 -34.80 39.45
C ASP D 36 -4.19 -33.62 39.60
N LEU D 37 -3.69 -32.49 40.08
CA LEU D 37 -4.53 -31.34 40.34
C LEU D 37 -4.93 -30.52 39.10
N THR D 38 -4.36 -30.86 37.94
CA THR D 38 -4.58 -30.02 36.77
C THR D 38 -4.92 -30.81 35.49
N LYS D 39 -4.96 -32.13 35.58
CA LYS D 39 -5.25 -32.96 34.42
C LYS D 39 -6.68 -32.81 33.91
N ASN D 40 -7.56 -32.24 34.74
CA ASN D 40 -8.95 -32.02 34.34
C ASN D 40 -9.28 -30.55 34.11
N VAL D 41 -8.25 -29.69 34.13
CA VAL D 41 -8.43 -28.26 33.88
C VAL D 41 -8.45 -27.95 32.39
N ASP D 42 -9.45 -27.18 31.96
CA ASP D 42 -9.58 -26.81 30.55
C ASP D 42 -8.69 -25.61 30.23
N PHE D 43 -7.43 -25.89 29.93
CA PHE D 43 -6.44 -24.85 29.64
C PHE D 43 -6.70 -24.16 28.30
N ASP D 44 -7.20 -24.93 27.34
CA ASP D 44 -7.48 -24.43 26.00
C ASP D 44 -8.42 -23.21 26.02
N GLN D 45 -9.49 -23.31 26.82
CA GLN D 45 -10.43 -22.21 26.94
C GLN D 45 -9.82 -21.06 27.73
N LEU D 46 -8.94 -21.39 28.66
CA LEU D 46 -8.26 -20.40 29.50
C LEU D 46 -7.32 -19.53 28.69
N ARG D 47 -6.52 -20.16 27.83
CA ARG D 47 -5.56 -19.46 26.98
C ARG D 47 -6.23 -18.41 26.10
N GLN D 48 -7.48 -18.66 25.73
CA GLN D 48 -8.21 -17.78 24.81
C GLN D 48 -8.65 -16.47 25.47
N ASN D 49 -8.42 -16.36 26.78
CA ASN D 49 -8.85 -15.18 27.52
C ASN D 49 -7.69 -14.28 27.95
N GLU D 50 -6.47 -14.72 27.71
CA GLU D 50 -5.29 -13.96 28.11
C GLU D 50 -5.12 -12.66 27.34
N CYS D 51 -5.57 -12.65 26.09
CA CYS D 51 -5.49 -11.47 25.24
C CYS D 51 -6.85 -10.97 24.79
N LYS D 52 -7.21 -9.74 25.18
CA LYS D 52 -8.49 -9.16 24.82
C LYS D 52 -8.64 -9.06 23.30
N LYS D 53 -7.90 -8.14 22.69
CA LYS D 53 -7.94 -7.97 21.24
C LYS D 53 -6.52 -7.99 20.65
N ASN D 54 -6.25 -8.96 19.80
CA ASN D 54 -4.95 -9.11 19.16
C ASN D 54 -4.83 -8.32 17.86
N ILE D 55 -4.31 -7.09 17.96
CA ILE D 55 -4.11 -6.26 16.78
C ILE D 55 -2.72 -5.63 16.76
N THR D 56 -2.15 -5.49 15.56
CA THR D 56 -0.81 -4.93 15.40
C THR D 56 -0.79 -3.40 15.31
N LEU D 57 0.42 -2.85 15.27
CA LEU D 57 0.64 -1.41 15.24
C LEU D 57 0.29 -0.80 13.87
N SER D 58 0.48 -1.57 12.81
CA SER D 58 0.25 -1.10 11.45
C SER D 58 -1.23 -0.86 11.14
N LYS D 59 -2.08 -1.76 11.63
CA LYS D 59 -3.52 -1.70 11.38
C LYS D 59 -4.16 -0.46 12.01
N PHE D 60 -3.52 0.10 13.03
CA PHE D 60 -4.02 1.30 13.69
C PHE D 60 -3.83 2.55 12.83
N GLU D 71 7.11 -0.01 4.52
CA GLU D 71 7.71 -1.30 4.83
C GLU D 71 8.85 -1.62 3.86
N ASP D 72 9.81 -0.71 3.76
CA ASP D 72 10.96 -0.89 2.87
C ASP D 72 11.98 -1.87 3.43
N ASP D 73 12.11 -1.91 4.76
CA ASP D 73 13.07 -2.79 5.41
C ASP D 73 12.47 -3.53 6.60
N ASN D 74 13.24 -4.46 7.16
CA ASN D 74 12.78 -5.32 8.25
C ASN D 74 12.57 -4.57 9.57
N TRP D 75 13.15 -3.37 9.69
CA TRP D 75 12.85 -2.52 10.83
C TRP D 75 11.37 -2.14 10.82
N GLU D 76 10.93 -1.63 9.67
CA GLU D 76 9.55 -1.17 9.50
C GLU D 76 8.54 -2.30 9.62
N ARG D 77 8.88 -3.49 9.12
CA ARG D 77 8.02 -4.65 9.27
C ARG D 77 7.93 -5.10 10.73
N PHE D 78 9.03 -4.92 11.47
CA PHE D 78 9.03 -5.21 12.90
C PHE D 78 8.13 -4.24 13.63
N TYR D 79 8.30 -2.95 13.34
CA TYR D 79 7.51 -1.90 13.95
C TYR D 79 6.01 -2.10 13.68
N SER D 80 5.70 -2.48 12.45
CA SER D 80 4.31 -2.68 12.02
C SER D 80 3.62 -3.81 12.76
N ASN D 81 4.36 -4.87 13.07
CA ASN D 81 3.79 -6.06 13.70
C ASN D 81 3.84 -6.06 15.22
N ILE D 82 4.17 -4.91 15.83
CA ILE D 82 4.10 -4.79 17.27
C ILE D 82 2.65 -4.93 17.74
N GLY D 83 2.37 -6.03 18.43
CA GLY D 83 1.00 -6.39 18.81
C GLY D 83 0.57 -5.95 20.20
N SER D 84 -0.68 -6.23 20.53
CA SER D 84 -1.25 -5.82 21.81
C SER D 84 -0.93 -6.80 22.94
N CYS D 85 -0.48 -8.00 22.58
CA CYS D 85 -0.16 -9.01 23.59
C CYS D 85 1.23 -9.59 23.35
N SER D 86 1.95 -8.99 22.41
CA SER D 86 3.31 -9.42 22.08
C SER D 86 3.99 -8.35 21.22
N VAL D 87 5.31 -8.22 21.35
CA VAL D 87 6.05 -7.30 20.52
C VAL D 87 6.17 -7.88 19.11
N TYR D 88 6.26 -9.20 19.04
CA TYR D 88 6.32 -9.89 17.76
C TYR D 88 5.72 -11.28 17.85
N SER D 89 5.13 -11.74 16.75
CA SER D 89 4.62 -13.10 16.67
C SER D 89 5.00 -13.75 15.34
N ASP D 90 6.28 -13.74 15.01
CA ASP D 90 6.75 -14.29 13.75
C ASP D 90 8.26 -14.46 13.81
N ASP D 91 8.69 -15.68 14.11
CA ASP D 91 10.10 -15.96 14.36
C ASP D 91 10.99 -15.74 13.14
N GLN D 92 10.48 -16.06 11.95
CA GLN D 92 11.30 -15.99 10.74
C GLN D 92 11.68 -14.57 10.36
N MSE D 93 10.69 -13.69 10.26
CA MSE D 93 10.94 -12.31 9.84
C MSE D 93 11.73 -11.56 10.92
O MSE D 93 12.42 -10.59 10.62
CB MSE D 93 9.63 -11.59 9.52
CG MSE D 93 8.89 -11.00 10.72
SE MSE D 93 9.43 -9.16 11.14
CE MSE D 93 8.01 -8.72 12.40
N ILE D 94 11.62 -12.03 12.16
CA ILE D 94 12.40 -11.46 13.25
C ILE D 94 13.84 -11.96 13.13
N ASP D 95 13.99 -13.25 12.86
CA ASP D 95 15.30 -13.83 12.59
C ASP D 95 15.96 -13.15 11.39
N ASN D 96 15.14 -12.66 10.47
CA ASN D 96 15.64 -11.88 9.35
C ASN D 96 16.16 -10.53 9.83
N LEU D 97 15.45 -9.92 10.78
CA LEU D 97 15.87 -8.66 11.37
C LEU D 97 17.19 -8.80 12.12
N LEU D 98 17.34 -9.89 12.87
CA LEU D 98 18.60 -10.16 13.57
C LEU D 98 19.77 -10.27 12.59
N HIS D 99 19.57 -11.02 11.51
CA HIS D 99 20.60 -11.13 10.48
C HIS D 99 20.95 -9.76 9.92
N ASP D 100 19.93 -8.91 9.76
CA ASP D 100 20.15 -7.56 9.27
C ASP D 100 20.90 -6.74 10.30
N LEU D 101 20.57 -6.92 11.57
CA LEU D 101 21.25 -6.23 12.64
C LEU D 101 22.72 -6.65 12.70
N ASN D 102 22.98 -7.90 12.36
CA ASN D 102 24.34 -8.44 12.34
C ASN D 102 25.16 -8.02 11.12
N THR D 103 24.50 -7.85 9.97
CA THR D 103 25.22 -7.69 8.71
C THR D 103 25.15 -6.31 8.09
N SER D 104 24.14 -5.51 8.45
CA SER D 104 23.97 -4.20 7.85
C SER D 104 25.17 -3.29 8.08
N PRO D 105 25.60 -2.58 7.02
CA PRO D 105 26.73 -1.65 7.11
C PRO D 105 26.41 -0.47 8.02
N ILE D 106 27.39 -0.05 8.82
CA ILE D 106 27.20 1.03 9.78
C ILE D 106 27.61 2.38 9.19
N LYS D 107 26.72 3.36 9.31
CA LYS D 107 26.93 4.71 8.80
C LYS D 107 27.53 5.61 9.87
N HIS D 108 26.90 5.62 11.05
CA HIS D 108 27.38 6.43 12.17
C HIS D 108 27.37 5.68 13.50
N VAL D 109 28.32 6.01 14.36
CA VAL D 109 28.33 5.52 15.73
C VAL D 109 28.37 6.69 16.71
N HIS D 110 27.36 6.78 17.58
CA HIS D 110 27.28 7.86 18.55
C HIS D 110 27.15 7.34 19.98
N ILE D 111 27.63 8.14 20.93
CA ILE D 111 27.45 7.83 22.34
C ILE D 111 26.02 8.12 22.77
N MSE D 112 25.33 7.11 23.27
CA MSE D 112 23.95 7.26 23.69
C MSE D 112 23.85 8.00 25.02
O MSE D 112 24.48 7.61 26.01
CB MSE D 112 23.26 5.89 23.79
CG MSE D 112 21.80 5.94 24.17
SE MSE D 112 20.81 4.47 23.37
CE MSE D 112 22.26 3.18 23.22
N ASP D 113 23.05 9.06 25.04
CA ASP D 113 22.94 9.93 26.22
C ASP D 113 22.09 9.32 27.33
N GLY D 114 21.38 8.25 27.01
CA GLY D 114 20.41 7.70 27.95
C GLY D 114 20.86 6.48 28.73
N GLY D 115 21.56 6.71 29.84
CA GLY D 115 21.96 5.61 30.70
C GLY D 115 23.13 5.84 31.63
N THR D 116 23.79 4.73 31.96
CA THR D 116 24.86 4.69 32.94
C THR D 116 26.12 4.10 32.32
N GLN D 117 26.04 2.81 31.98
CA GLN D 117 27.18 2.08 31.43
C GLN D 117 27.31 2.28 29.92
N VAL D 118 28.45 1.89 29.38
CA VAL D 118 28.82 2.13 27.98
C VAL D 118 27.80 1.59 26.96
N LYS D 119 27.35 2.47 26.09
CA LYS D 119 26.44 2.10 25.01
C LYS D 119 26.64 2.99 23.79
N PHE D 120 26.56 2.40 22.60
CA PHE D 120 26.64 3.15 21.36
C PHE D 120 25.29 3.16 20.66
N VAL D 121 25.04 4.20 19.87
CA VAL D 121 23.92 4.16 18.94
C VAL D 121 24.45 3.91 17.54
N PHE D 122 24.02 2.80 16.94
CA PHE D 122 24.40 2.51 15.57
C PHE D 122 23.40 3.11 14.61
N THR D 123 23.89 3.93 13.69
CA THR D 123 23.07 4.41 12.59
C THR D 123 23.51 3.70 11.32
N PHE D 124 22.64 2.87 10.76
CA PHE D 124 22.99 2.08 9.59
C PHE D 124 22.82 2.88 8.31
N LYS D 125 23.27 2.30 7.20
CA LYS D 125 23.18 2.95 5.88
C LYS D 125 21.73 3.29 5.53
N ASN D 126 20.81 2.39 5.88
CA ASN D 126 19.38 2.64 5.66
C ASN D 126 18.78 3.64 6.65
N ASP D 127 19.66 4.28 7.43
CA ASP D 127 19.28 5.29 8.43
C ASP D 127 18.45 4.74 9.58
N LYS D 128 18.24 3.43 9.60
CA LYS D 128 17.64 2.79 10.78
C LYS D 128 18.70 2.66 11.86
N GLN D 129 18.27 2.35 13.08
CA GLN D 129 19.17 2.41 14.22
C GLN D 129 19.10 1.21 15.16
N ALA D 130 20.13 1.06 15.98
CA ALA D 130 20.22 -0.05 16.93
C ALA D 130 21.02 0.35 18.17
N VAL D 131 20.82 -0.41 19.25
CA VAL D 131 21.58 -0.21 20.48
C VAL D 131 22.75 -1.18 20.55
N PHE D 132 23.95 -0.65 20.74
CA PHE D 132 25.14 -1.50 20.83
C PHE D 132 25.74 -1.54 22.22
N LYS D 133 25.95 -2.75 22.75
CA LYS D 133 26.65 -2.94 24.00
C LYS D 133 27.84 -3.86 23.77
N PRO D 134 29.06 -3.36 24.02
CA PRO D 134 30.28 -4.11 23.72
C PRO D 134 30.54 -5.25 24.71
N MSE D 135 31.24 -6.28 24.25
CA MSE D 135 31.63 -7.39 25.11
C MSE D 135 32.77 -6.96 26.03
O MSE D 135 33.66 -6.21 25.63
CB MSE D 135 32.07 -8.59 24.27
CG MSE D 135 32.74 -9.71 25.06
SE MSE D 135 33.23 -11.23 23.95
CE MSE D 135 34.32 -12.21 25.24
N ARG D 136 32.74 -7.43 27.28
CA ARG D 136 33.79 -7.12 28.23
C ARG D 136 34.57 -8.38 28.61
N PHE D 137 34.04 -9.17 29.53
CA PHE D 137 34.72 -10.39 29.96
C PHE D 137 34.25 -11.61 29.18
N GLY D 138 34.93 -12.73 29.40
CA GLY D 138 34.57 -13.99 28.77
C GLY D 138 33.29 -14.59 29.31
N ARG D 139 32.84 -15.66 28.68
CA ARG D 139 31.60 -16.32 29.06
C ARG D 139 31.69 -17.00 30.43
N ASP D 140 32.91 -17.32 30.86
CA ASP D 140 33.11 -18.06 32.10
C ASP D 140 33.11 -17.14 33.32
N TYR D 141 33.29 -15.85 33.10
CA TYR D 141 33.33 -14.88 34.18
C TYR D 141 32.03 -14.87 34.98
N GLU D 142 32.14 -14.93 36.30
CA GLU D 142 30.97 -14.84 37.17
C GLU D 142 31.04 -13.60 38.05
N SER D 143 29.88 -13.06 38.39
CA SER D 143 29.82 -11.84 39.19
C SER D 143 30.44 -12.04 40.57
N ASP D 144 31.12 -11.00 41.06
CA ASP D 144 31.67 -11.00 42.40
C ASP D 144 30.57 -11.18 43.42
N PRO D 145 30.71 -12.19 44.30
CA PRO D 145 29.73 -12.43 45.36
C PRO D 145 29.57 -11.22 46.30
N ASN D 146 30.59 -10.38 46.36
CA ASN D 146 30.55 -9.18 47.18
C ASN D 146 29.90 -8.00 46.48
N HIS D 147 29.65 -8.15 45.18
CA HIS D 147 29.04 -7.08 44.39
C HIS D 147 27.52 -7.04 44.53
N PHE D 148 27.00 -5.85 44.82
CA PHE D 148 25.56 -5.63 44.79
C PHE D 148 25.07 -5.59 43.34
N TYR D 149 23.76 -5.69 43.17
CA TYR D 149 23.14 -5.61 41.84
C TYR D 149 23.44 -4.29 41.13
N PHE D 150 23.66 -3.23 41.88
CA PHE D 150 23.92 -1.92 41.28
C PHE D 150 25.42 -1.68 41.07
N SER D 151 26.23 -2.70 41.36
CA SER D 151 27.67 -2.62 41.14
C SER D 151 28.10 -3.53 39.99
N ASP D 152 27.17 -4.36 39.53
CA ASP D 152 27.45 -5.35 38.51
C ASP D 152 27.67 -4.73 37.12
N PHE D 153 28.76 -5.13 36.47
CA PHE D 153 29.00 -4.77 35.08
C PHE D 153 28.02 -5.49 34.16
N GLU D 154 27.52 -4.80 33.15
CA GLU D 154 26.60 -5.42 32.19
C GLU D 154 27.28 -6.52 31.39
N ARG D 155 26.51 -7.53 31.01
CA ARG D 155 26.98 -8.57 30.12
C ARG D 155 26.16 -8.54 28.83
N HIS D 156 26.82 -8.21 27.73
CA HIS D 156 26.15 -8.09 26.44
C HIS D 156 25.49 -9.39 26.01
N HIS D 157 26.11 -10.51 26.35
CA HIS D 157 25.60 -11.82 25.94
C HIS D 157 24.38 -12.22 26.76
N ALA D 158 24.16 -11.50 27.86
CA ALA D 158 22.96 -11.73 28.67
C ALA D 158 21.74 -11.11 27.98
N GLU D 159 21.96 -9.97 27.32
CA GLU D 159 20.93 -9.33 26.51
C GLU D 159 20.47 -10.27 25.41
N ILE D 160 21.44 -10.90 24.73
CA ILE D 160 21.15 -11.84 23.66
C ILE D 160 20.46 -13.09 24.18
N ALA D 161 21.05 -13.71 25.19
CA ALA D 161 20.54 -14.96 25.78
C ALA D 161 19.11 -14.84 26.28
N THR D 162 18.78 -13.71 26.89
CA THR D 162 17.47 -13.53 27.51
C THR D 162 16.38 -13.34 26.46
N PHE D 163 16.72 -12.65 25.38
CA PHE D 163 15.80 -12.49 24.25
C PHE D 163 15.38 -13.85 23.72
N HIS D 164 16.34 -14.74 23.57
CA HIS D 164 16.08 -16.11 23.11
C HIS D 164 15.23 -16.89 24.10
N LEU D 165 15.54 -16.77 25.39
CA LEU D 165 14.76 -17.45 26.42
C LEU D 165 13.32 -16.96 26.43
N ASP D 166 13.14 -15.68 26.17
CA ASP D 166 11.80 -15.08 26.11
C ASP D 166 11.00 -15.72 24.98
N ARG D 167 11.71 -16.12 23.91
CA ARG D 167 11.09 -16.85 22.80
C ARG D 167 10.78 -18.29 23.18
N VAL D 168 11.79 -18.98 23.72
CA VAL D 168 11.68 -20.39 24.08
C VAL D 168 10.54 -20.64 25.07
N LEU D 169 10.34 -19.69 25.98
CA LEU D 169 9.29 -19.80 26.98
C LEU D 169 7.94 -19.39 26.40
N GLY D 170 7.95 -18.88 25.17
CA GLY D 170 6.73 -18.56 24.46
C GLY D 170 6.13 -17.20 24.80
N PHE D 171 6.92 -16.33 25.42
CA PHE D 171 6.45 -14.99 25.74
C PHE D 171 6.44 -14.10 24.51
N ARG D 172 7.58 -14.05 23.81
CA ARG D 172 7.77 -13.18 22.64
C ARG D 172 7.43 -11.74 22.97
N ARG D 173 7.85 -11.28 24.15
CA ARG D 173 7.64 -9.91 24.57
C ARG D 173 8.97 -9.18 24.81
N ALA D 174 10.06 -9.78 24.36
CA ALA D 174 11.38 -9.15 24.45
C ALA D 174 11.76 -8.45 23.15
N ILE D 175 12.82 -7.64 23.21
CA ILE D 175 13.24 -6.86 22.04
C ILE D 175 14.37 -7.57 21.30
N PRO D 176 14.21 -7.73 19.98
CA PRO D 176 15.16 -8.41 19.09
C PRO D 176 16.62 -7.99 19.29
N THR D 177 17.47 -8.95 19.65
CA THR D 177 18.87 -8.68 19.92
C THR D 177 19.75 -9.77 19.31
N VAL D 178 20.82 -9.36 18.64
CA VAL D 178 21.72 -10.32 18.01
C VAL D 178 23.18 -10.00 18.34
N GLY D 179 24.02 -11.03 18.31
CA GLY D 179 25.45 -10.86 18.48
C GLY D 179 26.11 -10.38 17.20
N ARG D 180 27.22 -9.65 17.34
CA ARG D 180 27.95 -9.14 16.18
C ARG D 180 29.41 -8.84 16.54
N VAL D 181 30.32 -9.40 15.76
CA VAL D 181 31.75 -9.12 15.92
C VAL D 181 32.15 -7.98 14.99
N LEU D 182 32.58 -6.87 15.57
CA LEU D 182 32.88 -5.66 14.80
C LEU D 182 34.38 -5.41 14.63
N ASN D 183 34.75 -4.86 13.48
CA ASN D 183 36.08 -4.31 13.29
C ASN D 183 36.13 -2.92 13.92
N MSE D 184 36.91 -2.79 14.99
CA MSE D 184 36.93 -1.56 15.78
C MSE D 184 37.42 -0.34 15.01
O MSE D 184 37.05 0.78 15.32
CB MSE D 184 37.79 -1.76 17.03
CG MSE D 184 37.26 -2.82 17.98
SE MSE D 184 38.33 -2.96 19.60
CE MSE D 184 38.20 -1.10 20.19
N THR D 185 38.28 -0.58 14.03
CA THR D 185 38.85 0.52 13.24
C THR D 185 37.87 1.03 12.19
N THR D 186 37.33 0.12 11.38
CA THR D 186 36.50 0.51 10.24
C THR D 186 35.04 0.75 10.61
N GLU D 187 34.50 -0.06 11.52
CA GLU D 187 33.07 0.01 11.84
C GLU D 187 32.79 0.85 13.09
N LEU D 188 33.79 1.03 13.93
CA LEU D 188 33.62 1.81 15.15
C LEU D 188 34.36 3.14 15.11
N PHE D 189 35.69 3.08 15.11
CA PHE D 189 36.53 4.27 15.15
C PHE D 189 36.23 5.25 14.00
N GLU D 190 36.32 4.75 12.77
CA GLU D 190 36.15 5.59 11.59
C GLU D 190 34.69 6.03 11.41
N LYS D 191 33.77 5.32 12.05
CA LYS D 191 32.34 5.64 11.95
C LYS D 191 31.86 6.43 13.17
N ALA D 192 32.78 6.73 14.08
CA ALA D 192 32.43 7.33 15.37
C ALA D 192 32.34 8.85 15.30
N GLU D 193 31.45 9.40 16.11
CA GLU D 193 31.37 10.85 16.29
C GLU D 193 32.66 11.37 16.90
N LYS D 194 32.90 12.67 16.75
CA LYS D 194 34.17 13.28 17.14
C LYS D 194 34.53 13.06 18.61
N LYS D 195 33.57 13.29 19.50
CA LYS D 195 33.84 13.18 20.94
C LYS D 195 34.08 11.75 21.40
N LEU D 196 33.51 10.78 20.68
CA LEU D 196 33.75 9.39 20.97
C LEU D 196 35.11 8.99 20.40
N LYS D 197 35.45 9.57 19.26
CA LYS D 197 36.69 9.26 18.54
C LYS D 197 37.91 9.53 19.40
N LYS D 198 37.82 10.59 20.20
CA LYS D 198 38.94 11.01 21.02
C LYS D 198 39.22 10.07 22.18
N THR D 199 38.27 9.19 22.48
CA THR D 199 38.42 8.27 23.60
C THR D 199 39.06 6.94 23.20
N PHE D 200 39.52 6.85 21.97
CA PHE D 200 40.20 5.65 21.49
C PHE D 200 41.70 5.72 21.76
N PHE D 201 42.30 4.55 21.98
CA PHE D 201 43.74 4.48 22.23
C PHE D 201 44.24 3.03 22.11
N PHE D 202 45.56 2.86 22.17
CA PHE D 202 46.17 1.54 22.15
C PHE D 202 46.74 1.19 23.53
N SER D 203 46.42 -0.01 24.00
CA SER D 203 46.93 -0.50 25.27
C SER D 203 48.43 -0.78 25.15
N PRO D 204 49.13 -0.94 26.29
CA PRO D 204 50.55 -1.31 26.22
C PRO D 204 50.79 -2.62 25.48
N ALA D 205 49.76 -3.46 25.39
CA ALA D 205 49.84 -4.71 24.66
C ALA D 205 49.45 -4.50 23.20
N LYS D 206 49.27 -3.24 22.80
CA LYS D 206 48.92 -2.87 21.44
C LYS D 206 47.53 -3.33 21.01
N ASN D 207 46.65 -3.55 21.98
CA ASN D 207 45.26 -3.83 21.67
C ASN D 207 44.51 -2.50 21.48
N PHE D 208 43.52 -2.49 20.60
CA PHE D 208 42.76 -1.27 20.34
C PHE D 208 41.69 -1.11 21.40
N CYS D 209 41.59 0.10 21.96
CA CYS D 209 40.71 0.33 23.10
C CYS D 209 39.96 1.65 22.99
N PHE D 210 38.77 1.73 23.59
CA PHE D 210 38.06 2.99 23.70
C PHE D 210 37.49 3.18 25.10
N VAL D 211 37.45 4.43 25.54
CA VAL D 211 36.95 4.79 26.86
C VAL D 211 35.48 5.17 26.80
N SER D 212 35.09 5.85 25.72
CA SER D 212 33.76 6.42 25.55
C SER D 212 33.46 7.44 26.64
N ARG D 213 32.18 7.80 26.78
CA ARG D 213 31.78 8.74 27.82
C ARG D 213 30.51 8.26 28.52
N CYS D 214 30.57 8.10 29.84
CA CYS D 214 29.41 7.69 30.62
C CYS D 214 29.67 7.86 32.12
N ASP D 215 28.64 7.62 32.93
CA ASP D 215 28.75 7.80 34.37
C ASP D 215 29.42 6.62 35.09
N TYR D 216 29.22 5.41 34.58
CA TYR D 216 29.66 4.22 35.29
C TYR D 216 30.93 3.61 34.70
N TYR D 217 32.07 4.11 35.15
CA TYR D 217 33.38 3.54 34.86
C TYR D 217 33.76 3.52 33.38
N CYS D 218 33.33 4.54 32.64
CA CYS D 218 33.95 4.83 31.35
C CYS D 218 35.27 5.56 31.58
N ASP D 219 36.29 4.82 31.99
CA ASP D 219 37.61 5.38 32.21
C ASP D 219 38.69 4.48 31.64
N THR D 220 39.95 4.93 31.71
CA THR D 220 41.08 4.22 31.14
C THR D 220 41.21 2.80 31.70
N THR D 221 41.08 2.67 33.01
CA THR D 221 41.22 1.38 33.69
C THR D 221 40.19 0.36 33.19
N HIS D 222 38.97 0.84 32.93
CA HIS D 222 37.88 -0.03 32.51
C HIS D 222 37.53 0.15 31.04
N ALA D 223 38.51 0.57 30.25
CA ALA D 223 38.31 0.74 28.81
C ALA D 223 37.96 -0.59 28.14
N ILE D 224 37.19 -0.52 27.06
CA ILE D 224 36.84 -1.70 26.28
C ILE D 224 37.94 -1.95 25.25
N CYS D 225 38.48 -3.18 25.23
CA CYS D 225 39.65 -3.46 24.40
C CYS D 225 39.47 -4.71 23.54
N GLY D 226 39.96 -4.64 22.31
CA GLY D 226 39.93 -5.76 21.39
C GLY D 226 41.16 -6.64 21.52
N LEU D 227 41.28 -7.64 20.64
CA LEU D 227 42.46 -8.50 20.63
C LEU D 227 42.97 -8.82 19.23
N PRO D 228 43.51 -7.82 18.52
CA PRO D 228 43.69 -6.45 18.99
C PRO D 228 42.59 -5.49 18.53
N ASP D 229 41.94 -5.78 17.41
CA ASP D 229 41.08 -4.79 16.75
C ASP D 229 39.67 -5.28 16.44
N MSE D 230 39.27 -6.41 17.02
CA MSE D 230 37.89 -6.87 16.88
C MSE D 230 37.17 -6.78 18.21
O MSE D 230 37.80 -6.84 19.26
CB MSE D 230 37.83 -8.29 16.31
CG MSE D 230 37.99 -9.39 17.35
SE MSE D 230 39.81 -9.55 18.02
CE MSE D 230 40.72 -9.85 16.32
N LYS D 231 35.85 -6.63 18.16
CA LYS D 231 35.07 -6.53 19.39
C LYS D 231 33.65 -7.01 19.20
N GLU D 232 33.33 -8.12 19.86
CA GLU D 232 31.96 -8.65 19.86
C GLU D 232 31.06 -7.73 20.67
N GLY D 233 29.79 -7.69 20.33
CA GLY D 233 28.83 -6.93 21.10
C GLY D 233 27.40 -7.36 20.86
N SER D 234 26.48 -6.85 21.67
CA SER D 234 25.07 -7.10 21.45
C SER D 234 24.48 -5.99 20.60
N VAL D 235 23.63 -6.37 19.65
CA VAL D 235 23.01 -5.40 18.77
C VAL D 235 21.50 -5.51 18.86
N GLN D 236 20.87 -4.47 19.39
CA GLN D 236 19.43 -4.50 19.66
C GLN D 236 18.71 -3.44 18.85
N VAL D 237 17.68 -3.86 18.11
CA VAL D 237 16.90 -2.95 17.29
C VAL D 237 16.28 -1.84 18.12
N PHE D 238 16.35 -0.61 17.62
CA PHE D 238 15.75 0.53 18.29
C PHE D 238 14.25 0.35 18.45
N LEU D 239 13.71 0.78 19.57
CA LEU D 239 12.26 0.85 19.73
C LEU D 239 11.76 1.95 18.80
N PRO D 240 10.50 1.84 18.33
CA PRO D 240 9.97 2.91 17.48
C PRO D 240 10.00 4.26 18.20
N ASP D 241 10.08 5.35 17.44
CA ASP D 241 10.23 6.68 18.00
C ASP D 241 9.11 7.00 18.99
N GLU D 242 9.48 7.69 20.07
CA GLU D 242 8.53 8.01 21.14
C GLU D 242 7.42 8.93 20.64
N SER D 243 7.76 9.81 19.71
CA SER D 243 6.79 10.73 19.12
C SER D 243 5.68 9.96 18.44
N ALA D 244 6.03 8.86 17.78
CA ALA D 244 5.04 8.02 17.12
C ALA D 244 4.48 6.99 18.09
N VAL D 245 5.36 6.27 18.77
CA VAL D 245 4.95 5.26 19.74
C VAL D 245 5.51 5.56 21.13
N PRO D 246 4.76 6.34 21.93
CA PRO D 246 5.14 6.72 23.29
C PRO D 246 5.25 5.52 24.22
N ARG D 247 6.02 5.66 25.29
CA ARG D 247 6.32 4.55 26.20
C ARG D 247 6.08 4.88 27.67
N LYS D 248 5.87 3.82 28.47
CA LYS D 248 5.50 3.95 29.88
C LYS D 248 6.60 3.53 30.86
N HIS D 249 6.73 4.28 31.95
CA HIS D 249 7.71 3.98 33.00
C HIS D 249 7.05 3.77 34.37
N ASN D 250 7.01 2.53 34.84
CA ASN D 250 6.37 2.22 36.11
C ASN D 250 7.34 1.61 37.12
N ARG D 251 7.39 2.19 38.31
CA ARG D 251 8.20 1.63 39.40
C ARG D 251 7.69 0.26 39.81
N SER D 252 8.62 -0.67 39.99
CA SER D 252 8.25 -2.03 40.39
C SER D 252 7.88 -2.06 41.87
N PRO D 253 6.81 -2.78 42.20
CA PRO D 253 6.44 -3.00 43.60
C PRO D 253 7.46 -3.88 44.32
N TYR D 254 8.26 -4.59 43.54
CA TYR D 254 9.34 -5.42 44.09
C TYR D 254 10.69 -4.79 43.80
N ARG D 255 10.71 -3.47 43.64
CA ARG D 255 11.96 -2.72 43.52
C ARG D 255 12.82 -2.90 44.77
N ARG D 256 14.12 -3.08 44.58
CA ARG D 256 15.05 -3.22 45.69
C ARG D 256 15.44 -1.86 46.26
N THR D 257 16.21 -1.89 47.35
CA THR D 257 16.54 -0.67 48.09
C THR D 257 17.66 0.12 47.43
N TYR D 258 18.59 -0.59 46.78
CA TYR D 258 19.76 0.02 46.16
C TYR D 258 20.58 0.80 47.18
N SER D 259 20.76 0.20 48.35
CA SER D 259 21.61 0.76 49.40
C SER D 259 22.30 -0.36 50.15
N LYS D 260 23.56 -0.13 50.54
CA LYS D 260 24.31 -1.14 51.29
C LYS D 260 24.06 -1.00 52.78
N LYS D 261 23.45 0.11 53.20
CA LYS D 261 23.09 0.30 54.60
C LYS D 261 21.85 -0.53 54.90
N ASN D 262 20.73 -0.11 54.35
CA ASN D 262 19.48 -0.87 54.46
C ASN D 262 19.28 -1.77 53.24
N GLN D 263 19.67 -3.03 53.37
CA GLN D 263 19.71 -3.92 52.21
C GLN D 263 18.45 -4.75 52.06
N VAL D 264 17.47 -4.54 52.94
CA VAL D 264 16.28 -5.38 52.96
C VAL D 264 15.00 -4.58 52.75
N ALA D 265 14.42 -4.71 51.56
CA ALA D 265 13.14 -4.10 51.25
C ALA D 265 12.02 -4.85 51.98
N GLU D 266 10.88 -4.19 52.13
CA GLU D 266 9.72 -4.78 52.80
C GLU D 266 9.29 -6.11 52.18
N TRP D 267 9.26 -6.17 50.86
CA TRP D 267 8.80 -7.36 50.16
C TRP D 267 9.76 -8.54 50.33
N GLN D 268 10.97 -8.25 50.79
CA GLN D 268 11.97 -9.29 51.01
C GLN D 268 11.80 -9.90 52.39
N SER D 269 11.10 -9.19 53.27
CA SER D 269 10.90 -9.61 54.64
C SER D 269 9.45 -9.96 54.95
N SER D 270 8.52 -9.39 54.18
CA SER D 270 7.10 -9.59 54.47
C SER D 270 6.46 -10.65 53.58
N MSE D 271 5.78 -11.59 54.23
CA MSE D 271 5.19 -12.76 53.58
C MSE D 271 3.86 -12.43 52.91
O MSE D 271 3.58 -12.91 51.80
CB MSE D 271 5.01 -13.87 54.61
CG MSE D 271 4.29 -15.12 54.10
SE MSE D 271 4.05 -16.44 55.52
CE MSE D 271 3.07 -15.33 56.80
N ASN D 272 3.04 -11.63 53.58
CA ASN D 272 1.72 -11.27 53.05
C ASN D 272 1.77 -9.99 52.21
N TYR D 273 2.97 -9.61 51.80
CA TYR D 273 3.20 -8.39 51.03
C TYR D 273 2.32 -8.29 49.78
N CYS D 274 2.24 -9.37 49.01
CA CYS D 274 1.45 -9.37 47.79
C CYS D 274 -0.03 -9.19 48.08
N THR D 275 -0.53 -9.94 49.05
CA THR D 275 -1.92 -9.89 49.45
C THR D 275 -2.33 -8.51 49.97
N ASP D 276 -1.51 -7.96 50.86
CA ASP D 276 -1.85 -6.71 51.54
C ASP D 276 -1.44 -5.45 50.77
N LYS D 277 -0.33 -5.51 50.04
CA LYS D 277 0.25 -4.29 49.48
C LYS D 277 0.23 -4.17 47.96
N VAL D 278 0.07 -5.27 47.23
CA VAL D 278 0.12 -5.21 45.77
C VAL D 278 -1.23 -5.60 45.12
N LYS D 279 -1.84 -6.68 45.57
CA LYS D 279 -3.14 -7.10 45.05
C LYS D 279 -4.20 -6.03 45.31
N THR D 280 -3.93 -5.20 46.31
CA THR D 280 -4.83 -4.14 46.73
C THR D 280 -4.53 -2.83 46.01
N LYS D 281 -3.50 -2.83 45.17
CA LYS D 281 -3.12 -1.63 44.43
C LYS D 281 -4.09 -1.29 43.31
N ARG D 282 -4.26 0.00 43.07
CA ARG D 282 -5.14 0.51 42.01
C ARG D 282 -4.75 -0.08 40.65
N GLN D 283 -3.48 0.03 40.31
CA GLN D 283 -2.95 -0.44 39.03
C GLN D 283 -2.96 -1.97 38.87
N TYR D 284 -2.99 -2.67 40.00
CA TYR D 284 -2.82 -4.13 39.97
C TYR D 284 -4.07 -4.93 40.36
N ALA D 285 -5.10 -4.25 40.84
CA ALA D 285 -6.30 -4.94 41.31
C ALA D 285 -7.05 -5.60 40.15
N HIS D 286 -6.97 -5.00 38.98
CA HIS D 286 -7.65 -5.51 37.79
C HIS D 286 -6.83 -5.28 36.52
N GLY D 287 -6.70 -6.32 35.70
CA GLY D 287 -5.99 -6.23 34.45
C GLY D 287 -4.99 -7.35 34.27
N ARG D 288 -3.88 -7.05 33.59
CA ARG D 288 -2.87 -8.06 33.29
C ARG D 288 -1.54 -7.78 33.97
N ARG D 289 -1.41 -6.59 34.57
CA ARG D 289 -0.16 -6.15 35.18
C ARG D 289 0.42 -7.14 36.18
N LEU D 290 -0.42 -7.65 37.08
CA LEU D 290 0.06 -8.59 38.10
C LEU D 290 0.53 -9.91 37.48
N LEU D 291 -0.20 -10.41 36.50
CA LEU D 291 0.20 -11.61 35.77
C LEU D 291 1.47 -11.37 34.98
N ASP D 292 1.62 -10.15 34.47
CA ASP D 292 2.83 -9.75 33.76
C ASP D 292 4.03 -9.73 34.70
N LEU D 293 3.82 -9.15 35.88
CA LEU D 293 4.87 -9.05 36.90
C LEU D 293 5.37 -10.42 37.32
N VAL D 294 4.46 -11.38 37.44
CA VAL D 294 4.85 -12.74 37.78
C VAL D 294 5.63 -13.37 36.65
N ASP D 295 5.15 -13.16 35.42
CA ASP D 295 5.81 -13.69 34.23
C ASP D 295 7.24 -13.17 34.08
N ILE D 296 7.41 -11.87 34.26
CA ILE D 296 8.71 -11.24 34.07
C ILE D 296 9.67 -11.59 35.21
N HIS D 297 9.12 -11.81 36.41
CA HIS D 297 9.93 -12.23 37.55
C HIS D 297 10.31 -13.70 37.46
N ILE D 298 9.48 -14.48 36.78
CA ILE D 298 9.81 -15.87 36.49
C ILE D 298 11.01 -15.88 35.53
N LEU D 299 10.97 -14.97 34.57
CA LEU D 299 12.06 -14.81 33.62
C LEU D 299 13.34 -14.36 34.31
N ASP D 300 13.22 -13.34 35.16
CA ASP D 300 14.35 -12.78 35.87
C ASP D 300 15.01 -13.77 36.82
N TYR D 301 14.22 -14.64 37.42
CA TYR D 301 14.75 -15.66 38.34
C TYR D 301 15.51 -16.75 37.60
N LEU D 302 15.00 -17.12 36.42
CA LEU D 302 15.66 -18.13 35.60
C LEU D 302 17.04 -17.66 35.15
N ILE D 303 17.15 -16.35 34.93
CA ILE D 303 18.40 -15.76 34.46
C ILE D 303 19.17 -15.09 35.59
N GLY D 304 18.57 -15.05 36.77
CA GLY D 304 19.21 -14.46 37.94
C GLY D 304 19.30 -12.95 37.89
N ASN D 305 18.37 -12.30 37.18
CA ASN D 305 18.35 -10.85 37.08
C ASN D 305 17.72 -10.20 38.32
N GLN D 306 18.51 -9.43 39.04
CA GLN D 306 18.04 -8.78 40.27
C GLN D 306 17.65 -7.32 40.06
N ASP D 307 17.99 -6.78 38.89
CA ASP D 307 17.91 -5.33 38.70
C ASP D 307 16.59 -4.89 38.06
N ARG D 308 15.50 -5.57 38.41
CA ARG D 308 14.19 -5.23 37.86
C ARG D 308 13.51 -4.19 38.75
N HIS D 309 13.92 -2.94 38.60
CA HIS D 309 13.39 -1.85 39.43
C HIS D 309 12.24 -1.11 38.75
N HIS D 310 12.22 -1.10 37.42
CA HIS D 310 11.17 -0.43 36.67
C HIS D 310 10.62 -1.31 35.56
N PHE D 311 9.42 -0.97 35.09
CA PHE D 311 8.81 -1.65 33.95
C PHE D 311 8.65 -0.72 32.77
N GLU D 312 8.73 -1.28 31.57
CA GLU D 312 8.60 -0.50 30.34
C GLU D 312 7.41 -1.01 29.53
N SER D 313 6.60 -0.10 29.02
CA SER D 313 5.41 -0.47 28.26
C SER D 313 5.07 0.55 27.18
N PHE D 314 4.55 0.07 26.06
CA PHE D 314 4.04 0.96 25.02
C PHE D 314 2.76 1.64 25.48
N ASN D 315 2.60 2.90 25.10
CA ASN D 315 1.37 3.64 25.39
C ASN D 315 0.84 4.27 24.11
N VAL D 316 0.36 3.44 23.20
CA VAL D 316 0.08 3.87 21.83
C VAL D 316 -1.30 3.38 21.39
N PHE D 317 -1.75 2.30 22.00
CA PHE D 317 -3.06 1.75 21.74
C PHE D 317 -4.08 2.49 22.62
N ASN D 318 -4.88 3.35 21.99
CA ASN D 318 -5.83 4.21 22.68
C ASN D 318 -6.74 3.44 23.64
N ASP D 319 -6.93 2.16 23.36
CA ASP D 319 -7.69 1.27 24.24
C ASP D 319 -6.83 0.05 24.54
N LEU D 320 -7.44 -0.97 25.16
CA LEU D 320 -6.76 -2.23 25.48
C LEU D 320 -5.66 -2.06 26.55
N PRO D 321 -5.40 -3.13 27.32
CA PRO D 321 -4.37 -3.09 28.36
C PRO D 321 -2.96 -3.22 27.81
N SER D 322 -2.02 -2.48 28.38
CA SER D 322 -0.62 -2.56 27.98
C SER D 322 0.08 -3.70 28.71
N TYR D 323 1.25 -4.09 28.21
CA TYR D 323 2.05 -5.14 28.84
C TYR D 323 3.47 -4.64 29.06
N ALA D 324 4.17 -5.27 30.00
CA ALA D 324 5.55 -4.89 30.31
C ALA D 324 6.52 -5.37 29.24
N ILE D 325 7.30 -4.45 28.68
CA ILE D 325 8.32 -4.78 27.72
C ILE D 325 9.53 -5.37 28.43
N HIS D 326 9.91 -6.58 28.04
CA HIS D 326 11.06 -7.25 28.65
C HIS D 326 12.37 -6.66 28.15
N LEU D 327 12.88 -5.67 28.89
CA LEU D 327 14.09 -4.96 28.52
C LEU D 327 15.15 -5.04 29.59
N ASP D 328 16.33 -4.48 29.28
CA ASP D 328 17.42 -4.34 30.24
C ASP D 328 17.79 -5.65 30.93
N HIS D 329 18.42 -6.56 30.19
CA HIS D 329 18.80 -7.86 30.74
C HIS D 329 20.31 -7.96 30.86
N GLY D 330 20.98 -6.81 30.81
CA GLY D 330 22.43 -6.76 30.87
C GLY D 330 23.04 -7.34 32.13
N ARG D 331 22.30 -7.31 33.23
CA ARG D 331 22.80 -7.80 34.51
C ARG D 331 22.26 -9.19 34.83
N ALA D 332 21.98 -9.96 33.79
CA ALA D 332 21.54 -11.34 33.94
C ALA D 332 22.70 -12.31 33.77
N PHE D 333 22.50 -13.55 34.18
CA PHE D 333 23.48 -14.63 34.02
C PHE D 333 24.81 -14.33 34.69
N GLY D 334 24.76 -13.67 35.84
CA GLY D 334 25.96 -13.34 36.59
C GLY D 334 26.49 -14.49 37.44
N ARG D 335 25.59 -15.37 37.86
CA ARG D 335 25.96 -16.47 38.76
C ARG D 335 25.35 -17.79 38.31
N SER D 336 26.19 -18.82 38.25
CA SER D 336 25.74 -20.16 37.89
C SER D 336 25.58 -21.02 39.15
N ASP D 337 26.12 -20.52 40.25
CA ASP D 337 26.15 -21.28 41.50
C ASP D 337 25.25 -20.68 42.58
N PHE D 338 24.44 -19.69 42.20
CA PHE D 338 23.57 -19.02 43.16
C PHE D 338 22.20 -18.72 42.56
N ASP D 339 21.16 -19.15 43.26
CA ASP D 339 19.80 -18.83 42.88
C ASP D 339 19.23 -17.81 43.86
N ASP D 340 18.80 -16.66 43.34
CA ASP D 340 18.22 -15.63 44.19
C ASP D 340 16.72 -15.83 44.28
N ASP D 341 16.30 -16.57 45.30
CA ASP D 341 14.90 -16.92 45.50
C ASP D 341 14.03 -15.70 45.80
N ASP D 342 14.67 -14.59 46.12
CA ASP D 342 13.96 -13.33 46.33
C ASP D 342 13.27 -12.84 45.07
N ILE D 343 13.82 -13.19 43.91
CA ILE D 343 13.28 -12.76 42.63
C ILE D 343 11.91 -13.41 42.35
N ILE D 344 11.75 -14.65 42.77
CA ILE D 344 10.49 -15.37 42.53
C ILE D 344 9.49 -15.16 43.64
N LEU D 345 9.78 -14.22 44.54
CA LEU D 345 8.86 -13.89 45.62
C LEU D 345 7.45 -13.50 45.13
N PRO D 346 7.35 -12.75 44.00
CA PRO D 346 5.99 -12.52 43.50
C PRO D 346 5.21 -13.80 43.25
N LEU D 347 5.87 -14.82 42.71
CA LEU D 347 5.22 -16.12 42.51
C LEU D 347 4.75 -16.72 43.83
N ARG D 348 5.62 -16.67 44.85
CA ARG D 348 5.31 -17.26 46.15
C ARG D 348 4.32 -16.43 46.94
N GLN D 349 4.39 -15.12 46.78
CA GLN D 349 3.53 -14.21 47.54
C GLN D 349 2.15 -14.02 46.89
N CYS D 350 2.12 -13.81 45.58
CA CYS D 350 0.87 -13.54 44.88
C CYS D 350 0.08 -14.80 44.58
N CYS D 351 0.79 -15.86 44.20
CA CYS D 351 0.17 -17.14 43.85
C CYS D 351 -0.88 -17.01 42.77
N ILE D 352 -0.62 -16.15 41.78
CA ILE D 352 -1.40 -16.17 40.55
C ILE D 352 -0.43 -16.46 39.40
N LEU D 353 -0.94 -17.10 38.35
CA LEU D 353 -0.07 -17.57 37.28
C LEU D 353 -0.83 -17.74 35.98
N ARG D 354 -0.38 -17.06 34.94
CA ARG D 354 -0.98 -17.15 33.61
C ARG D 354 -0.96 -18.60 33.10
N PRO D 355 -2.13 -19.09 32.67
CA PRO D 355 -2.34 -20.49 32.28
C PRO D 355 -1.39 -20.99 31.20
N SER D 356 -1.09 -20.14 30.22
CA SER D 356 -0.16 -20.50 29.16
C SER D 356 1.25 -20.72 29.71
N THR D 357 1.65 -19.88 30.66
CA THR D 357 2.96 -20.01 31.30
C THR D 357 3.14 -21.35 32.01
N PHE D 358 2.12 -21.77 32.76
CA PHE D 358 2.21 -23.02 33.54
C PHE D 358 2.41 -24.24 32.66
N GLN D 359 1.62 -24.34 31.59
CA GLN D 359 1.73 -25.47 30.67
C GLN D 359 3.12 -25.49 30.05
N THR D 360 3.56 -24.33 29.60
CA THR D 360 4.92 -24.17 29.06
C THR D 360 5.95 -24.66 30.04
N LEU D 361 5.86 -24.20 31.29
CA LEU D 361 6.77 -24.62 32.35
C LEU D 361 6.66 -26.10 32.70
N MSE D 362 5.42 -26.61 32.76
CA MSE D 362 5.20 -28.01 33.09
C MSE D 362 5.69 -28.93 31.97
O MSE D 362 6.18 -30.03 32.23
CB MSE D 362 3.72 -28.27 33.39
CG MSE D 362 3.45 -28.62 34.85
SE MSE D 362 4.22 -30.33 35.40
CE MSE D 362 3.13 -31.53 34.31
N ASN D 363 5.56 -28.46 30.73
CA ASN D 363 6.05 -29.22 29.59
C ASN D 363 7.56 -29.38 29.62
N PHE D 364 8.26 -28.30 29.93
CA PHE D 364 9.72 -28.34 30.03
C PHE D 364 10.21 -29.19 31.21
N TYR D 365 9.58 -29.01 32.37
CA TYR D 365 9.99 -29.72 33.58
C TYR D 365 9.83 -31.23 33.50
N SER D 366 8.74 -31.66 32.86
CA SER D 366 8.41 -33.09 32.78
C SER D 366 9.40 -33.84 31.88
N THR D 367 10.17 -33.09 31.10
CA THR D 367 11.20 -33.65 30.25
C THR D 367 12.55 -33.06 30.62
N PRO D 368 13.37 -33.81 31.39
CA PRO D 368 14.66 -33.34 31.87
C PRO D 368 15.56 -32.79 30.77
N LYS D 369 16.25 -31.69 31.06
CA LYS D 369 17.19 -31.04 30.13
C LYS D 369 16.56 -30.39 28.89
N SER D 370 15.23 -30.43 28.80
CA SER D 370 14.52 -29.93 27.61
C SER D 370 14.49 -28.41 27.49
N LEU D 371 14.37 -27.73 28.62
CA LEU D 371 14.35 -26.27 28.62
C LEU D 371 15.67 -25.71 28.10
N THR D 372 16.77 -26.17 28.67
CA THR D 372 18.09 -25.70 28.28
C THR D 372 18.50 -26.16 26.89
N LYS D 373 17.98 -27.31 26.45
CA LYS D 373 18.22 -27.78 25.08
C LYS D 373 17.56 -26.89 24.04
N ALA D 374 16.32 -26.50 24.32
CA ALA D 374 15.57 -25.61 23.44
C ALA D 374 16.21 -24.23 23.40
N LEU D 375 16.85 -23.87 24.51
CA LEU D 375 17.57 -22.61 24.62
C LEU D 375 18.89 -22.70 23.86
N HIS D 376 19.58 -23.82 24.04
CA HIS D 376 20.85 -24.07 23.37
C HIS D 376 20.68 -24.01 21.86
N GLU D 377 19.62 -24.64 21.37
CA GLU D 377 19.33 -24.66 19.93
C GLU D 377 19.02 -23.27 19.39
N SER D 378 18.30 -22.47 20.17
CA SER D 378 17.97 -21.12 19.77
C SER D 378 19.21 -20.24 19.73
N LEU D 379 20.02 -20.34 20.77
CA LEU D 379 21.25 -19.57 20.88
C LEU D 379 22.24 -19.92 19.77
N SER D 380 22.22 -21.19 19.36
CA SER D 380 23.13 -21.70 18.34
C SER D 380 22.99 -20.98 17.00
N LYS D 381 21.80 -20.47 16.71
CA LYS D 381 21.55 -19.77 15.44
C LYS D 381 22.14 -18.37 15.46
N ASP D 382 22.45 -17.85 16.65
CA ASP D 382 23.08 -16.55 16.76
C ASP D 382 24.54 -16.65 16.32
N PRO D 383 24.97 -15.71 15.46
CA PRO D 383 26.32 -15.72 14.87
C PRO D 383 27.45 -15.63 15.88
N ALA D 384 27.15 -15.19 17.10
CA ALA D 384 28.18 -15.01 18.12
C ALA D 384 28.22 -16.16 19.12
N HIS D 385 27.53 -17.25 18.80
CA HIS D 385 27.49 -18.42 19.68
C HIS D 385 28.88 -19.02 19.87
N PRO D 386 29.15 -19.64 21.04
CA PRO D 386 28.25 -19.82 22.19
C PRO D 386 27.91 -18.54 22.94
N ILE D 387 26.64 -18.36 23.26
CA ILE D 387 26.17 -17.17 23.96
C ILE D 387 26.34 -17.33 25.46
N LEU D 388 26.03 -18.52 25.97
CA LEU D 388 26.13 -18.80 27.40
C LEU D 388 27.13 -19.91 27.70
N ALA D 389 27.86 -19.75 28.80
CA ALA D 389 28.66 -20.84 29.34
C ALA D 389 27.73 -21.98 29.74
N TYR D 390 28.16 -23.21 29.49
CA TYR D 390 27.29 -24.38 29.67
C TYR D 390 26.90 -24.61 31.11
N LYS D 391 27.69 -24.06 32.04
CA LYS D 391 27.45 -24.23 33.47
C LYS D 391 26.14 -23.58 33.92
N HIS D 392 25.59 -22.69 33.10
CA HIS D 392 24.32 -22.04 33.41
C HIS D 392 23.13 -22.96 33.12
N TYR D 393 23.34 -23.96 32.27
CA TYR D 393 22.28 -24.90 31.94
C TYR D 393 21.81 -25.72 33.16
N PRO D 394 22.73 -26.36 33.91
CA PRO D 394 22.22 -27.05 35.09
C PRO D 394 21.63 -26.08 36.12
N ALA D 395 22.16 -24.86 36.14
CA ALA D 395 21.67 -23.82 37.04
C ALA D 395 20.23 -23.45 36.73
N MSE D 396 19.92 -23.39 35.43
CA MSE D 396 18.57 -23.08 34.98
C MSE D 396 17.60 -24.21 35.28
O MSE D 396 16.46 -23.99 35.67
CB MSE D 396 18.56 -22.76 33.50
CG MSE D 396 18.25 -21.31 33.18
SE MSE D 396 18.55 -20.89 31.31
CE MSE D 396 18.08 -19.01 31.39
N GLU D 397 18.08 -25.43 35.07
CA GLU D 397 17.29 -26.62 35.39
C GLU D 397 16.98 -26.67 36.88
N ARG D 398 17.97 -26.33 37.70
CA ARG D 398 17.82 -26.33 39.15
C ARG D 398 16.78 -25.29 39.58
N ARG D 399 16.79 -24.15 38.92
CA ARG D 399 15.86 -23.06 39.24
C ARG D 399 14.45 -23.38 38.79
N LEU D 400 14.33 -24.06 37.65
CA LEU D 400 13.03 -24.46 37.12
C LEU D 400 12.28 -25.37 38.10
N ALA D 401 13.00 -26.35 38.65
CA ALA D 401 12.42 -27.27 39.63
C ALA D 401 11.91 -26.52 40.86
N LYS D 402 12.67 -25.53 41.31
CA LYS D 402 12.28 -24.73 42.46
C LYS D 402 11.03 -23.90 42.19
N ILE D 403 10.92 -23.42 40.94
CA ILE D 403 9.74 -22.65 40.54
C ILE D 403 8.48 -23.50 40.63
N MSE D 404 8.58 -24.75 40.19
CA MSE D 404 7.47 -25.70 40.24
C MSE D 404 6.98 -25.89 41.67
O MSE D 404 5.77 -25.92 41.93
CB MSE D 404 7.87 -27.04 39.65
CG MSE D 404 8.40 -26.99 38.22
SE MSE D 404 7.07 -26.51 36.88
CE MSE D 404 7.29 -24.57 36.92
N SER D 405 7.92 -26.05 42.59
CA SER D 405 7.62 -26.28 44.00
C SER D 405 6.81 -25.14 44.60
N HIS D 406 7.16 -23.91 44.23
CA HIS D 406 6.46 -22.74 44.72
C HIS D 406 5.04 -22.70 44.16
N ILE D 407 4.89 -23.17 42.92
CA ILE D 407 3.59 -23.23 42.26
C ILE D 407 2.70 -24.30 42.87
N LEU D 408 3.28 -25.47 43.14
CA LEU D 408 2.55 -26.55 43.80
C LEU D 408 2.04 -26.12 45.17
N GLU D 409 2.83 -25.32 45.86
CA GLU D 409 2.43 -24.80 47.17
C GLU D 409 1.26 -23.84 46.98
N CYS D 410 1.31 -23.07 45.90
CA CYS D 410 0.21 -22.17 45.55
C CYS D 410 -1.04 -23.00 45.24
N PHE D 411 -0.84 -24.14 44.62
CA PHE D 411 -1.95 -25.06 44.31
C PHE D 411 -2.56 -25.61 45.59
N GLU D 412 -1.73 -25.93 46.56
CA GLU D 412 -2.19 -26.53 47.80
C GLU D 412 -2.78 -25.49 48.75
N SER D 413 -2.24 -24.28 48.70
CA SER D 413 -2.69 -23.20 49.57
C SER D 413 -3.90 -22.45 49.02
N ARG D 414 -3.87 -22.14 47.74
CA ARG D 414 -4.92 -21.32 47.13
C ARG D 414 -5.85 -22.10 46.21
N GLY D 415 -5.45 -23.27 45.75
CA GLY D 415 -6.28 -24.02 44.82
C GLY D 415 -6.05 -23.60 43.38
N VAL D 416 -6.27 -24.54 42.46
CA VAL D 416 -5.98 -24.33 41.04
C VAL D 416 -6.89 -23.32 40.33
N ALA D 417 -8.11 -23.14 40.81
CA ALA D 417 -9.07 -22.29 40.10
C ALA D 417 -8.84 -20.79 40.24
N GLU D 418 -8.09 -20.36 41.26
CA GLU D 418 -7.81 -18.93 41.41
C GLU D 418 -6.36 -18.58 41.08
N VAL D 419 -5.50 -19.60 41.02
CA VAL D 419 -4.10 -19.35 40.67
C VAL D 419 -3.94 -19.28 39.14
N LEU D 420 -4.41 -20.29 38.41
CA LEU D 420 -4.29 -20.32 36.96
C LEU D 420 -5.41 -19.52 36.31
N VAL D 421 -5.27 -18.20 36.32
CA VAL D 421 -6.29 -17.33 35.75
C VAL D 421 -5.70 -16.44 34.65
N ALA D 422 -6.50 -16.13 33.63
CA ALA D 422 -6.04 -15.36 32.48
C ALA D 422 -6.08 -13.86 32.71
N GLU D 423 -6.93 -13.44 33.64
CA GLU D 423 -6.99 -12.04 34.04
C GLU D 423 -7.19 -11.96 35.54
N TYR D 424 -6.61 -10.97 36.20
CA TYR D 424 -6.75 -10.88 37.66
C TYR D 424 -7.85 -9.90 38.06
N ASN D 425 -8.70 -10.32 39.00
CA ASN D 425 -9.78 -9.48 39.49
C ASN D 425 -9.83 -9.45 41.01
N ASN D 426 -9.72 -8.25 41.59
CA ASN D 426 -9.73 -8.09 43.04
C ASN D 426 -11.12 -7.73 43.57
N PRO D 427 -11.72 -8.63 44.35
CA PRO D 427 -13.04 -8.37 44.95
C PRO D 427 -13.10 -7.03 45.68
C1 NAG E . 46.35 -4.18 -13.91
C2 NAG E . 46.30 -5.57 -14.55
C3 NAG E . 45.37 -6.48 -13.76
C4 NAG E . 45.72 -6.47 -12.28
C5 NAG E . 45.82 -5.05 -11.75
C6 NAG E . 46.32 -4.97 -10.33
C7 NAG E . 44.76 -4.99 -16.40
C8 NAG E . 44.57 -5.00 -17.90
N2 NAG E . 45.91 -5.50 -15.96
O3 NAG E . 45.48 -7.81 -14.26
O4 NAG E . 45.04 -7.44 -11.56
O5 NAG E . 46.74 -4.29 -12.56
O6 NAG E . 46.75 -6.25 -9.85
O7 NAG E . 43.90 -4.54 -15.66
C1 NAG E . 45.25 -8.77 -11.21
C2 NAG E . 44.08 -9.23 -10.34
C3 NAG E . 44.23 -10.70 -9.99
C4 NAG E . 44.42 -11.53 -11.25
C5 NAG E . 45.57 -10.97 -12.09
C6 NAG E . 45.74 -11.68 -13.41
C7 NAG E . 42.92 -7.70 -8.82
C8 NAG E . 42.99 -6.92 -7.53
N2 NAG E . 44.00 -8.42 -9.13
O3 NAG E . 43.06 -11.12 -9.30
O4 NAG E . 44.70 -12.88 -10.91
O5 NAG E . 45.33 -9.59 -12.37
O6 NAG E . 44.50 -11.83 -14.08
O7 NAG E . 41.91 -7.68 -9.53
C1 BMA E . 43.73 -13.88 -10.90
C2 BMA E . 44.51 -15.16 -11.24
C3 BMA E . 43.56 -16.36 -11.24
C4 BMA E . 42.69 -16.40 -9.98
C5 BMA E . 41.97 -15.06 -9.79
C6 BMA E . 41.13 -15.00 -8.53
O2 BMA E . 45.50 -15.42 -10.26
O3 BMA E . 44.28 -17.59 -11.37
O4 BMA E . 41.73 -17.44 -10.08
O5 BMA E . 42.96 -14.02 -9.73
O6 BMA E . 41.95 -15.36 -7.43
C1 NAG F . 4.97 -15.63 -6.86
C2 NAG F . 4.68 -17.12 -6.93
C3 NAG F . 3.20 -17.38 -6.65
C4 NAG F . 2.80 -16.75 -5.32
C5 NAG F . 3.22 -15.27 -5.27
C6 NAG F . 3.02 -14.66 -3.91
C7 NAG F . 6.26 -18.19 -8.48
C8 NAG F . 6.48 -18.70 -9.86
N2 NAG F . 5.05 -17.66 -8.24
O3 NAG F . 2.97 -18.78 -6.61
O4 NAG F . 1.39 -16.95 -5.22
O5 NAG F . 4.62 -15.14 -5.58
O6 NAG F . 2.37 -13.39 -4.00
O7 NAG F . 7.13 -18.26 -7.61
C1 NAG F . 0.78 -17.28 -4.01
C2 NAG F . -0.51 -16.49 -3.83
C3 NAG F . -1.14 -16.84 -2.49
C4 NAG F . -1.34 -18.34 -2.37
C5 NAG F . -0.03 -19.07 -2.65
C6 NAG F . -0.19 -20.57 -2.70
C7 NAG F . -1.06 -14.25 -4.65
C8 NAG F . -0.70 -12.79 -4.64
N2 NAG F . -0.28 -15.06 -3.93
O3 NAG F . -2.38 -16.16 -2.35
O4 NAG F . -1.79 -18.68 -1.08
O5 NAG F . 0.50 -18.68 -3.93
O6 NAG F . -1.20 -21.01 -1.80
O7 NAG F . -2.02 -14.66 -5.29
C1 NAG G . -20.64 -10.82 19.68
C2 NAG G . -19.84 -11.95 19.03
C3 NAG G . -20.48 -13.30 19.34
C4 NAG G . -20.70 -13.47 20.83
C5 NAG G . -21.46 -12.28 21.39
C6 NAG G . -21.61 -12.33 22.89
C7 NAG G . -20.73 -11.74 16.73
C8 NAG G . -20.37 -11.52 15.29
N2 NAG G . -19.70 -11.76 17.58
O3 NAG G . -19.62 -14.34 18.84
O4 NAG G . -21.00 -14.79 21.34
O5 NAG G . -20.76 -11.06 21.08
O6 NAG G . -20.87 -13.40 23.46
O7 NAG G . -21.90 -11.88 17.08
C1 NAG G . -20.69 -16.14 21.23
C2 NAG G . -21.69 -16.97 22.02
C3 NAG G . -21.38 -18.47 21.85
C4 NAG G . -21.31 -18.82 20.37
C5 NAG G . -20.32 -17.89 19.66
C6 NAG G . -20.26 -18.11 18.17
C7 NAG G . -22.62 -15.85 23.98
C8 NAG G . -22.46 -15.54 25.43
N2 NAG G . -21.67 -16.60 23.43
O3 NAG G . -22.40 -19.24 22.48
O4 NAG G . -20.90 -20.17 20.20
O5 NAG G . -20.72 -16.53 19.87
O6 NAG G . -20.20 -19.49 17.84
O7 NAG G . -23.59 -15.44 23.33
C1 BMA G . -21.05 -21.51 20.59
C2 BMA G . -20.02 -22.53 20.07
C3 BMA G . -20.72 -23.84 19.70
C4 BMA G . -21.66 -24.32 20.83
C5 BMA G . -22.64 -23.19 21.20
C6 BMA G . -23.57 -23.58 22.35
O2 BMA G . -19.08 -22.84 21.08
O3 BMA G . -19.79 -24.87 19.38
O4 BMA G . -22.38 -25.45 20.40
O5 BMA G . -21.87 -22.05 21.61
O6 BMA G . -22.78 -23.97 23.46
C1 NAG H . -59.61 -27.44 25.62
C2 NAG H . -59.32 -28.87 25.19
C3 NAG H . -60.60 -29.71 25.27
C4 NAG H . -61.22 -29.61 26.65
C5 NAG H . -61.43 -28.15 27.03
C6 NAG H . -61.94 -27.95 28.43
C7 NAG H . -57.50 -29.18 23.58
C8 NAG H . -57.09 -29.17 22.14
N2 NAG H . -58.77 -28.90 23.85
O3 NAG H . -60.28 -31.07 24.97
O4 NAG H . -61.96 -30.76 27.05
O5 NAG H . -60.17 -27.44 26.94
O6 NAG H . -61.03 -27.21 29.23
O7 NAG H . -56.69 -29.43 24.49
C1 NAG H . -61.86 -31.63 28.15
C2 NAG H . -63.22 -31.80 28.79
C3 NAG H . -63.11 -32.77 29.97
C4 NAG H . -62.47 -34.08 29.54
C5 NAG H . -61.14 -33.80 28.83
C6 NAG H . -60.52 -35.05 28.25
C7 NAG H . -65.05 -30.17 28.99
C8 NAG H . -65.88 -31.15 28.20
N2 NAG H . -63.78 -30.54 29.23
O3 NAG H . -64.41 -33.02 30.50
O4 NAG H . -62.23 -34.90 30.67
O5 NAG H . -61.33 -32.90 27.74
O6 NAG H . -59.63 -35.67 29.17
O7 NAG H . -65.50 -29.10 29.36
C1 NAG I . -8.59 29.92 8.65
C2 NAG I . -8.94 31.21 7.93
C3 NAG I . -7.71 32.08 7.79
C4 NAG I . -7.03 32.27 9.15
C5 NAG I . -6.84 30.93 9.86
C6 NAG I . -6.36 31.08 11.28
C7 NAG I . -10.69 31.41 6.22
C8 NAG I . -11.39 32.33 7.18
N2 NAG I . -9.52 30.91 6.62
O3 NAG I . -8.09 33.36 7.27
O4 NAG I . -5.76 32.55 8.64
O5 NAG I . -8.08 30.22 9.92
O6 NAG I . -5.36 32.08 11.42
O7 NAG I . -11.17 31.14 5.12
C1 NAG I . -5.43 33.89 8.85
C2 NAG I . -3.93 34.03 8.69
C3 NAG I . -3.52 35.49 8.91
C4 NAG I . -4.33 36.41 8.02
C5 NAG I . -5.83 36.14 8.17
C6 NAG I . -6.69 36.92 7.21
C7 NAG I . -2.39 32.21 9.18
C8 NAG I . -1.77 31.37 10.26
N2 NAG I . -3.24 33.15 9.60
O3 NAG I . -2.14 35.62 8.61
O4 NAG I . -4.08 37.77 8.35
O5 NAG I . -6.11 34.75 7.94
O6 NAG I . -6.67 38.31 7.52
O7 NAG I . -2.13 32.04 8.00
C1 BMA I . -3.45 38.99 8.19
C2 BMA I . -4.05 40.39 7.99
C3 BMA I . -3.06 41.29 7.24
C4 BMA I . -1.65 41.19 7.83
C5 BMA I . -1.20 39.72 7.87
C6 BMA I . 0.19 39.53 8.44
O2 BMA I . -4.31 41.01 9.24
O3 BMA I . -3.49 42.64 7.22
O4 BMA I . -0.73 41.94 7.05
O5 BMA I . -2.14 39.02 8.71
O6 BMA I . 0.73 38.34 7.91
C1 NAG J . 24.40 30.26 -19.11
C2 NAG J . 24.82 31.73 -19.17
C3 NAG J . 26.14 31.88 -19.92
C4 NAG J . 27.20 30.97 -19.32
C5 NAG J . 26.67 29.53 -19.24
C6 NAG J . 27.62 28.58 -18.54
C7 NAG J . 23.06 33.45 -19.13
C8 NAG J . 22.04 34.19 -19.94
N2 NAG J . 23.78 32.54 -19.80
O3 NAG J . 26.57 33.24 -19.85
O4 NAG J . 28.30 30.97 -20.18
O5 NAG J . 25.44 29.50 -18.50
O6 NAG J . 28.04 29.09 -17.28
O7 NAG J . 23.24 33.67 -17.94
C1 NAG J . 29.50 31.40 -19.63
C2 NAG J . 30.66 30.92 -20.49
C3 NAG J . 31.98 31.42 -19.91
C4 NAG J . 31.94 32.93 -19.70
C5 NAG J . 30.71 33.32 -18.89
C6 NAG J . 30.55 34.81 -18.75
C7 NAG J . 30.24 28.82 -21.69
C8 NAG J . 30.32 27.33 -21.65
N2 NAG J . 30.67 29.47 -20.61
O3 NAG J . 33.04 31.08 -20.80
O4 NAG J . 33.12 33.36 -19.01
O5 NAG J . 29.53 32.82 -19.52
O6 NAG J . 31.65 35.39 -18.07
O7 NAG J . 29.82 29.42 -22.68
C1 NAG K . -1.91 -12.88 17.85
C2 NAG K . -1.43 -14.32 17.99
C3 NAG K . -0.17 -14.52 17.15
C4 NAG K . -0.40 -14.11 15.71
C5 NAG K . -0.97 -12.69 15.65
C6 NAG K . -1.37 -12.25 14.26
C7 NAG K . -1.59 -15.79 19.94
C8 NAG K . -2.35 -16.73 19.06
N2 NAG K . -1.17 -14.66 19.38
O3 NAG K . 0.23 -15.88 17.22
O4 NAG K . 0.28 -14.69 14.60
O5 NAG K . -2.14 -12.59 16.47
O6 NAG K . -0.29 -12.44 13.34
O7 NAG K . -1.36 -16.06 21.12
C1 NAG K . 0.72 -15.93 14.15
C2 NAG K . 1.85 -15.74 13.14
C3 NAG K . 2.40 -17.11 12.72
C4 NAG K . 2.81 -17.93 13.93
C5 NAG K . 1.64 -18.01 14.91
C6 NAG K . 2.01 -18.71 16.21
C7 NAG K . 1.87 -13.74 11.72
C8 NAG K . 1.32 -13.10 10.48
N2 NAG K . 1.42 -14.98 11.98
O3 NAG K . 3.52 -16.91 11.86
O4 NAG K . 3.17 -19.23 13.53
O5 NAG K . 1.19 -16.70 15.27
O6 NAG K . 3.22 -18.18 16.74
O7 NAG K . 2.66 -13.17 12.45
C1 BMA K . 3.84 -20.39 13.11
C2 BMA K . 2.99 -21.65 13.33
C3 BMA K . 3.89 -22.87 13.58
C4 BMA K . 5.01 -22.96 12.53
C5 BMA K . 5.77 -21.63 12.45
C6 BMA K . 6.88 -21.64 11.40
O2 BMA K . 2.21 -21.95 12.18
O3 BMA K . 3.16 -24.08 13.61
O4 BMA K . 5.90 -24.01 12.85
O5 BMA K . 4.84 -20.58 12.13
O6 BMA K . 6.28 -21.96 10.14
C1 NAG L . 40.04 -4.66 10.56
C2 NAG L . 40.62 -5.98 10.04
C3 NAG L . 42.09 -5.80 9.65
C4 NAG L . 42.24 -4.63 8.67
C5 NAG L . 41.59 -3.38 9.26
C6 NAG L . 41.60 -2.21 8.30
C7 NAG L . 39.38 -7.72 11.25
C8 NAG L . 39.44 -8.76 12.32
N2 NAG L . 40.50 -7.03 11.05
O3 NAG L . 42.57 -6.99 9.05
O4 NAG L . 43.40 -4.38 7.92
O5 NAG L . 40.21 -3.64 9.56
O6 NAG L . 41.40 -2.64 6.95
O7 NAG L . 38.36 -7.51 10.61
C1 NAG L . 44.25 -4.58 6.85
C2 NAG L . 45.45 -3.64 6.96
C3 NAG L . 46.43 -3.90 5.82
C4 NAG L . 46.81 -5.38 5.76
C5 NAG L . 45.55 -6.23 5.71
C6 NAG L . 45.85 -7.71 5.76
C7 NAG L . 45.28 -1.41 7.96
C8 NAG L . 44.78 -0.01 7.79
N2 NAG L . 45.02 -2.25 6.95
O3 NAG L . 47.59 -3.11 6.01
O4 NAG L . 47.60 -5.63 4.61
O5 NAG L . 44.70 -5.94 6.82
O6 NAG L . 44.66 -8.49 5.72
O7 NAG L . 45.90 -1.76 8.97
NI NI M . 4.94 -6.30 -33.30
NI NI N . -61.35 -15.56 -0.08
#